data_2DGY
#
_entry.id   2DGY
#
_entity_poly.entity_id   1
_entity_poly.type   'polypeptide(L)'
_entity_poly.pdbx_seq_one_letter_code
;GSSGSSGEHIVPSNQQQIVRVLRTPGNNLHEVETAQGQRFLVSMPSKYRKNIWIKRGDFLIVDPIEEGEKVKAEISFVLC
KDHVRSLQKEGFWPEAFSEVAEKHNSGPSSG
;
_entity_poly.pdbx_strand_id   A
#
# COMPACT_ATOMS: atom_id res chain seq x y z
N GLY A 1 20.58 -4.80 18.60
CA GLY A 1 19.27 -4.90 19.19
C GLY A 1 18.36 -3.75 18.82
N SER A 2 17.30 -3.54 19.59
CA SER A 2 16.36 -2.46 19.33
C SER A 2 15.44 -2.24 20.54
N SER A 3 14.68 -1.15 20.50
CA SER A 3 13.77 -0.83 21.59
C SER A 3 12.36 -1.32 21.28
N GLY A 4 11.57 -1.54 22.33
CA GLY A 4 10.22 -2.01 22.15
C GLY A 4 9.52 -1.36 20.99
N SER A 5 9.43 -2.07 19.87
CA SER A 5 8.78 -1.55 18.68
C SER A 5 7.27 -1.69 18.77
N SER A 6 6.56 -0.78 18.10
CA SER A 6 5.10 -0.81 18.11
C SER A 6 4.57 -1.76 17.05
N GLY A 7 3.54 -2.53 17.40
CA GLY A 7 2.96 -3.47 16.47
C GLY A 7 1.58 -3.93 16.91
N GLU A 8 0.73 -2.98 17.27
CA GLU A 8 -0.63 -3.31 17.71
C GLU A 8 -1.49 -3.76 16.54
N HIS A 9 -1.35 -3.08 15.41
CA HIS A 9 -2.11 -3.41 14.21
C HIS A 9 -1.18 -3.61 13.01
N ILE A 10 -1.75 -4.09 11.91
CA ILE A 10 -0.97 -4.33 10.70
C ILE A 10 -0.13 -3.10 10.34
N VAL A 11 1.17 -3.18 10.64
CA VAL A 11 2.08 -2.09 10.34
C VAL A 11 3.21 -2.54 9.44
N PRO A 12 3.58 -1.69 8.47
CA PRO A 12 4.66 -1.98 7.52
C PRO A 12 5.91 -2.51 8.20
N SER A 13 6.35 -3.70 7.80
CA SER A 13 7.53 -4.31 8.39
C SER A 13 8.79 -3.53 8.00
N ASN A 14 9.95 -4.04 8.41
CA ASN A 14 11.22 -3.41 8.10
C ASN A 14 11.50 -3.43 6.60
N GLN A 15 11.25 -4.58 5.98
CA GLN A 15 11.47 -4.72 4.54
C GLN A 15 10.28 -4.20 3.75
N GLN A 16 9.08 -4.42 4.29
CA GLN A 16 7.86 -3.97 3.63
C GLN A 16 7.85 -2.46 3.46
N GLN A 17 7.03 -1.98 2.53
CA GLN A 17 6.92 -0.55 2.26
C GLN A 17 5.56 -0.20 1.67
N ILE A 18 5.12 1.03 1.91
CA ILE A 18 3.84 1.50 1.41
C ILE A 18 4.00 2.23 0.09
N VAL A 19 3.21 1.84 -0.91
CA VAL A 19 3.26 2.46 -2.22
C VAL A 19 1.87 2.79 -2.74
N ARG A 20 1.80 3.43 -3.91
CA ARG A 20 0.53 3.80 -4.50
C ARG A 20 0.39 3.21 -5.90
N VAL A 21 -0.77 2.61 -6.18
CA VAL A 21 -1.02 2.02 -7.48
C VAL A 21 -1.18 3.08 -8.56
N LEU A 22 -0.85 2.72 -9.79
CA LEU A 22 -0.95 3.64 -10.93
C LEU A 22 -1.78 3.04 -12.05
N ARG A 23 -1.44 1.81 -12.44
CA ARG A 23 -2.16 1.12 -13.50
C ARG A 23 -1.81 -0.36 -13.52
N THR A 24 -2.67 -1.16 -14.14
CA THR A 24 -2.46 -2.60 -14.21
C THR A 24 -2.66 -3.10 -15.64
N PRO A 25 -1.62 -3.75 -16.20
CA PRO A 25 -1.65 -4.30 -17.55
C PRO A 25 -2.59 -5.49 -17.67
N GLY A 26 -3.10 -5.97 -16.54
CA GLY A 26 -4.00 -7.10 -16.54
C GLY A 26 -3.40 -8.33 -15.89
N ASN A 27 -2.15 -8.63 -16.25
CA ASN A 27 -1.47 -9.79 -15.70
C ASN A 27 -1.51 -9.78 -14.18
N ASN A 28 -0.82 -10.73 -13.56
CA ASN A 28 -0.79 -10.83 -12.10
C ASN A 28 0.25 -9.86 -11.53
N LEU A 29 0.30 -8.66 -12.08
CA LEU A 29 1.24 -7.65 -11.62
C LEU A 29 0.58 -6.28 -11.55
N HIS A 30 1.22 -5.34 -10.85
CA HIS A 30 0.69 -4.00 -10.71
C HIS A 30 1.82 -2.98 -10.57
N GLU A 31 1.65 -1.82 -11.20
CA GLU A 31 2.67 -0.77 -11.14
C GLU A 31 2.35 0.22 -10.01
N VAL A 32 3.33 0.43 -9.13
CA VAL A 32 3.16 1.35 -8.02
C VAL A 32 4.32 2.33 -7.93
N GLU A 33 4.23 3.28 -6.99
CA GLU A 33 5.27 4.27 -6.80
C GLU A 33 5.55 4.49 -5.33
N THR A 34 6.82 4.69 -4.98
CA THR A 34 7.22 4.92 -3.60
C THR A 34 7.13 6.40 -3.25
N ALA A 35 7.35 6.71 -1.97
CA ALA A 35 7.29 8.09 -1.50
C ALA A 35 8.47 8.90 -2.04
N GLN A 36 9.53 8.20 -2.45
CA GLN A 36 10.71 8.87 -2.98
C GLN A 36 10.61 9.01 -4.50
N GLY A 37 9.38 9.02 -5.01
CA GLY A 37 9.18 9.15 -6.44
C GLY A 37 9.88 8.06 -7.23
N GLN A 38 9.47 6.81 -7.01
CA GLN A 38 10.08 5.69 -7.72
C GLN A 38 9.01 4.73 -8.24
N ARG A 39 8.83 4.73 -9.55
CA ARG A 39 7.83 3.87 -10.18
C ARG A 39 8.40 2.47 -10.43
N PHE A 40 7.57 1.45 -10.20
CA PHE A 40 7.99 0.08 -10.40
C PHE A 40 6.79 -0.86 -10.45
N LEU A 41 7.05 -2.15 -10.65
CA LEU A 41 5.99 -3.14 -10.73
C LEU A 41 6.05 -4.10 -9.55
N VAL A 42 4.91 -4.71 -9.23
CA VAL A 42 4.84 -5.65 -8.12
C VAL A 42 4.10 -6.93 -8.53
N SER A 43 4.39 -8.01 -7.83
CA SER A 43 3.76 -9.30 -8.12
C SER A 43 2.64 -9.59 -7.13
N MET A 44 1.74 -10.50 -7.51
CA MET A 44 0.62 -10.87 -6.65
C MET A 44 0.95 -12.13 -5.85
N PRO A 45 0.72 -12.05 -4.52
CA PRO A 45 0.98 -13.18 -3.62
C PRO A 45 0.41 -14.49 -4.14
N SER A 46 1.17 -15.58 -3.98
CA SER A 46 0.73 -16.89 -4.44
C SER A 46 -0.44 -17.40 -3.61
N LYS A 47 -0.72 -16.70 -2.51
CA LYS A 47 -1.82 -17.08 -1.63
C LYS A 47 -3.10 -16.33 -1.99
N TYR A 48 -2.94 -15.16 -2.60
CA TYR A 48 -4.09 -14.36 -3.00
C TYR A 48 -4.57 -14.76 -4.39
N ARG A 49 -4.38 -16.03 -4.74
CA ARG A 49 -4.79 -16.53 -6.04
C ARG A 49 -6.30 -16.34 -6.24
N LYS A 50 -6.69 -15.13 -6.60
CA LYS A 50 -8.09 -14.81 -6.82
C LYS A 50 -8.25 -13.43 -7.44
N ASN A 51 -9.49 -13.03 -7.71
CA ASN A 51 -9.77 -11.73 -8.30
C ASN A 51 -9.99 -10.68 -7.22
N ILE A 52 -8.90 -10.07 -6.77
CA ILE A 52 -8.97 -9.04 -5.72
C ILE A 52 -9.34 -7.70 -6.32
N TRP A 53 -10.08 -6.90 -5.55
CA TRP A 53 -10.51 -5.57 -5.99
C TRP A 53 -9.36 -4.57 -5.87
N ILE A 54 -8.76 -4.22 -7.01
CA ILE A 54 -7.67 -3.27 -7.03
C ILE A 54 -7.95 -2.11 -7.97
N LYS A 55 -7.65 -0.90 -7.53
CA LYS A 55 -7.88 0.30 -8.34
C LYS A 55 -6.63 1.16 -8.38
N ARG A 56 -6.71 2.28 -9.12
CA ARG A 56 -5.59 3.20 -9.23
C ARG A 56 -5.51 4.11 -8.01
N GLY A 57 -4.29 4.39 -7.56
CA GLY A 57 -4.10 5.26 -6.41
C GLY A 57 -4.13 4.49 -5.11
N ASP A 58 -4.81 3.35 -5.10
CA ASP A 58 -4.91 2.53 -3.90
C ASP A 58 -3.54 2.27 -3.30
N PHE A 59 -3.39 2.57 -2.01
CA PHE A 59 -2.13 2.38 -1.31
C PHE A 59 -2.03 0.97 -0.73
N LEU A 60 -0.97 0.26 -1.10
CA LEU A 60 -0.76 -1.11 -0.62
C LEU A 60 0.64 -1.27 -0.05
N ILE A 61 0.84 -2.34 0.71
CA ILE A 61 2.15 -2.61 1.31
C ILE A 61 2.86 -3.75 0.57
N VAL A 62 3.95 -3.40 -0.12
CA VAL A 62 4.72 -4.39 -0.87
C VAL A 62 6.06 -4.66 -0.19
N ASP A 63 6.60 -5.85 -0.42
CA ASP A 63 7.88 -6.23 0.15
C ASP A 63 8.87 -6.64 -0.93
N PRO A 64 10.12 -6.15 -0.80
CA PRO A 64 11.19 -6.46 -1.77
C PRO A 64 11.64 -7.91 -1.69
N ILE A 65 12.04 -8.46 -2.83
CA ILE A 65 12.50 -9.84 -2.89
C ILE A 65 13.97 -9.92 -3.31
N GLU A 66 14.63 -11.02 -2.96
CA GLU A 66 16.03 -11.21 -3.31
C GLU A 66 16.21 -11.30 -4.82
N GLU A 67 17.44 -11.53 -5.25
CA GLU A 67 17.75 -11.64 -6.67
C GLU A 67 16.92 -12.74 -7.33
N GLY A 68 15.75 -12.37 -7.84
CA GLY A 68 14.89 -13.34 -8.49
C GLY A 68 14.36 -12.85 -9.82
N GLU A 69 13.04 -12.75 -9.93
CA GLU A 69 12.40 -12.29 -11.16
C GLU A 69 12.64 -10.80 -11.37
N LYS A 70 12.03 -10.24 -12.41
CA LYS A 70 12.17 -8.83 -12.73
C LYS A 70 11.21 -7.99 -11.88
N VAL A 71 10.76 -8.56 -10.77
CA VAL A 71 9.83 -7.86 -9.88
C VAL A 71 10.58 -7.27 -8.67
N LYS A 72 10.17 -6.07 -8.27
CA LYS A 72 10.80 -5.41 -7.13
C LYS A 72 10.27 -5.98 -5.81
N ALA A 73 8.96 -5.91 -5.62
CA ALA A 73 8.34 -6.41 -4.41
C ALA A 73 6.97 -7.04 -4.71
N GLU A 74 6.32 -7.55 -3.68
CA GLU A 74 5.01 -8.18 -3.84
C GLU A 74 4.01 -7.61 -2.83
N ILE A 75 2.78 -7.41 -3.27
CA ILE A 75 1.73 -6.88 -2.41
C ILE A 75 1.61 -7.70 -1.13
N SER A 76 1.33 -7.02 -0.02
CA SER A 76 1.18 -7.69 1.27
C SER A 76 -0.25 -7.59 1.77
N PHE A 77 -0.82 -6.39 1.69
CA PHE A 77 -2.19 -6.16 2.14
C PHE A 77 -2.79 -4.93 1.45
N VAL A 78 -4.11 -4.80 1.55
CA VAL A 78 -4.81 -3.68 0.94
C VAL A 78 -5.27 -2.68 1.99
N LEU A 79 -4.61 -1.53 2.03
CA LEU A 79 -4.95 -0.48 2.99
C LEU A 79 -6.29 0.16 2.65
N CYS A 80 -7.10 0.42 3.67
CA CYS A 80 -8.41 1.03 3.48
C CYS A 80 -8.43 2.46 4.01
N LYS A 81 -9.40 3.24 3.55
CA LYS A 81 -9.53 4.63 3.98
C LYS A 81 -9.16 4.78 5.45
N ASP A 82 -9.57 3.81 6.26
CA ASP A 82 -9.28 3.83 7.69
C ASP A 82 -7.79 3.59 7.95
N HIS A 83 -7.31 2.42 7.57
CA HIS A 83 -5.91 2.06 7.76
C HIS A 83 -5.01 3.26 7.50
N VAL A 84 -5.01 3.75 6.26
CA VAL A 84 -4.19 4.89 5.87
C VAL A 84 -4.13 5.92 7.00
N ARG A 85 -5.30 6.37 7.43
CA ARG A 85 -5.39 7.37 8.50
C ARG A 85 -4.63 6.89 9.74
N SER A 86 -4.84 5.63 10.11
CA SER A 86 -4.17 5.06 11.28
C SER A 86 -2.66 5.25 11.20
N LEU A 87 -2.07 4.75 10.12
CA LEU A 87 -0.62 4.87 9.92
C LEU A 87 -0.17 6.31 10.06
N GLN A 88 -0.98 7.24 9.56
CA GLN A 88 -0.67 8.66 9.63
C GLN A 88 -0.54 9.12 11.08
N LYS A 89 -1.47 8.65 11.92
CA LYS A 89 -1.46 9.01 13.33
C LYS A 89 -0.30 8.34 14.06
N GLU A 90 -0.12 7.05 13.80
CA GLU A 90 0.96 6.29 14.44
C GLU A 90 2.32 6.87 14.06
N GLY A 91 2.38 7.57 12.94
CA GLY A 91 3.62 8.16 12.48
C GLY A 91 4.42 7.23 11.60
N PHE A 92 3.76 6.69 10.57
CA PHE A 92 4.41 5.78 9.64
C PHE A 92 4.16 6.20 8.19
N TRP A 93 2.94 6.62 7.92
CA TRP A 93 2.56 7.03 6.57
C TRP A 93 3.63 7.94 5.97
N PRO A 94 3.92 7.74 4.67
CA PRO A 94 4.92 8.52 3.95
C PRO A 94 4.49 9.97 3.73
N GLU A 95 5.44 10.83 3.41
CA GLU A 95 5.16 12.24 3.18
C GLU A 95 4.72 12.48 1.75
N ALA A 96 5.44 11.87 0.80
CA ALA A 96 5.13 12.01 -0.61
C ALA A 96 3.64 11.79 -0.88
N PHE A 97 3.00 11.00 0.00
CA PHE A 97 1.57 10.71 -0.15
C PHE A 97 0.76 11.53 0.85
N SER A 98 1.34 11.77 2.02
CA SER A 98 0.65 12.54 3.06
C SER A 98 -0.09 13.72 2.46
N GLU A 99 0.47 14.30 1.40
CA GLU A 99 -0.15 15.44 0.75
C GLU A 99 -1.18 14.99 -0.27
N VAL A 100 -1.84 13.87 0.02
CA VAL A 100 -2.86 13.33 -0.87
C VAL A 100 -4.21 13.24 -0.16
N ALA A 101 -4.22 12.60 1.01
CA ALA A 101 -5.45 12.45 1.78
C ALA A 101 -6.03 13.80 2.17
N GLU A 102 -5.15 14.74 2.53
CA GLU A 102 -5.59 16.07 2.92
C GLU A 102 -6.55 16.66 1.89
N LYS A 103 -6.20 16.54 0.62
CA LYS A 103 -7.04 17.06 -0.46
C LYS A 103 -8.22 16.13 -0.72
N HIS A 104 -7.92 14.85 -0.90
CA HIS A 104 -8.96 13.85 -1.15
C HIS A 104 -10.10 13.99 -0.15
N ASN A 105 -11.33 13.76 -0.62
CA ASN A 105 -12.50 13.85 0.23
C ASN A 105 -13.64 12.99 -0.30
N SER A 106 -14.56 12.63 0.58
CA SER A 106 -15.70 11.80 0.19
C SER A 106 -16.95 12.65 -0.04
N GLY A 107 -17.57 12.49 -1.20
CA GLY A 107 -18.76 13.24 -1.52
C GLY A 107 -18.47 14.46 -2.36
N PRO A 108 -19.37 15.45 -2.34
CA PRO A 108 -19.23 16.68 -3.11
C PRO A 108 -18.11 17.57 -2.59
N SER A 109 -17.22 18.00 -3.49
CA SER A 109 -16.10 18.84 -3.11
C SER A 109 -16.55 20.28 -2.88
N SER A 110 -16.54 20.72 -1.63
CA SER A 110 -16.96 22.07 -1.28
C SER A 110 -16.21 23.10 -2.12
N GLY A 111 -14.88 23.10 -2.01
CA GLY A 111 -14.07 24.03 -2.76
C GLY A 111 -14.37 23.99 -4.25
N GLY A 1 -2.53 -21.16 24.91
CA GLY A 1 -2.93 -20.10 25.80
C GLY A 1 -2.27 -18.77 25.47
N SER A 2 -2.17 -18.48 24.17
CA SER A 2 -1.54 -17.24 23.73
C SER A 2 -2.36 -16.03 24.16
N SER A 3 -1.82 -14.84 23.95
CA SER A 3 -2.50 -13.60 24.32
C SER A 3 -3.74 -13.39 23.47
N GLY A 4 -4.86 -13.12 24.14
CA GLY A 4 -6.11 -12.90 23.43
C GLY A 4 -5.94 -11.98 22.22
N SER A 5 -5.58 -10.73 22.48
CA SER A 5 -5.39 -9.76 21.40
C SER A 5 -4.31 -8.75 21.78
N SER A 6 -4.00 -7.85 20.85
CA SER A 6 -2.98 -6.84 21.08
C SER A 6 -3.43 -5.49 20.53
N GLY A 7 -3.13 -4.43 21.27
CA GLY A 7 -3.52 -3.09 20.85
C GLY A 7 -2.66 -2.57 19.71
N GLU A 8 -2.64 -3.30 18.60
CA GLU A 8 -1.85 -2.90 17.43
C GLU A 8 -2.44 -3.46 16.15
N HIS A 9 -2.50 -2.62 15.12
CA HIS A 9 -3.04 -3.04 13.83
C HIS A 9 -1.94 -3.23 12.80
N ILE A 10 -2.28 -3.82 11.66
CA ILE A 10 -1.32 -4.04 10.59
C ILE A 10 -0.43 -2.82 10.38
N VAL A 11 0.88 -3.05 10.36
CA VAL A 11 1.83 -1.96 10.15
C VAL A 11 2.97 -2.40 9.23
N PRO A 12 3.34 -1.51 8.29
CA PRO A 12 4.42 -1.78 7.33
C PRO A 12 5.68 -2.33 8.01
N SER A 13 6.11 -3.52 7.59
CA SER A 13 7.28 -4.14 8.15
C SER A 13 8.56 -3.45 7.66
N ASN A 14 9.70 -3.90 8.17
CA ASN A 14 10.98 -3.33 7.79
C ASN A 14 11.19 -3.41 6.27
N GLN A 15 11.04 -4.63 5.74
CA GLN A 15 11.21 -4.84 4.30
C GLN A 15 10.02 -4.32 3.53
N GLN A 16 8.83 -4.49 4.09
CA GLN A 16 7.60 -4.04 3.45
C GLN A 16 7.53 -2.52 3.43
N GLN A 17 7.00 -1.97 2.33
CA GLN A 17 6.88 -0.52 2.19
C GLN A 17 5.51 -0.15 1.66
N ILE A 18 5.10 1.09 1.91
CA ILE A 18 3.80 1.58 1.46
C ILE A 18 3.93 2.33 0.13
N VAL A 19 3.20 1.86 -0.88
CA VAL A 19 3.22 2.50 -2.20
C VAL A 19 1.82 2.83 -2.67
N ARG A 20 1.72 3.43 -3.85
CA ARG A 20 0.43 3.79 -4.43
C ARG A 20 0.26 3.18 -5.82
N VAL A 21 -0.90 2.58 -6.04
CA VAL A 21 -1.19 1.96 -7.33
C VAL A 21 -1.26 2.99 -8.44
N LEU A 22 -0.95 2.57 -9.66
CA LEU A 22 -0.97 3.46 -10.82
C LEU A 22 -1.81 2.88 -11.94
N ARG A 23 -1.41 1.72 -12.43
CA ARG A 23 -2.12 1.05 -13.51
C ARG A 23 -1.76 -0.44 -13.58
N THR A 24 -2.77 -1.29 -13.64
CA THR A 24 -2.54 -2.73 -13.70
C THR A 24 -2.76 -3.25 -15.12
N PRO A 25 -1.71 -3.88 -15.68
CA PRO A 25 -1.76 -4.44 -17.04
C PRO A 25 -2.66 -5.66 -17.13
N GLY A 26 -3.25 -6.04 -16.00
CA GLY A 26 -4.14 -7.19 -15.97
C GLY A 26 -3.46 -8.43 -15.41
N ASN A 27 -2.24 -8.69 -15.87
CA ASN A 27 -1.49 -9.85 -15.41
C ASN A 27 -1.43 -9.89 -13.89
N ASN A 28 -0.68 -10.85 -13.36
CA ASN A 28 -0.54 -11.00 -11.92
C ASN A 28 0.49 -10.02 -11.36
N LEU A 29 0.46 -8.80 -11.87
CA LEU A 29 1.40 -7.77 -11.43
C LEU A 29 0.68 -6.43 -11.25
N HIS A 30 1.36 -5.48 -10.62
CA HIS A 30 0.80 -4.15 -10.39
C HIS A 30 1.90 -3.10 -10.34
N GLU A 31 1.67 -1.98 -11.03
CA GLU A 31 2.65 -0.89 -11.06
C GLU A 31 2.34 0.13 -9.97
N VAL A 32 3.25 0.23 -9.00
CA VAL A 32 3.09 1.16 -7.89
C VAL A 32 4.26 2.15 -7.83
N GLU A 33 4.14 3.14 -6.96
CA GLU A 33 5.19 4.14 -6.81
C GLU A 33 5.45 4.44 -5.33
N THR A 34 6.70 4.76 -5.01
CA THR A 34 7.08 5.07 -3.64
C THR A 34 6.93 6.56 -3.34
N ALA A 35 7.26 6.95 -2.11
CA ALA A 35 7.16 8.34 -1.70
C ALA A 35 8.29 9.17 -2.31
N GLN A 36 9.39 8.51 -2.67
CA GLN A 36 10.53 9.19 -3.25
C GLN A 36 10.40 9.26 -4.77
N GLY A 37 9.16 9.18 -5.26
CA GLY A 37 8.93 9.24 -6.69
C GLY A 37 9.66 8.14 -7.45
N GLN A 38 9.31 6.89 -7.15
CA GLN A 38 9.95 5.76 -7.81
C GLN A 38 8.90 4.74 -8.26
N ARG A 39 8.63 4.73 -9.57
CA ARG A 39 7.64 3.81 -10.13
C ARG A 39 8.26 2.43 -10.36
N PHE A 40 7.46 1.39 -10.15
CA PHE A 40 7.92 0.02 -10.34
C PHE A 40 6.75 -0.95 -10.39
N LEU A 41 7.06 -2.23 -10.57
CA LEU A 41 6.02 -3.26 -10.63
C LEU A 41 6.18 -4.27 -9.49
N VAL A 42 5.08 -4.94 -9.16
CA VAL A 42 5.10 -5.93 -8.07
C VAL A 42 4.32 -7.19 -8.48
N SER A 43 4.63 -8.29 -7.81
CA SER A 43 3.96 -9.56 -8.10
C SER A 43 2.86 -9.83 -7.08
N MET A 44 1.95 -10.74 -7.43
CA MET A 44 0.85 -11.10 -6.55
C MET A 44 1.14 -12.39 -5.81
N PRO A 45 0.94 -12.38 -4.49
CA PRO A 45 1.18 -13.56 -3.63
C PRO A 45 0.55 -14.82 -4.19
N SER A 46 1.06 -15.97 -3.77
CA SER A 46 0.54 -17.25 -4.24
C SER A 46 -0.78 -17.59 -3.54
N LYS A 47 -0.95 -17.08 -2.33
CA LYS A 47 -2.16 -17.33 -1.55
C LYS A 47 -3.28 -16.38 -1.98
N TYR A 48 -2.89 -15.26 -2.58
CA TYR A 48 -3.87 -14.28 -3.04
C TYR A 48 -4.37 -14.60 -4.44
N ARG A 49 -4.44 -15.90 -4.75
CA ARG A 49 -4.90 -16.35 -6.05
C ARG A 49 -6.38 -16.00 -6.25
N LYS A 50 -6.64 -14.75 -6.61
CA LYS A 50 -8.01 -14.29 -6.84
C LYS A 50 -8.02 -12.85 -7.34
N ASN A 51 -9.02 -12.53 -8.15
CA ASN A 51 -9.16 -11.19 -8.70
C ASN A 51 -9.46 -10.17 -7.60
N ILE A 52 -8.40 -9.63 -7.00
CA ILE A 52 -8.55 -8.65 -5.93
C ILE A 52 -8.91 -7.28 -6.49
N TRP A 53 -9.63 -6.49 -5.70
CA TRP A 53 -10.04 -5.16 -6.12
C TRP A 53 -8.90 -4.16 -5.97
N ILE A 54 -8.08 -4.04 -7.01
CA ILE A 54 -6.94 -3.13 -7.00
C ILE A 54 -7.09 -2.05 -8.06
N LYS A 55 -7.33 -0.82 -7.63
CA LYS A 55 -7.48 0.30 -8.54
C LYS A 55 -6.34 1.30 -8.38
N ARG A 56 -6.25 2.26 -9.30
CA ARG A 56 -5.21 3.28 -9.25
C ARG A 56 -5.41 4.20 -8.06
N GLY A 57 -4.30 4.68 -7.49
CA GLY A 57 -4.38 5.58 -6.36
C GLY A 57 -4.36 4.84 -5.03
N ASP A 58 -5.03 3.69 -4.99
CA ASP A 58 -5.10 2.88 -3.78
C ASP A 58 -3.69 2.54 -3.29
N PHE A 59 -3.46 2.75 -2.00
CA PHE A 59 -2.16 2.46 -1.40
C PHE A 59 -2.10 1.03 -0.87
N LEU A 60 -0.97 0.37 -1.06
CA LEU A 60 -0.80 -1.00 -0.62
C LEU A 60 0.61 -1.21 -0.05
N ILE A 61 0.80 -2.35 0.61
CA ILE A 61 2.10 -2.67 1.20
C ILE A 61 2.76 -3.83 0.47
N VAL A 62 3.85 -3.54 -0.23
CA VAL A 62 4.59 -4.56 -0.97
C VAL A 62 5.85 -4.97 -0.23
N ASP A 63 6.35 -6.17 -0.54
CA ASP A 63 7.56 -6.68 0.09
C ASP A 63 8.65 -6.95 -0.94
N PRO A 64 9.85 -6.41 -0.69
CA PRO A 64 10.99 -6.57 -1.60
C PRO A 64 11.52 -8.00 -1.60
N ILE A 65 11.96 -8.47 -2.76
CA ILE A 65 12.50 -9.81 -2.89
C ILE A 65 13.97 -9.79 -3.31
N GLU A 66 14.69 -10.84 -2.97
CA GLU A 66 16.11 -10.93 -3.31
C GLU A 66 16.29 -11.26 -4.79
N GLU A 67 17.55 -11.34 -5.22
CA GLU A 67 17.86 -11.63 -6.62
C GLU A 67 16.90 -12.68 -7.18
N GLY A 68 16.06 -12.26 -8.11
CA GLY A 68 15.09 -13.17 -8.71
C GLY A 68 14.54 -12.65 -10.01
N GLU A 69 13.21 -12.63 -10.13
CA GLU A 69 12.55 -12.15 -11.33
C GLU A 69 12.74 -10.65 -11.50
N LYS A 70 12.09 -10.08 -12.51
CA LYS A 70 12.18 -8.65 -12.77
C LYS A 70 11.20 -7.87 -11.89
N VAL A 71 10.78 -8.48 -10.79
CA VAL A 71 9.85 -7.85 -9.87
C VAL A 71 10.58 -7.26 -8.67
N LYS A 72 10.20 -6.05 -8.28
CA LYS A 72 10.82 -5.38 -7.14
C LYS A 72 10.31 -5.97 -5.83
N ALA A 73 8.99 -5.94 -5.64
CA ALA A 73 8.39 -6.48 -4.42
C ALA A 73 7.06 -7.16 -4.73
N GLU A 74 6.38 -7.63 -3.69
CA GLU A 74 5.09 -8.30 -3.85
C GLU A 74 4.08 -7.77 -2.86
N ILE A 75 2.85 -7.54 -3.34
CA ILE A 75 1.78 -7.03 -2.49
C ILE A 75 1.63 -7.87 -1.23
N SER A 76 1.33 -7.23 -0.12
CA SER A 76 1.16 -7.91 1.16
C SER A 76 -0.27 -7.76 1.67
N PHE A 77 -0.78 -6.54 1.61
CA PHE A 77 -2.15 -6.25 2.07
C PHE A 77 -2.72 -5.03 1.36
N VAL A 78 -4.02 -4.81 1.51
CA VAL A 78 -4.68 -3.67 0.90
C VAL A 78 -5.12 -2.66 1.94
N LEU A 79 -4.65 -1.42 1.78
CA LEU A 79 -4.99 -0.34 2.70
C LEU A 79 -6.29 0.35 2.29
N CYS A 80 -6.91 1.03 3.24
CA CYS A 80 -8.17 1.73 2.98
C CYS A 80 -8.13 3.13 3.58
N LYS A 81 -9.20 3.90 3.33
CA LYS A 81 -9.29 5.26 3.85
C LYS A 81 -9.02 5.30 5.34
N ASP A 82 -9.57 4.33 6.07
CA ASP A 82 -9.38 4.25 7.51
C ASP A 82 -7.95 3.86 7.86
N HIS A 83 -7.54 2.68 7.41
CA HIS A 83 -6.19 2.18 7.67
C HIS A 83 -5.18 3.32 7.60
N VAL A 84 -5.18 4.04 6.48
CA VAL A 84 -4.25 5.15 6.28
C VAL A 84 -4.24 6.06 7.50
N ARG A 85 -5.41 6.32 8.05
CA ARG A 85 -5.53 7.18 9.22
C ARG A 85 -4.62 6.70 10.35
N SER A 86 -4.78 5.45 10.75
CA SER A 86 -3.97 4.87 11.82
C SER A 86 -2.48 5.10 11.55
N LEU A 87 -1.97 4.44 10.51
CA LEU A 87 -0.57 4.57 10.15
C LEU A 87 -0.12 6.02 10.18
N GLN A 88 -0.96 6.90 9.62
CA GLN A 88 -0.65 8.32 9.58
C GLN A 88 -0.48 8.88 11.00
N LYS A 89 -1.24 8.33 11.94
CA LYS A 89 -1.18 8.77 13.32
C LYS A 89 0.06 8.22 14.02
N GLU A 90 0.40 6.97 13.72
CA GLU A 90 1.57 6.33 14.32
C GLU A 90 2.85 6.98 13.82
N GLY A 91 2.79 7.60 12.64
CA GLY A 91 3.96 8.25 12.08
C GLY A 91 4.72 7.35 11.13
N PHE A 92 4.01 6.47 10.45
CA PHE A 92 4.63 5.54 9.51
C PHE A 92 4.30 5.93 8.06
N TRP A 93 3.05 6.32 7.82
CA TRP A 93 2.62 6.72 6.49
C TRP A 93 3.62 7.64 5.85
N PRO A 94 3.86 7.45 4.55
CA PRO A 94 4.81 8.27 3.77
C PRO A 94 4.31 9.70 3.57
N GLU A 95 5.24 10.62 3.35
CA GLU A 95 4.89 12.01 3.14
C GLU A 95 4.28 12.22 1.75
N ALA A 96 5.03 11.85 0.72
CA ALA A 96 4.58 11.99 -0.65
C ALA A 96 3.09 11.65 -0.76
N PHE A 97 2.62 10.78 0.11
CA PHE A 97 1.22 10.37 0.10
C PHE A 97 0.44 11.09 1.20
N SER A 98 1.12 11.41 2.30
CA SER A 98 0.49 12.09 3.42
C SER A 98 -0.31 13.30 2.94
N GLU A 99 0.11 13.87 1.82
CA GLU A 99 -0.56 15.04 1.25
C GLU A 99 -1.65 14.61 0.27
N VAL A 100 -2.21 13.43 0.51
CA VAL A 100 -3.27 12.90 -0.36
C VAL A 100 -4.53 12.61 0.44
N ALA A 101 -4.36 12.02 1.62
CA ALA A 101 -5.49 11.70 2.49
C ALA A 101 -6.01 12.94 3.20
N GLU A 102 -5.16 13.56 3.99
CA GLU A 102 -5.54 14.76 4.74
C GLU A 102 -6.52 15.61 3.93
N LYS A 103 -6.16 15.88 2.68
CA LYS A 103 -7.01 16.68 1.80
C LYS A 103 -8.41 16.11 1.73
N HIS A 104 -8.53 14.84 1.33
CA HIS A 104 -9.82 14.19 1.23
C HIS A 104 -10.73 14.58 2.39
N ASN A 105 -12.02 14.70 2.12
CA ASN A 105 -12.99 15.08 3.15
C ASN A 105 -13.76 13.86 3.63
N SER A 106 -14.18 13.01 2.69
CA SER A 106 -14.93 11.81 3.01
C SER A 106 -14.30 11.07 4.18
N GLY A 107 -15.13 10.54 5.06
CA GLY A 107 -14.64 9.81 6.22
C GLY A 107 -15.58 8.71 6.65
N PRO A 108 -16.66 9.09 7.37
CA PRO A 108 -17.66 8.13 7.86
C PRO A 108 -18.48 7.53 6.73
N SER A 109 -18.28 8.03 5.51
CA SER A 109 -19.01 7.54 4.35
C SER A 109 -18.08 7.38 3.15
N SER A 110 -18.60 6.76 2.09
CA SER A 110 -17.82 6.54 0.89
C SER A 110 -17.81 7.79 0.00
N GLY A 111 -19.00 8.30 -0.31
CA GLY A 111 -19.11 9.49 -1.14
C GLY A 111 -18.96 10.76 -0.35
N GLY A 1 -18.63 11.35 25.30
CA GLY A 1 -17.68 10.76 24.38
C GLY A 1 -17.48 9.27 24.61
N SER A 2 -16.26 8.81 24.41
CA SER A 2 -15.94 7.39 24.58
C SER A 2 -14.43 7.16 24.59
N SER A 3 -13.99 6.18 25.36
CA SER A 3 -12.56 5.87 25.45
C SER A 3 -12.27 4.51 24.82
N GLY A 4 -11.90 4.53 23.55
CA GLY A 4 -11.59 3.29 22.85
C GLY A 4 -10.95 3.53 21.49
N SER A 5 -9.84 4.25 21.49
CA SER A 5 -9.13 4.56 20.24
C SER A 5 -8.29 3.36 19.80
N SER A 6 -8.02 3.30 18.50
CA SER A 6 -7.22 2.21 17.94
C SER A 6 -5.83 2.19 18.55
N GLY A 7 -5.54 1.13 19.29
CA GLY A 7 -4.23 0.99 19.92
C GLY A 7 -3.17 0.48 18.97
N GLU A 8 -3.30 -0.78 18.57
CA GLU A 8 -2.35 -1.40 17.65
C GLU A 8 -3.07 -2.00 16.44
N HIS A 9 -2.32 -2.19 15.36
CA HIS A 9 -2.89 -2.76 14.14
C HIS A 9 -1.79 -2.98 13.09
N ILE A 10 -2.15 -3.66 12.00
CA ILE A 10 -1.20 -3.94 10.93
C ILE A 10 -0.33 -2.73 10.64
N VAL A 11 0.99 -2.93 10.66
CA VAL A 11 1.94 -1.85 10.39
C VAL A 11 3.07 -2.33 9.50
N PRO A 12 3.43 -1.51 8.51
CA PRO A 12 4.51 -1.82 7.56
C PRO A 12 5.78 -2.30 8.27
N SER A 13 6.35 -3.39 7.77
CA SER A 13 7.56 -3.95 8.36
C SER A 13 8.79 -3.17 7.90
N ASN A 14 9.94 -3.53 8.47
CA ASN A 14 11.20 -2.86 8.12
C ASN A 14 11.49 -3.00 6.63
N GLN A 15 11.33 -4.22 6.12
CA GLN A 15 11.58 -4.49 4.71
C GLN A 15 10.43 -3.98 3.84
N GLN A 16 9.21 -4.25 4.28
CA GLN A 16 8.03 -3.82 3.54
C GLN A 16 8.03 -2.30 3.34
N GLN A 17 7.11 -1.83 2.51
CA GLN A 17 7.02 -0.39 2.23
C GLN A 17 5.65 -0.05 1.65
N ILE A 18 5.18 1.16 1.94
CA ILE A 18 3.88 1.61 1.44
C ILE A 18 4.02 2.31 0.09
N VAL A 19 3.20 1.92 -0.87
CA VAL A 19 3.24 2.52 -2.21
C VAL A 19 1.83 2.80 -2.71
N ARG A 20 1.75 3.40 -3.90
CA ARG A 20 0.47 3.74 -4.50
C ARG A 20 0.34 3.13 -5.89
N VAL A 21 -0.78 2.46 -6.14
CA VAL A 21 -1.02 1.83 -7.43
C VAL A 21 -1.19 2.87 -8.53
N LEU A 22 -0.74 2.52 -9.74
CA LEU A 22 -0.82 3.43 -10.87
C LEU A 22 -1.69 2.84 -11.97
N ARG A 23 -1.42 1.59 -12.33
CA ARG A 23 -2.17 0.90 -13.38
C ARG A 23 -1.86 -0.59 -13.39
N THR A 24 -2.80 -1.37 -13.92
CA THR A 24 -2.63 -2.82 -13.98
C THR A 24 -2.83 -3.34 -15.41
N PRO A 25 -1.79 -3.95 -15.97
CA PRO A 25 -1.83 -4.50 -17.33
C PRO A 25 -2.73 -5.73 -17.43
N GLY A 26 -3.34 -6.10 -16.30
CA GLY A 26 -4.21 -7.26 -16.30
C GLY A 26 -3.58 -8.47 -15.63
N ASN A 27 -2.36 -8.78 -16.03
CA ASN A 27 -1.63 -9.92 -15.47
C ASN A 27 -1.58 -9.84 -13.95
N ASN A 28 -0.85 -10.77 -13.33
CA ASN A 28 -0.71 -10.80 -11.88
C ASN A 28 0.34 -9.79 -11.41
N LEU A 29 0.35 -8.62 -12.04
CA LEU A 29 1.31 -7.58 -11.67
C LEU A 29 0.60 -6.22 -11.51
N HIS A 30 1.30 -5.29 -10.87
CA HIS A 30 0.74 -3.96 -10.65
C HIS A 30 1.85 -2.91 -10.56
N GLU A 31 1.79 -1.91 -11.42
CA GLU A 31 2.79 -0.85 -11.44
C GLU A 31 2.53 0.17 -10.34
N VAL A 32 3.32 0.11 -9.28
CA VAL A 32 3.17 1.03 -8.16
C VAL A 32 4.33 2.02 -8.10
N GLU A 33 4.22 2.99 -7.20
CA GLU A 33 5.26 4.00 -7.05
C GLU A 33 5.56 4.25 -5.57
N THR A 34 6.82 4.61 -5.29
CA THR A 34 7.24 4.88 -3.92
C THR A 34 7.08 6.35 -3.57
N ALA A 35 7.48 6.71 -2.35
CA ALA A 35 7.38 8.09 -1.89
C ALA A 35 8.46 8.96 -2.52
N GLN A 36 9.59 8.33 -2.89
CA GLN A 36 10.69 9.04 -3.51
C GLN A 36 10.52 9.10 -5.03
N GLY A 37 9.28 9.02 -5.48
CA GLY A 37 9.01 9.07 -6.90
C GLY A 37 9.74 7.99 -7.67
N GLN A 38 9.37 6.75 -7.45
CA GLN A 38 10.00 5.61 -8.12
C GLN A 38 8.97 4.61 -8.61
N ARG A 39 8.80 4.53 -9.92
CA ARG A 39 7.84 3.61 -10.51
C ARG A 39 8.44 2.21 -10.65
N PHE A 40 7.62 1.19 -10.39
CA PHE A 40 8.07 -0.19 -10.49
C PHE A 40 6.88 -1.15 -10.52
N LEU A 41 7.15 -2.40 -10.85
CA LEU A 41 6.11 -3.42 -10.92
C LEU A 41 6.19 -4.36 -9.73
N VAL A 42 5.04 -4.87 -9.31
CA VAL A 42 4.98 -5.80 -8.18
C VAL A 42 4.17 -7.05 -8.53
N SER A 43 4.44 -8.14 -7.82
CA SER A 43 3.74 -9.40 -8.07
C SER A 43 2.66 -9.62 -7.02
N MET A 44 1.70 -10.49 -7.35
CA MET A 44 0.61 -10.79 -6.44
C MET A 44 0.89 -12.08 -5.66
N PRO A 45 0.75 -12.01 -4.33
CA PRO A 45 0.98 -13.15 -3.45
C PRO A 45 0.28 -14.42 -3.94
N SER A 46 0.74 -15.57 -3.47
CA SER A 46 0.16 -16.85 -3.86
C SER A 46 -1.19 -17.06 -3.19
N LYS A 47 -1.25 -16.82 -1.89
CA LYS A 47 -2.47 -16.98 -1.12
C LYS A 47 -3.57 -16.05 -1.64
N TYR A 48 -3.15 -14.94 -2.25
CA TYR A 48 -4.09 -13.98 -2.80
C TYR A 48 -4.48 -14.34 -4.23
N ARG A 49 -4.52 -15.63 -4.52
CA ARG A 49 -4.87 -16.10 -5.85
C ARG A 49 -6.32 -15.77 -6.18
N LYS A 50 -6.58 -14.51 -6.52
CA LYS A 50 -7.93 -14.08 -6.86
C LYS A 50 -7.89 -12.75 -7.62
N ASN A 51 -9.07 -12.23 -7.94
CA ASN A 51 -9.18 -10.96 -8.66
C ASN A 51 -9.48 -9.82 -7.70
N ILE A 52 -8.46 -9.35 -7.00
CA ILE A 52 -8.63 -8.25 -6.05
C ILE A 52 -8.90 -6.94 -6.77
N TRP A 53 -9.81 -6.15 -6.23
CA TRP A 53 -10.17 -4.86 -6.82
C TRP A 53 -9.08 -3.82 -6.54
N ILE A 54 -8.08 -3.77 -7.41
CA ILE A 54 -6.98 -2.82 -7.25
C ILE A 54 -7.03 -1.75 -8.34
N LYS A 55 -7.33 -0.51 -7.93
CA LYS A 55 -7.40 0.60 -8.87
C LYS A 55 -6.27 1.59 -8.62
N ARG A 56 -6.22 2.64 -9.44
CA ARG A 56 -5.18 3.66 -9.32
C ARG A 56 -5.42 4.51 -8.07
N GLY A 57 -4.34 4.81 -7.34
CA GLY A 57 -4.45 5.61 -6.15
C GLY A 57 -4.46 4.78 -4.89
N ASP A 58 -4.94 3.54 -5.00
CA ASP A 58 -5.00 2.64 -3.86
C ASP A 58 -3.60 2.36 -3.31
N PHE A 59 -3.42 2.65 -2.03
CA PHE A 59 -2.13 2.44 -1.37
C PHE A 59 -2.03 1.03 -0.80
N LEU A 60 -0.91 0.37 -1.06
CA LEU A 60 -0.70 -0.99 -0.57
C LEU A 60 0.73 -1.16 -0.05
N ILE A 61 0.93 -2.17 0.78
CA ILE A 61 2.24 -2.45 1.35
C ILE A 61 2.93 -3.59 0.61
N VAL A 62 4.05 -3.27 -0.04
CA VAL A 62 4.80 -4.27 -0.79
C VAL A 62 6.15 -4.55 -0.13
N ASP A 63 6.72 -5.72 -0.41
CA ASP A 63 8.00 -6.10 0.16
C ASP A 63 8.97 -6.53 -0.94
N PRO A 64 10.21 -6.03 -0.86
CA PRO A 64 11.26 -6.34 -1.84
C PRO A 64 11.73 -7.79 -1.74
N ILE A 65 12.18 -8.35 -2.86
CA ILE A 65 12.66 -9.71 -2.90
C ILE A 65 14.12 -9.78 -3.34
N GLU A 66 14.80 -10.85 -2.95
CA GLU A 66 16.21 -11.03 -3.31
C GLU A 66 16.34 -11.43 -4.78
N GLU A 67 17.58 -11.66 -5.21
CA GLU A 67 17.84 -12.06 -6.59
C GLU A 67 16.78 -13.03 -7.10
N GLY A 68 16.02 -12.59 -8.10
CA GLY A 68 14.97 -13.44 -8.65
C GLY A 68 14.42 -12.89 -9.96
N GLU A 69 13.10 -12.98 -10.13
CA GLU A 69 12.46 -12.50 -11.33
C GLU A 69 12.71 -11.01 -11.53
N LYS A 70 12.08 -10.43 -12.54
CA LYS A 70 12.24 -9.01 -12.84
C LYS A 70 11.29 -8.17 -11.99
N VAL A 71 10.88 -8.72 -10.85
CA VAL A 71 9.98 -8.02 -9.94
C VAL A 71 10.75 -7.40 -8.77
N LYS A 72 10.35 -6.20 -8.38
CA LYS A 72 11.00 -5.50 -7.28
C LYS A 72 10.45 -5.98 -5.94
N ALA A 73 9.12 -5.90 -5.78
CA ALA A 73 8.47 -6.33 -4.54
C ALA A 73 7.12 -6.96 -4.83
N GLU A 74 6.41 -7.34 -3.77
CA GLU A 74 5.11 -7.96 -3.91
C GLU A 74 4.14 -7.42 -2.84
N ILE A 75 2.89 -7.21 -3.24
CA ILE A 75 1.87 -6.71 -2.33
C ILE A 75 1.82 -7.54 -1.05
N SER A 76 1.38 -6.92 0.03
CA SER A 76 1.27 -7.59 1.32
C SER A 76 -0.15 -7.49 1.89
N PHE A 77 -0.73 -6.30 1.78
CA PHE A 77 -2.07 -6.07 2.29
C PHE A 77 -2.71 -4.86 1.59
N VAL A 78 -4.03 -4.85 1.55
CA VAL A 78 -4.77 -3.76 0.91
C VAL A 78 -5.23 -2.74 1.94
N LEU A 79 -4.54 -1.59 1.98
CA LEU A 79 -4.88 -0.53 2.92
C LEU A 79 -6.23 0.09 2.56
N CYS A 80 -7.01 0.40 3.59
CA CYS A 80 -8.33 1.01 3.38
C CYS A 80 -8.42 2.36 4.09
N LYS A 81 -9.46 3.11 3.78
CA LYS A 81 -9.66 4.43 4.37
C LYS A 81 -9.23 4.43 5.83
N ASP A 82 -9.92 3.67 6.66
CA ASP A 82 -9.59 3.58 8.08
C ASP A 82 -8.10 3.31 8.29
N HIS A 83 -7.65 2.16 7.81
CA HIS A 83 -6.24 1.78 7.94
C HIS A 83 -5.33 3.00 7.78
N VAL A 84 -5.32 3.57 6.58
CA VAL A 84 -4.50 4.74 6.30
C VAL A 84 -4.40 5.65 7.51
N ARG A 85 -5.54 6.15 7.96
CA ARG A 85 -5.59 7.04 9.12
C ARG A 85 -4.74 6.48 10.25
N SER A 86 -4.89 5.20 10.53
CA SER A 86 -4.13 4.55 11.60
C SER A 86 -2.62 4.78 11.42
N LEU A 87 -2.07 4.24 10.34
CA LEU A 87 -0.65 4.38 10.05
C LEU A 87 -0.21 5.84 10.20
N GLN A 88 -1.05 6.75 9.74
CA GLN A 88 -0.74 8.18 9.83
C GLN A 88 -0.57 8.60 11.28
N LYS A 89 -1.51 8.19 12.14
CA LYS A 89 -1.45 8.53 13.55
C LYS A 89 -0.25 7.88 14.22
N GLU A 90 0.00 6.62 13.89
CA GLU A 90 1.12 5.89 14.46
C GLU A 90 2.45 6.54 14.08
N GLY A 91 2.45 7.27 12.97
CA GLY A 91 3.66 7.93 12.52
C GLY A 91 4.48 7.07 11.57
N PHE A 92 3.79 6.41 10.65
CA PHE A 92 4.47 5.55 9.68
C PHE A 92 4.16 5.99 8.25
N TRP A 93 2.90 6.37 8.02
CA TRP A 93 2.49 6.82 6.69
C TRP A 93 3.52 7.74 6.07
N PRO A 94 3.76 7.57 4.76
CA PRO A 94 4.73 8.39 4.02
C PRO A 94 4.26 9.83 3.85
N GLU A 95 5.16 10.68 3.36
CA GLU A 95 4.84 12.08 3.15
C GLU A 95 4.37 12.32 1.71
N ALA A 96 4.98 11.61 0.77
CA ALA A 96 4.63 11.75 -0.64
C ALA A 96 3.15 11.48 -0.86
N PHE A 97 2.63 10.47 -0.16
CA PHE A 97 1.22 10.11 -0.29
C PHE A 97 0.41 10.67 0.87
N SER A 98 0.89 11.77 1.45
CA SER A 98 0.21 12.41 2.57
C SER A 98 -0.57 13.63 2.10
N GLU A 99 0.01 14.40 1.20
CA GLU A 99 -0.63 15.60 0.67
C GLU A 99 -1.56 15.24 -0.49
N VAL A 100 -2.06 14.02 -0.48
CA VAL A 100 -2.97 13.55 -1.53
C VAL A 100 -4.34 13.22 -0.97
N ALA A 101 -4.37 12.83 0.31
CA ALA A 101 -5.62 12.48 0.97
C ALA A 101 -6.18 13.67 1.74
N GLU A 102 -6.10 14.86 1.14
CA GLU A 102 -6.59 16.07 1.78
C GLU A 102 -7.99 16.43 1.26
N LYS A 103 -8.07 16.78 -0.01
CA LYS A 103 -9.34 17.13 -0.63
C LYS A 103 -9.82 16.03 -1.57
N HIS A 104 -9.76 14.79 -1.09
CA HIS A 104 -10.19 13.64 -1.88
C HIS A 104 -11.68 13.37 -1.67
N ASN A 105 -12.13 13.48 -0.43
CA ASN A 105 -13.53 13.25 -0.10
C ASN A 105 -13.93 14.04 1.15
N SER A 106 -15.23 14.25 1.31
CA SER A 106 -15.75 14.99 2.46
C SER A 106 -15.01 14.60 3.73
N GLY A 107 -14.72 15.59 4.56
CA GLY A 107 -14.01 15.33 5.81
C GLY A 107 -13.36 16.58 6.37
N PRO A 108 -14.12 17.36 7.15
CA PRO A 108 -13.63 18.59 7.77
C PRO A 108 -12.61 18.33 8.87
N SER A 109 -11.49 19.04 8.81
CA SER A 109 -10.44 18.88 9.81
C SER A 109 -10.43 20.05 10.80
N SER A 110 -9.71 19.88 11.90
CA SER A 110 -9.63 20.91 12.92
C SER A 110 -8.60 21.97 12.54
N GLY A 111 -8.73 23.16 13.12
CA GLY A 111 -7.82 24.24 12.83
C GLY A 111 -8.14 25.51 13.59
N GLY A 1 -9.92 6.79 21.43
CA GLY A 1 -9.02 7.87 21.81
C GLY A 1 -8.03 7.46 22.89
N SER A 2 -6.76 7.35 22.51
CA SER A 2 -5.72 6.96 23.44
C SER A 2 -4.34 7.05 22.80
N SER A 3 -3.41 7.70 23.49
CA SER A 3 -2.05 7.87 22.97
C SER A 3 -1.06 7.10 23.83
N GLY A 4 0.16 6.93 23.31
CA GLY A 4 1.19 6.22 24.05
C GLY A 4 1.34 4.79 23.57
N SER A 5 0.54 3.88 24.13
CA SER A 5 0.60 2.48 23.76
C SER A 5 -0.66 2.06 23.01
N SER A 6 -0.54 1.93 21.69
CA SER A 6 -1.67 1.54 20.86
C SER A 6 -1.21 1.23 19.43
N GLY A 7 -2.10 0.64 18.65
CA GLY A 7 -1.78 0.30 17.28
C GLY A 7 -1.82 -1.20 17.03
N GLU A 8 -2.87 -1.84 17.52
CA GLU A 8 -3.03 -3.29 17.34
C GLU A 8 -3.67 -3.59 15.99
N HIS A 9 -2.91 -3.38 14.93
CA HIS A 9 -3.40 -3.63 13.57
C HIS A 9 -2.25 -3.82 12.60
N ILE A 10 -2.56 -4.22 11.38
CA ILE A 10 -1.55 -4.43 10.35
C ILE A 10 -0.61 -3.23 10.25
N VAL A 11 0.68 -3.47 10.41
CA VAL A 11 1.68 -2.41 10.33
C VAL A 11 2.82 -2.79 9.41
N PRO A 12 3.15 -1.89 8.47
CA PRO A 12 4.24 -2.12 7.50
C PRO A 12 5.51 -2.62 8.17
N SER A 13 5.95 -3.81 7.77
CA SER A 13 7.16 -4.41 8.33
C SER A 13 8.39 -3.59 7.95
N ASN A 14 9.55 -4.04 8.43
CA ASN A 14 10.80 -3.35 8.15
C ASN A 14 11.10 -3.34 6.66
N GLN A 15 10.97 -4.51 6.02
CA GLN A 15 11.23 -4.64 4.60
C GLN A 15 10.04 -4.14 3.78
N GLN A 16 8.85 -4.28 4.35
CA GLN A 16 7.63 -3.83 3.67
C GLN A 16 7.59 -2.31 3.58
N GLN A 17 7.01 -1.80 2.49
CA GLN A 17 6.91 -0.36 2.28
C GLN A 17 5.54 0.01 1.70
N ILE A 18 5.13 1.24 1.94
CA ILE A 18 3.84 1.72 1.44
C ILE A 18 4.00 2.41 0.10
N VAL A 19 3.21 1.98 -0.88
CA VAL A 19 3.25 2.56 -2.22
C VAL A 19 1.85 2.87 -2.74
N ARG A 20 1.78 3.44 -3.93
CA ARG A 20 0.51 3.79 -4.54
C ARG A 20 0.36 3.14 -5.91
N VAL A 21 -0.83 2.62 -6.20
CA VAL A 21 -1.09 1.98 -7.48
C VAL A 21 -1.26 3.00 -8.59
N LEU A 22 -0.95 2.60 -9.82
CA LEU A 22 -1.07 3.48 -10.97
C LEU A 22 -1.94 2.86 -12.05
N ARG A 23 -1.57 1.65 -12.48
CA ARG A 23 -2.32 0.95 -13.51
C ARG A 23 -2.11 -0.56 -13.40
N THR A 24 -2.78 -1.31 -14.26
CA THR A 24 -2.68 -2.77 -14.26
C THR A 24 -2.87 -3.34 -15.66
N PRO A 25 -1.83 -4.01 -16.18
CA PRO A 25 -1.87 -4.62 -17.51
C PRO A 25 -2.81 -5.82 -17.57
N GLY A 26 -3.31 -6.24 -16.41
CA GLY A 26 -4.21 -7.37 -16.36
C GLY A 26 -3.58 -8.59 -15.72
N ASN A 27 -2.31 -8.82 -16.03
CA ASN A 27 -1.58 -9.97 -15.48
C ASN A 27 -1.53 -9.89 -13.95
N ASN A 28 -0.78 -10.81 -13.34
CA ASN A 28 -0.65 -10.86 -11.90
C ASN A 28 0.39 -9.85 -11.42
N LEU A 29 0.39 -8.66 -12.03
CA LEU A 29 1.33 -7.61 -11.67
C LEU A 29 0.63 -6.26 -11.56
N HIS A 30 1.28 -5.31 -10.88
CA HIS A 30 0.71 -3.98 -10.72
C HIS A 30 1.82 -2.94 -10.61
N GLU A 31 1.70 -1.88 -11.41
CA GLU A 31 2.70 -0.81 -11.41
C GLU A 31 2.40 0.21 -10.32
N VAL A 32 3.30 0.31 -9.34
CA VAL A 32 3.14 1.24 -8.24
C VAL A 32 4.31 2.23 -8.17
N GLU A 33 4.19 3.22 -7.30
CA GLU A 33 5.22 4.24 -7.14
C GLU A 33 5.53 4.47 -5.67
N THR A 34 6.77 4.88 -5.38
CA THR A 34 7.20 5.13 -4.02
C THR A 34 7.13 6.62 -3.69
N ALA A 35 7.37 6.95 -2.43
CA ALA A 35 7.34 8.34 -1.98
C ALA A 35 8.44 9.16 -2.66
N GLN A 36 9.51 8.48 -3.06
CA GLN A 36 10.63 9.14 -3.72
C GLN A 36 10.44 9.15 -5.23
N GLY A 37 9.20 9.05 -5.67
CA GLY A 37 8.91 9.05 -7.09
C GLY A 37 9.57 7.90 -7.82
N GLN A 38 9.50 6.71 -7.23
CA GLN A 38 10.10 5.53 -7.83
C GLN A 38 9.03 4.56 -8.32
N ARG A 39 8.81 4.54 -9.63
CA ARG A 39 7.82 3.66 -10.23
C ARG A 39 8.40 2.27 -10.48
N PHE A 40 7.57 1.25 -10.31
CA PHE A 40 8.01 -0.13 -10.52
C PHE A 40 6.81 -1.07 -10.57
N LEU A 41 7.09 -2.36 -10.70
CA LEU A 41 6.04 -3.37 -10.76
C LEU A 41 6.07 -4.28 -9.54
N VAL A 42 4.92 -4.84 -9.18
CA VAL A 42 4.82 -5.73 -8.02
C VAL A 42 4.05 -6.99 -8.37
N SER A 43 4.47 -8.12 -7.80
CA SER A 43 3.82 -9.40 -8.05
C SER A 43 2.76 -9.68 -6.99
N MET A 44 1.81 -10.55 -7.33
CA MET A 44 0.74 -10.92 -6.40
C MET A 44 1.09 -12.20 -5.65
N PRO A 45 0.90 -12.18 -4.32
CA PRO A 45 1.19 -13.34 -3.47
C PRO A 45 0.58 -14.63 -4.02
N SER A 46 1.00 -15.75 -3.45
CA SER A 46 0.51 -17.05 -3.89
C SER A 46 -0.82 -17.39 -3.21
N LYS A 47 -0.97 -16.95 -1.96
CA LYS A 47 -2.18 -17.19 -1.20
C LYS A 47 -3.30 -16.27 -1.66
N TYR A 48 -2.94 -15.21 -2.38
CA TYR A 48 -3.92 -14.26 -2.87
C TYR A 48 -4.35 -14.61 -4.29
N ARG A 49 -4.21 -15.87 -4.66
CA ARG A 49 -4.58 -16.34 -5.99
C ARG A 49 -6.05 -16.06 -6.27
N LYS A 50 -6.36 -14.82 -6.62
CA LYS A 50 -7.73 -14.42 -6.91
C LYS A 50 -7.79 -12.97 -7.40
N ASN A 51 -8.54 -12.74 -8.47
CA ASN A 51 -8.67 -11.40 -9.03
C ASN A 51 -9.17 -10.41 -7.97
N ILE A 52 -8.23 -9.76 -7.30
CA ILE A 52 -8.57 -8.79 -6.28
C ILE A 52 -8.92 -7.44 -6.88
N TRP A 53 -9.85 -6.73 -6.24
CA TRP A 53 -10.27 -5.42 -6.73
C TRP A 53 -9.23 -4.36 -6.41
N ILE A 54 -8.45 -3.98 -7.43
CA ILE A 54 -7.41 -2.98 -7.26
C ILE A 54 -7.61 -1.81 -8.22
N LYS A 55 -7.41 -0.60 -7.71
CA LYS A 55 -7.57 0.60 -8.52
C LYS A 55 -6.39 1.55 -8.34
N ARG A 56 -6.25 2.51 -9.26
CA ARG A 56 -5.16 3.47 -9.19
C ARG A 56 -5.30 4.38 -7.97
N GLY A 57 -4.18 4.88 -7.46
CA GLY A 57 -4.20 5.74 -6.30
C GLY A 57 -4.23 4.98 -5.00
N ASP A 58 -4.86 3.80 -5.02
CA ASP A 58 -4.96 2.96 -3.83
C ASP A 58 -3.57 2.66 -3.26
N PHE A 59 -3.39 2.96 -1.98
CA PHE A 59 -2.12 2.72 -1.32
C PHE A 59 -2.06 1.32 -0.72
N LEU A 60 -1.05 0.55 -1.13
CA LEU A 60 -0.90 -0.81 -0.64
C LEU A 60 0.52 -1.04 -0.13
N ILE A 61 0.70 -2.07 0.70
CA ILE A 61 2.00 -2.39 1.26
C ILE A 61 2.66 -3.52 0.48
N VAL A 62 3.86 -3.26 -0.04
CA VAL A 62 4.61 -4.26 -0.80
C VAL A 62 5.89 -4.64 -0.09
N ASP A 63 6.36 -5.86 -0.33
CA ASP A 63 7.59 -6.34 0.29
C ASP A 63 8.61 -6.71 -0.78
N PRO A 64 9.84 -6.18 -0.62
CA PRO A 64 10.94 -6.44 -1.56
C PRO A 64 11.45 -7.87 -1.49
N ILE A 65 11.94 -8.38 -2.61
CA ILE A 65 12.46 -9.74 -2.66
C ILE A 65 13.92 -9.76 -3.10
N GLU A 66 14.65 -10.78 -2.67
CA GLU A 66 16.06 -10.92 -3.03
C GLU A 66 16.22 -11.25 -4.50
N GLU A 67 17.47 -11.42 -4.93
CA GLU A 67 17.77 -11.75 -6.32
C GLU A 67 16.74 -12.74 -6.87
N GLY A 68 16.02 -12.33 -7.91
CA GLY A 68 15.02 -13.20 -8.50
C GLY A 68 14.49 -12.65 -9.82
N GLU A 69 13.18 -12.70 -9.99
CA GLU A 69 12.54 -12.21 -11.20
C GLU A 69 12.77 -10.71 -11.37
N LYS A 70 12.15 -10.13 -12.39
CA LYS A 70 12.28 -8.70 -12.65
C LYS A 70 11.32 -7.89 -11.78
N VAL A 71 10.89 -8.48 -10.67
CA VAL A 71 9.97 -7.82 -9.75
C VAL A 71 10.72 -7.24 -8.56
N LYS A 72 10.24 -6.09 -8.07
CA LYS A 72 10.85 -5.44 -6.93
C LYS A 72 10.27 -5.94 -5.62
N ALA A 73 8.94 -5.88 -5.50
CA ALA A 73 8.26 -6.35 -4.30
C ALA A 73 6.93 -6.99 -4.65
N GLU A 74 6.22 -7.47 -3.62
CA GLU A 74 4.94 -8.12 -3.82
C GLU A 74 3.91 -7.61 -2.81
N ILE A 75 2.69 -7.36 -3.29
CA ILE A 75 1.62 -6.86 -2.43
C ILE A 75 1.47 -7.72 -1.18
N SER A 76 1.24 -7.08 -0.04
CA SER A 76 1.08 -7.80 1.21
C SER A 76 -0.34 -7.64 1.75
N PHE A 77 -0.88 -6.43 1.65
CA PHE A 77 -2.22 -6.14 2.13
C PHE A 77 -2.78 -4.87 1.48
N VAL A 78 -4.09 -4.71 1.51
CA VAL A 78 -4.74 -3.55 0.94
C VAL A 78 -5.17 -2.56 2.01
N LEU A 79 -4.61 -1.36 1.96
CA LEU A 79 -4.93 -0.32 2.94
C LEU A 79 -6.29 0.30 2.65
N CYS A 80 -7.02 0.64 3.71
CA CYS A 80 -8.34 1.25 3.56
C CYS A 80 -8.37 2.64 4.18
N LYS A 81 -9.35 3.44 3.77
CA LYS A 81 -9.49 4.80 4.28
C LYS A 81 -9.08 4.88 5.74
N ASP A 82 -9.57 3.94 6.54
CA ASP A 82 -9.26 3.90 7.96
C ASP A 82 -7.79 3.55 8.19
N HIS A 83 -7.38 2.39 7.66
CA HIS A 83 -5.99 1.93 7.81
C HIS A 83 -5.03 3.11 7.71
N VAL A 84 -5.11 3.85 6.60
CA VAL A 84 -4.24 5.00 6.39
C VAL A 84 -4.23 5.92 7.61
N ARG A 85 -5.40 6.11 8.21
CA ARG A 85 -5.52 6.96 9.39
C ARG A 85 -4.54 6.53 10.47
N SER A 86 -4.54 5.24 10.79
CA SER A 86 -3.66 4.70 11.82
C SER A 86 -2.20 4.96 11.47
N LEU A 87 -1.72 4.31 10.42
CA LEU A 87 -0.34 4.46 9.98
C LEU A 87 0.12 5.91 10.12
N GLN A 88 -0.79 6.84 9.80
CA GLN A 88 -0.48 8.26 9.89
C GLN A 88 -0.23 8.67 11.34
N LYS A 89 -1.06 8.18 12.25
CA LYS A 89 -0.92 8.49 13.66
C LYS A 89 0.28 7.78 14.27
N GLU A 90 0.51 6.54 13.84
CA GLU A 90 1.63 5.76 14.33
C GLU A 90 2.96 6.39 13.94
N GLY A 91 2.94 7.16 12.85
CA GLY A 91 4.15 7.81 12.39
C GLY A 91 4.91 6.97 11.37
N PHE A 92 4.18 6.27 10.52
CA PHE A 92 4.79 5.43 9.50
C PHE A 92 4.46 5.93 8.10
N TRP A 93 3.25 6.46 7.94
CA TRP A 93 2.81 6.98 6.65
C TRP A 93 3.85 7.92 6.06
N PRO A 94 4.07 7.83 4.74
CA PRO A 94 5.03 8.68 4.04
C PRO A 94 4.58 10.13 3.95
N GLU A 95 5.23 10.89 3.08
CA GLU A 95 4.89 12.30 2.90
C GLU A 95 4.31 12.55 1.51
N ALA A 96 4.93 11.94 0.51
CA ALA A 96 4.47 12.09 -0.87
C ALA A 96 3.01 11.68 -1.02
N PHE A 97 2.56 10.78 -0.15
CA PHE A 97 1.19 10.30 -0.17
C PHE A 97 0.37 10.90 0.97
N SER A 98 0.90 11.96 1.58
CA SER A 98 0.24 12.62 2.69
C SER A 98 -0.52 13.86 2.21
N GLU A 99 0.01 14.49 1.16
CA GLU A 99 -0.60 15.69 0.60
C GLU A 99 -1.61 15.33 -0.48
N VAL A 100 -1.99 14.06 -0.54
CA VAL A 100 -2.95 13.59 -1.52
C VAL A 100 -4.27 13.20 -0.88
N ALA A 101 -4.30 13.25 0.45
CA ALA A 101 -5.51 12.90 1.20
C ALA A 101 -6.13 14.13 1.83
N GLU A 102 -6.21 15.21 1.07
CA GLU A 102 -6.79 16.46 1.55
C GLU A 102 -8.31 16.42 1.49
N LYS A 103 -8.85 16.33 0.28
CA LYS A 103 -10.29 16.27 0.08
C LYS A 103 -10.76 14.83 -0.14
N HIS A 104 -10.25 13.92 0.68
CA HIS A 104 -10.61 12.51 0.58
C HIS A 104 -11.73 12.17 1.56
N ASN A 105 -12.94 12.01 1.03
CA ASN A 105 -14.10 11.68 1.87
C ASN A 105 -14.42 12.82 2.84
N SER A 106 -14.36 14.06 2.34
CA SER A 106 -14.63 15.23 3.17
C SER A 106 -16.04 15.75 2.92
N GLY A 107 -16.70 16.17 4.00
CA GLY A 107 -18.05 16.69 3.87
C GLY A 107 -18.59 17.20 5.19
N PRO A 108 -19.85 17.67 5.17
CA PRO A 108 -20.52 18.20 6.37
C PRO A 108 -20.83 17.11 7.39
N SER A 109 -20.29 17.26 8.60
CA SER A 109 -20.50 16.28 9.66
C SER A 109 -20.87 16.98 10.97
N SER A 110 -21.39 16.20 11.91
CA SER A 110 -21.79 16.74 13.20
C SER A 110 -20.68 17.61 13.80
N GLY A 111 -20.99 18.26 14.92
CA GLY A 111 -20.01 19.11 15.57
C GLY A 111 -20.33 20.58 15.40
N GLY A 1 9.13 3.71 27.27
CA GLY A 1 9.22 2.64 26.30
C GLY A 1 8.52 2.97 25.00
N SER A 2 7.32 2.41 24.81
CA SER A 2 6.55 2.64 23.60
C SER A 2 5.13 3.11 23.94
N SER A 3 4.48 3.73 22.97
CA SER A 3 3.12 4.23 23.17
C SER A 3 2.17 3.66 22.12
N GLY A 4 0.92 3.46 22.51
CA GLY A 4 -0.06 2.92 21.59
C GLY A 4 -1.42 2.73 22.24
N SER A 5 -2.24 3.78 22.20
CA SER A 5 -3.57 3.73 22.80
C SER A 5 -4.54 2.96 21.90
N SER A 6 -4.80 1.72 22.25
CA SER A 6 -5.70 0.87 21.47
C SER A 6 -5.54 1.14 19.97
N GLY A 7 -4.29 1.26 19.53
CA GLY A 7 -4.02 1.52 18.13
C GLY A 7 -3.03 0.53 17.55
N GLU A 8 -3.28 -0.76 17.76
CA GLU A 8 -2.40 -1.80 17.24
C GLU A 8 -2.98 -2.44 15.99
N HIS A 9 -2.75 -1.80 14.84
CA HIS A 9 -3.24 -2.30 13.58
C HIS A 9 -2.08 -2.67 12.64
N ILE A 10 -2.42 -3.28 11.51
CA ILE A 10 -1.41 -3.69 10.54
C ILE A 10 -0.45 -2.55 10.23
N VAL A 11 0.84 -2.85 10.24
CA VAL A 11 1.86 -1.85 9.95
C VAL A 11 2.99 -2.42 9.11
N PRO A 12 3.35 -1.71 8.04
CA PRO A 12 4.42 -2.13 7.12
C PRO A 12 5.68 -2.57 7.87
N SER A 13 6.12 -3.80 7.61
CA SER A 13 7.31 -4.34 8.25
C SER A 13 8.54 -3.54 7.87
N ASN A 14 9.70 -3.96 8.37
CA ASN A 14 10.95 -3.29 8.09
C ASN A 14 11.25 -3.30 6.59
N GLN A 15 11.19 -4.49 5.99
CA GLN A 15 11.46 -4.64 4.56
C GLN A 15 10.29 -4.11 3.74
N GLN A 16 9.07 -4.37 4.19
CA GLN A 16 7.89 -3.91 3.49
C GLN A 16 7.92 -2.39 3.29
N GLN A 17 7.04 -1.89 2.43
CA GLN A 17 6.97 -0.47 2.15
C GLN A 17 5.62 -0.09 1.55
N ILE A 18 5.14 1.11 1.87
CA ILE A 18 3.87 1.58 1.36
C ILE A 18 4.03 2.29 0.02
N VAL A 19 3.22 1.89 -0.96
CA VAL A 19 3.28 2.49 -2.29
C VAL A 19 1.88 2.75 -2.83
N ARG A 20 1.81 3.54 -3.90
CA ARG A 20 0.53 3.88 -4.52
C ARG A 20 0.41 3.24 -5.90
N VAL A 21 -0.79 2.75 -6.21
CA VAL A 21 -1.04 2.11 -7.49
C VAL A 21 -1.11 3.14 -8.62
N LEU A 22 -0.70 2.73 -9.82
CA LEU A 22 -0.72 3.62 -10.97
C LEU A 22 -1.53 3.02 -12.11
N ARG A 23 -1.09 1.86 -12.59
CA ARG A 23 -1.79 1.17 -13.67
C ARG A 23 -1.77 -0.34 -13.47
N THR A 24 -2.53 -1.05 -14.28
CA THR A 24 -2.60 -2.50 -14.20
C THR A 24 -2.78 -3.14 -15.57
N PRO A 25 -1.73 -3.83 -16.04
CA PRO A 25 -1.74 -4.50 -17.35
C PRO A 25 -2.68 -5.70 -17.37
N GLY A 26 -3.38 -5.92 -16.27
CA GLY A 26 -4.31 -7.04 -16.19
C GLY A 26 -3.69 -8.26 -15.54
N ASN A 27 -2.48 -8.59 -15.95
CA ASN A 27 -1.77 -9.75 -15.41
C ASN A 27 -1.70 -9.68 -13.88
N ASN A 28 -0.97 -10.61 -13.28
CA ASN A 28 -0.83 -10.65 -11.83
C ASN A 28 0.25 -9.68 -11.37
N LEU A 29 0.28 -8.50 -11.98
CA LEU A 29 1.26 -7.48 -11.63
C LEU A 29 0.59 -6.12 -11.42
N HIS A 30 1.31 -5.20 -10.79
CA HIS A 30 0.78 -3.87 -10.54
C HIS A 30 1.91 -2.85 -10.45
N GLU A 31 1.82 -1.80 -11.26
CA GLU A 31 2.83 -0.75 -11.27
C GLU A 31 2.57 0.28 -10.19
N VAL A 32 3.41 0.28 -9.15
CA VAL A 32 3.27 1.22 -8.05
C VAL A 32 4.49 2.10 -7.92
N GLU A 33 4.40 3.11 -7.06
CA GLU A 33 5.50 4.04 -6.84
C GLU A 33 5.70 4.31 -5.36
N THR A 34 6.94 4.63 -4.98
CA THR A 34 7.27 4.91 -3.59
C THR A 34 7.17 6.40 -3.29
N ALA A 35 7.49 6.77 -2.06
CA ALA A 35 7.43 8.17 -1.65
C ALA A 35 8.61 8.95 -2.21
N GLN A 36 9.71 8.25 -2.51
CA GLN A 36 10.90 8.87 -3.05
C GLN A 36 10.82 8.96 -4.57
N GLY A 37 9.60 8.95 -5.10
CA GLY A 37 9.41 9.03 -6.54
C GLY A 37 10.13 7.91 -7.28
N GLN A 38 9.66 6.68 -7.09
CA GLN A 38 10.26 5.53 -7.75
C GLN A 38 9.20 4.56 -8.23
N ARG A 39 8.98 4.54 -9.55
CA ARG A 39 7.98 3.66 -10.14
C ARG A 39 8.55 2.26 -10.36
N PHE A 40 7.69 1.25 -10.26
CA PHE A 40 8.11 -0.14 -10.45
C PHE A 40 6.90 -1.07 -10.49
N LEU A 41 7.16 -2.34 -10.76
CA LEU A 41 6.09 -3.34 -10.83
C LEU A 41 6.17 -4.29 -9.64
N VAL A 42 5.02 -4.85 -9.25
CA VAL A 42 4.96 -5.78 -8.14
C VAL A 42 4.09 -6.99 -8.48
N SER A 43 4.39 -8.12 -7.85
CA SER A 43 3.64 -9.35 -8.09
C SER A 43 2.60 -9.57 -6.99
N MET A 44 1.66 -10.48 -7.24
CA MET A 44 0.61 -10.78 -6.27
C MET A 44 0.97 -12.02 -5.46
N PRO A 45 0.81 -11.94 -4.14
CA PRO A 45 1.11 -13.05 -3.23
C PRO A 45 0.51 -14.36 -3.69
N SER A 46 0.99 -15.46 -3.11
CA SER A 46 0.50 -16.79 -3.48
C SER A 46 -0.83 -17.08 -2.80
N LYS A 47 -0.98 -16.62 -1.57
CA LYS A 47 -2.21 -16.82 -0.82
C LYS A 47 -3.38 -16.05 -1.44
N TYR A 48 -3.07 -14.89 -1.99
CA TYR A 48 -4.08 -14.05 -2.61
C TYR A 48 -4.33 -14.48 -4.06
N ARG A 49 -4.30 -15.79 -4.29
CA ARG A 49 -4.52 -16.33 -5.62
C ARG A 49 -5.94 -16.06 -6.10
N LYS A 50 -6.17 -14.84 -6.58
CA LYS A 50 -7.48 -14.44 -7.07
C LYS A 50 -7.43 -13.05 -7.70
N ASN A 51 -8.56 -12.60 -8.23
CA ASN A 51 -8.65 -11.29 -8.86
C ASN A 51 -9.15 -10.24 -7.87
N ILE A 52 -8.26 -9.76 -7.01
CA ILE A 52 -8.61 -8.76 -6.03
C ILE A 52 -8.98 -7.43 -6.69
N TRP A 53 -9.97 -6.75 -6.12
CA TRP A 53 -10.41 -5.47 -6.66
C TRP A 53 -9.42 -4.37 -6.33
N ILE A 54 -8.60 -4.00 -7.31
CA ILE A 54 -7.61 -2.95 -7.12
C ILE A 54 -7.77 -1.84 -8.15
N LYS A 55 -7.79 -0.59 -7.68
CA LYS A 55 -7.95 0.55 -8.56
C LYS A 55 -6.72 1.47 -8.48
N ARG A 56 -6.72 2.52 -9.29
CA ARG A 56 -5.61 3.46 -9.30
C ARG A 56 -5.61 4.32 -8.05
N GLY A 57 -4.40 4.69 -7.60
CA GLY A 57 -4.28 5.51 -6.40
C GLY A 57 -4.22 4.67 -5.14
N ASP A 58 -5.05 3.64 -5.08
CA ASP A 58 -5.10 2.75 -3.92
C ASP A 58 -3.69 2.42 -3.44
N PHE A 59 -3.43 2.71 -2.16
CA PHE A 59 -2.12 2.45 -1.57
C PHE A 59 -2.06 1.04 -1.00
N LEU A 60 -0.99 0.32 -1.34
CA LEU A 60 -0.80 -1.05 -0.86
C LEU A 60 0.60 -1.24 -0.29
N ILE A 61 0.80 -2.32 0.45
CA ILE A 61 2.09 -2.62 1.06
C ILE A 61 2.82 -3.73 0.29
N VAL A 62 3.95 -3.37 -0.31
CA VAL A 62 4.73 -4.34 -1.07
C VAL A 62 6.02 -4.70 -0.34
N ASP A 63 6.52 -5.89 -0.63
CA ASP A 63 7.75 -6.37 0.02
C ASP A 63 8.81 -6.73 -1.03
N PRO A 64 10.03 -6.20 -0.83
CA PRO A 64 11.15 -6.46 -1.75
C PRO A 64 11.64 -7.90 -1.68
N ILE A 65 12.01 -8.44 -2.84
CA ILE A 65 12.51 -9.81 -2.91
C ILE A 65 13.95 -9.86 -3.40
N GLU A 66 14.71 -10.81 -2.89
CA GLU A 66 16.11 -10.96 -3.27
C GLU A 66 16.24 -11.25 -4.76
N GLU A 67 17.46 -11.46 -5.22
CA GLU A 67 17.71 -11.75 -6.63
C GLU A 67 16.72 -12.77 -7.16
N GLY A 68 15.92 -12.35 -8.14
CA GLY A 68 14.93 -13.25 -8.72
C GLY A 68 14.34 -12.70 -10.00
N GLU A 69 13.05 -12.93 -10.21
CA GLU A 69 12.37 -12.46 -11.41
C GLU A 69 12.59 -10.96 -11.61
N LYS A 70 11.93 -10.40 -12.61
CA LYS A 70 12.05 -8.98 -12.91
C LYS A 70 11.13 -8.15 -12.01
N VAL A 71 10.73 -8.74 -10.89
CA VAL A 71 9.84 -8.06 -9.95
C VAL A 71 10.63 -7.47 -8.78
N LYS A 72 10.27 -6.25 -8.38
CA LYS A 72 10.94 -5.58 -7.28
C LYS A 72 10.38 -6.04 -5.93
N ALA A 73 9.06 -6.03 -5.82
CA ALA A 73 8.39 -6.45 -4.59
C ALA A 73 7.02 -7.05 -4.88
N GLU A 74 6.31 -7.42 -3.83
CA GLU A 74 4.98 -8.01 -3.97
C GLU A 74 4.03 -7.50 -2.88
N ILE A 75 2.79 -7.24 -3.26
CA ILE A 75 1.79 -6.74 -2.32
C ILE A 75 1.75 -7.60 -1.06
N SER A 76 1.21 -7.04 0.01
CA SER A 76 1.12 -7.75 1.28
C SER A 76 -0.29 -7.64 1.87
N PHE A 77 -0.85 -6.43 1.79
CA PHE A 77 -2.19 -6.20 2.32
C PHE A 77 -2.83 -5.00 1.62
N VAL A 78 -4.16 -4.98 1.60
CA VAL A 78 -4.91 -3.89 0.97
C VAL A 78 -5.29 -2.83 2.00
N LEU A 79 -4.63 -1.68 1.93
CA LEU A 79 -4.92 -0.58 2.84
C LEU A 79 -6.29 0.03 2.55
N CYS A 80 -6.96 0.48 3.61
CA CYS A 80 -8.28 1.09 3.47
C CYS A 80 -8.32 2.46 4.13
N LYS A 81 -9.32 3.27 3.76
CA LYS A 81 -9.46 4.60 4.31
C LYS A 81 -9.05 4.63 5.78
N ASP A 82 -9.64 3.75 6.57
CA ASP A 82 -9.33 3.67 8.00
C ASP A 82 -7.86 3.34 8.22
N HIS A 83 -7.42 2.23 7.64
CA HIS A 83 -6.03 1.80 7.78
C HIS A 83 -5.08 3.00 7.73
N VAL A 84 -5.15 3.76 6.64
CA VAL A 84 -4.30 4.93 6.49
C VAL A 84 -4.35 5.82 7.72
N ARG A 85 -5.56 6.02 8.26
CA ARG A 85 -5.74 6.85 9.44
C ARG A 85 -4.79 6.42 10.55
N SER A 86 -4.70 5.12 10.77
CA SER A 86 -3.83 4.58 11.81
C SER A 86 -2.36 4.87 11.50
N LEU A 87 -1.87 4.33 10.39
CA LEU A 87 -0.50 4.53 9.98
C LEU A 87 -0.07 5.98 10.14
N GLN A 88 -0.96 6.89 9.74
CA GLN A 88 -0.69 8.32 9.84
C GLN A 88 -0.54 8.74 11.30
N LYS A 89 -1.42 8.22 12.16
CA LYS A 89 -1.39 8.54 13.57
C LYS A 89 -0.10 8.05 14.22
N GLU A 90 0.24 6.78 13.98
CA GLU A 90 1.45 6.20 14.53
C GLU A 90 2.69 6.94 14.05
N GLY A 91 2.59 7.52 12.85
CA GLY A 91 3.70 8.25 12.29
C GLY A 91 4.55 7.40 11.34
N PHE A 92 3.87 6.56 10.56
CA PHE A 92 4.56 5.68 9.62
C PHE A 92 4.22 6.07 8.17
N TRP A 93 2.97 6.46 7.95
CA TRP A 93 2.53 6.85 6.62
C TRP A 93 3.51 7.81 5.98
N PRO A 94 3.77 7.62 4.67
CA PRO A 94 4.70 8.46 3.91
C PRO A 94 4.16 9.87 3.69
N GLU A 95 5.02 10.77 3.23
CA GLU A 95 4.62 12.15 2.99
C GLU A 95 4.25 12.35 1.52
N ALA A 96 4.95 11.65 0.63
CA ALA A 96 4.69 11.75 -0.80
C ALA A 96 3.27 11.29 -1.14
N PHE A 97 2.59 10.74 -0.14
CA PHE A 97 1.21 10.25 -0.33
C PHE A 97 0.28 10.84 0.73
N SER A 98 0.73 11.92 1.38
CA SER A 98 -0.06 12.57 2.41
C SER A 98 -0.87 13.72 1.84
N GLU A 99 -0.30 14.40 0.85
CA GLU A 99 -0.97 15.53 0.21
C GLU A 99 -1.90 15.05 -0.90
N VAL A 100 -2.49 13.87 -0.70
CA VAL A 100 -3.41 13.30 -1.68
C VAL A 100 -4.71 12.86 -1.02
N ALA A 101 -4.61 12.40 0.22
CA ALA A 101 -5.78 11.95 0.96
C ALA A 101 -6.89 13.00 0.94
N GLU A 102 -6.54 14.22 1.32
CA GLU A 102 -7.51 15.31 1.35
C GLU A 102 -7.80 15.81 -0.07
N LYS A 103 -6.82 15.69 -0.95
CA LYS A 103 -6.96 16.13 -2.33
C LYS A 103 -7.30 14.95 -3.24
N HIS A 104 -8.30 14.17 -2.84
CA HIS A 104 -8.73 13.02 -3.63
C HIS A 104 -10.24 13.05 -3.85
N ASN A 105 -10.64 13.33 -5.09
CA ASN A 105 -12.06 13.38 -5.44
C ASN A 105 -12.25 13.17 -6.93
N SER A 106 -12.83 12.02 -7.30
CA SER A 106 -13.06 11.70 -8.70
C SER A 106 -14.56 11.71 -9.01
N GLY A 107 -14.91 12.21 -10.19
CA GLY A 107 -16.31 12.28 -10.58
C GLY A 107 -17.09 13.30 -9.78
N PRO A 108 -18.08 13.93 -10.43
CA PRO A 108 -18.92 14.94 -9.79
C PRO A 108 -19.87 14.34 -8.75
N SER A 109 -19.76 13.03 -8.56
CA SER A 109 -20.60 12.33 -7.59
C SER A 109 -20.89 13.21 -6.39
N SER A 110 -22.17 13.32 -6.04
CA SER A 110 -22.58 14.14 -4.89
C SER A 110 -23.33 13.30 -3.87
N GLY A 111 -22.98 13.48 -2.60
CA GLY A 111 -23.63 12.73 -1.54
C GLY A 111 -22.67 11.82 -0.81
N GLY A 1 -0.46 -16.84 23.10
CA GLY A 1 -1.64 -16.11 23.53
C GLY A 1 -1.36 -15.18 24.69
N SER A 2 -1.78 -13.93 24.57
CA SER A 2 -1.55 -12.94 25.61
C SER A 2 -2.87 -12.28 26.03
N SER A 3 -2.99 -11.98 27.32
CA SER A 3 -4.20 -11.36 27.85
C SER A 3 -3.95 -9.90 28.21
N GLY A 4 -4.64 -9.00 27.52
CA GLY A 4 -4.47 -7.58 27.78
C GLY A 4 -5.48 -6.73 27.01
N SER A 5 -4.99 -5.97 26.04
CA SER A 5 -5.85 -5.11 25.24
C SER A 5 -5.71 -5.43 23.75
N SER A 6 -4.47 -5.46 23.27
CA SER A 6 -4.21 -5.75 21.87
C SER A 6 -4.78 -4.66 20.97
N GLY A 7 -4.60 -3.41 21.38
CA GLY A 7 -5.10 -2.29 20.60
C GLY A 7 -4.13 -1.84 19.52
N GLU A 8 -3.86 -2.73 18.56
CA GLU A 8 -2.93 -2.41 17.49
C GLU A 8 -3.42 -3.00 16.17
N HIS A 9 -3.15 -2.29 15.07
CA HIS A 9 -3.55 -2.75 13.75
C HIS A 9 -2.35 -3.04 12.87
N ILE A 10 -2.58 -3.67 11.73
CA ILE A 10 -1.51 -4.01 10.80
C ILE A 10 -0.50 -2.87 10.68
N VAL A 11 0.78 -3.22 10.58
CA VAL A 11 1.84 -2.23 10.46
C VAL A 11 2.90 -2.68 9.47
N PRO A 12 3.20 -1.81 8.49
CA PRO A 12 4.20 -2.09 7.46
C PRO A 12 5.51 -2.63 8.04
N SER A 13 5.88 -3.85 7.65
CA SER A 13 7.09 -4.47 8.14
C SER A 13 8.33 -3.65 7.75
N ASN A 14 9.42 -3.85 8.47
CA ASN A 14 10.65 -3.12 8.20
C ASN A 14 10.97 -3.12 6.70
N GLN A 15 10.94 -4.31 6.10
CA GLN A 15 11.22 -4.45 4.67
C GLN A 15 10.05 -3.93 3.85
N GLN A 16 8.84 -4.24 4.28
CA GLN A 16 7.64 -3.81 3.57
C GLN A 16 7.62 -2.30 3.39
N GLN A 17 6.99 -1.84 2.32
CA GLN A 17 6.90 -0.41 2.04
C GLN A 17 5.53 -0.05 1.47
N ILE A 18 5.03 1.12 1.86
CA ILE A 18 3.73 1.59 1.39
C ILE A 18 3.85 2.38 0.09
N VAL A 19 3.18 1.90 -0.94
CA VAL A 19 3.21 2.55 -2.24
C VAL A 19 1.80 2.82 -2.75
N ARG A 20 1.71 3.51 -3.90
CA ARG A 20 0.42 3.83 -4.50
C ARG A 20 0.30 3.21 -5.88
N VAL A 21 -0.90 2.71 -6.20
CA VAL A 21 -1.15 2.08 -7.49
C VAL A 21 -1.24 3.13 -8.59
N LEU A 22 -0.92 2.72 -9.82
CA LEU A 22 -0.97 3.62 -10.96
C LEU A 22 -1.74 2.99 -12.12
N ARG A 23 -1.29 1.82 -12.56
CA ARG A 23 -1.94 1.12 -13.66
C ARG A 23 -1.65 -0.38 -13.59
N THR A 24 -2.38 -1.15 -14.39
CA THR A 24 -2.21 -2.60 -14.42
C THR A 24 -2.39 -3.14 -15.83
N PRO A 25 -1.37 -3.85 -16.34
CA PRO A 25 -1.41 -4.44 -17.68
C PRO A 25 -2.39 -5.60 -17.78
N GLY A 26 -2.95 -5.99 -16.64
CA GLY A 26 -3.89 -7.09 -16.62
C GLY A 26 -3.31 -8.35 -16.00
N ASN A 27 -2.04 -8.60 -16.26
CA ASN A 27 -1.36 -9.77 -15.73
C ASN A 27 -1.40 -9.78 -14.20
N ASN A 28 -0.72 -10.74 -13.59
CA ASN A 28 -0.68 -10.85 -12.14
C ASN A 28 0.36 -9.89 -11.55
N LEU A 29 0.41 -8.68 -12.10
CA LEU A 29 1.35 -7.67 -11.63
C LEU A 29 0.69 -6.30 -11.56
N HIS A 30 1.39 -5.34 -10.98
CA HIS A 30 0.87 -3.98 -10.84
C HIS A 30 2.00 -2.97 -10.73
N GLU A 31 1.82 -1.81 -11.36
CA GLU A 31 2.83 -0.76 -11.33
C GLU A 31 2.50 0.28 -10.28
N VAL A 32 3.38 0.40 -9.27
CA VAL A 32 3.18 1.36 -8.19
C VAL A 32 4.37 2.31 -8.08
N GLU A 33 4.27 3.27 -7.17
CA GLU A 33 5.33 4.23 -6.96
C GLU A 33 5.54 4.51 -5.46
N THR A 34 6.78 4.81 -5.10
CA THR A 34 7.12 5.09 -3.71
C THR A 34 7.05 6.59 -3.41
N ALA A 35 7.31 6.95 -2.16
CA ALA A 35 7.28 8.34 -1.75
C ALA A 35 8.46 9.10 -2.33
N GLN A 36 9.51 8.37 -2.70
CA GLN A 36 10.70 8.99 -3.27
C GLN A 36 10.60 9.10 -4.78
N GLY A 37 9.36 9.12 -5.29
CA GLY A 37 9.15 9.22 -6.72
C GLY A 37 9.85 8.12 -7.48
N GLN A 38 9.51 6.87 -7.18
CA GLN A 38 10.12 5.73 -7.84
C GLN A 38 9.05 4.74 -8.31
N ARG A 39 8.84 4.69 -9.62
CA ARG A 39 7.84 3.79 -10.20
C ARG A 39 8.44 2.40 -10.42
N PHE A 40 7.65 1.37 -10.10
CA PHE A 40 8.10 -0.01 -10.26
C PHE A 40 6.91 -0.95 -10.41
N LEU A 41 7.20 -2.23 -10.58
CA LEU A 41 6.15 -3.24 -10.74
C LEU A 41 6.12 -4.17 -9.54
N VAL A 42 4.96 -4.77 -9.29
CA VAL A 42 4.80 -5.69 -8.18
C VAL A 42 4.13 -7.00 -8.64
N SER A 43 4.22 -8.02 -7.79
CA SER A 43 3.64 -9.32 -8.11
C SER A 43 2.58 -9.70 -7.09
N MET A 44 1.71 -10.64 -7.46
CA MET A 44 0.65 -11.09 -6.57
C MET A 44 1.06 -12.36 -5.84
N PRO A 45 0.97 -12.31 -4.49
CA PRO A 45 1.34 -13.46 -3.65
C PRO A 45 0.71 -14.76 -4.12
N SER A 46 1.52 -15.81 -4.19
CA SER A 46 1.04 -17.11 -4.64
C SER A 46 -0.08 -17.63 -3.74
N LYS A 47 -0.27 -16.95 -2.60
CA LYS A 47 -1.30 -17.33 -1.65
C LYS A 47 -2.58 -16.52 -1.88
N TYR A 48 -2.45 -15.42 -2.62
CA TYR A 48 -3.58 -14.57 -2.92
C TYR A 48 -4.14 -14.85 -4.31
N ARG A 49 -4.30 -16.13 -4.63
CA ARG A 49 -4.81 -16.54 -5.93
C ARG A 49 -6.29 -16.16 -6.06
N LYS A 50 -6.53 -14.93 -6.49
CA LYS A 50 -7.90 -14.43 -6.67
C LYS A 50 -7.90 -13.05 -7.29
N ASN A 51 -9.08 -12.58 -7.68
CA ASN A 51 -9.22 -11.26 -8.29
C ASN A 51 -9.44 -10.19 -7.23
N ILE A 52 -8.36 -9.72 -6.63
CA ILE A 52 -8.44 -8.69 -5.60
C ILE A 52 -8.75 -7.33 -6.20
N TRP A 53 -9.46 -6.50 -5.45
CA TRP A 53 -9.82 -5.17 -5.92
C TRP A 53 -8.62 -4.23 -5.85
N ILE A 54 -7.97 -4.02 -6.99
CA ILE A 54 -6.81 -3.16 -7.06
C ILE A 54 -6.99 -2.06 -8.10
N LYS A 55 -7.23 -0.84 -7.65
CA LYS A 55 -7.42 0.29 -8.53
C LYS A 55 -6.28 1.30 -8.41
N ARG A 56 -6.30 2.31 -9.26
CA ARG A 56 -5.26 3.34 -9.25
C ARG A 56 -5.35 4.19 -7.97
N GLY A 57 -4.21 4.69 -7.52
CA GLY A 57 -4.19 5.51 -6.32
C GLY A 57 -4.19 4.68 -5.05
N ASP A 58 -4.99 3.62 -5.04
CA ASP A 58 -5.09 2.75 -3.87
C ASP A 58 -3.70 2.44 -3.31
N PHE A 59 -3.51 2.73 -2.03
CA PHE A 59 -2.23 2.49 -1.38
C PHE A 59 -2.18 1.07 -0.79
N LEU A 60 -1.03 0.42 -0.96
CA LEU A 60 -0.85 -0.94 -0.45
C LEU A 60 0.56 -1.12 0.10
N ILE A 61 0.79 -2.25 0.76
CA ILE A 61 2.09 -2.57 1.33
C ILE A 61 2.76 -3.72 0.59
N VAL A 62 3.86 -3.42 -0.09
CA VAL A 62 4.59 -4.44 -0.84
C VAL A 62 5.92 -4.77 -0.17
N ASP A 63 6.42 -5.97 -0.42
CA ASP A 63 7.69 -6.41 0.17
C ASP A 63 8.66 -6.84 -0.92
N PRO A 64 9.91 -6.36 -0.82
CA PRO A 64 10.97 -6.67 -1.78
C PRO A 64 11.42 -8.13 -1.70
N ILE A 65 11.87 -8.67 -2.82
CA ILE A 65 12.33 -10.05 -2.87
C ILE A 65 13.77 -10.14 -3.37
N GLU A 66 14.47 -11.18 -2.94
CA GLU A 66 15.87 -11.38 -3.35
C GLU A 66 15.96 -11.70 -4.83
N GLU A 67 17.18 -11.92 -5.31
CA GLU A 67 17.41 -12.24 -6.72
C GLU A 67 16.30 -13.13 -7.26
N GLY A 68 15.64 -12.68 -8.31
CA GLY A 68 14.57 -13.45 -8.91
C GLY A 68 14.03 -12.82 -10.18
N GLU A 69 12.72 -12.93 -10.39
CA GLU A 69 12.09 -12.37 -11.57
C GLU A 69 12.35 -10.87 -11.67
N LYS A 70 11.73 -10.23 -12.66
CA LYS A 70 11.90 -8.80 -12.86
C LYS A 70 10.98 -8.00 -11.94
N VAL A 71 10.54 -8.64 -10.86
CA VAL A 71 9.64 -7.99 -9.90
C VAL A 71 10.42 -7.49 -8.68
N LYS A 72 10.12 -6.27 -8.25
CA LYS A 72 10.78 -5.68 -7.10
C LYS A 72 10.17 -6.21 -5.80
N ALA A 73 8.88 -5.99 -5.62
CA ALA A 73 8.19 -6.44 -4.42
C ALA A 73 6.82 -7.02 -4.76
N GLU A 74 6.12 -7.54 -3.76
CA GLU A 74 4.81 -8.12 -3.96
C GLU A 74 3.82 -7.61 -2.91
N ILE A 75 2.56 -7.48 -3.31
CA ILE A 75 1.52 -6.99 -2.41
C ILE A 75 1.49 -7.81 -1.11
N SER A 76 1.32 -7.12 0.01
CA SER A 76 1.28 -7.79 1.31
C SER A 76 -0.12 -7.66 1.94
N PHE A 77 -0.66 -6.44 1.89
CA PHE A 77 -1.98 -6.18 2.46
C PHE A 77 -2.62 -4.96 1.81
N VAL A 78 -3.94 -4.94 1.77
CA VAL A 78 -4.67 -3.83 1.18
C VAL A 78 -5.09 -2.82 2.24
N LEU A 79 -4.47 -1.65 2.21
CA LEU A 79 -4.76 -0.59 3.17
C LEU A 79 -6.16 -0.04 2.95
N CYS A 80 -6.88 0.21 4.04
CA CYS A 80 -8.24 0.74 3.97
C CYS A 80 -8.28 2.20 4.42
N LYS A 81 -9.25 2.94 3.91
CA LYS A 81 -9.40 4.36 4.25
C LYS A 81 -8.99 4.61 5.70
N ASP A 82 -9.59 3.86 6.62
CA ASP A 82 -9.29 4.00 8.04
C ASP A 82 -7.83 3.68 8.31
N HIS A 83 -7.34 2.59 7.72
CA HIS A 83 -5.95 2.17 7.90
C HIS A 83 -5.00 3.34 7.66
N VAL A 84 -5.12 3.97 6.50
CA VAL A 84 -4.27 5.10 6.15
C VAL A 84 -4.14 6.07 7.31
N ARG A 85 -5.27 6.66 7.70
CA ARG A 85 -5.29 7.62 8.80
C ARG A 85 -4.49 7.10 9.99
N SER A 86 -4.74 5.85 10.38
CA SER A 86 -4.04 5.23 11.50
C SER A 86 -2.54 5.35 11.33
N LEU A 87 -2.02 4.75 10.27
CA LEU A 87 -0.58 4.79 9.99
C LEU A 87 -0.03 6.20 10.18
N GLN A 88 -0.78 7.20 9.73
CA GLN A 88 -0.36 8.59 9.86
C GLN A 88 -0.23 8.98 11.32
N LYS A 89 -1.26 8.71 12.11
CA LYS A 89 -1.27 9.04 13.52
C LYS A 89 -0.09 8.38 14.23
N GLU A 90 0.08 7.08 14.01
CA GLU A 90 1.17 6.33 14.63
C GLU A 90 2.53 6.90 14.20
N GLY A 91 2.56 7.51 13.02
CA GLY A 91 3.80 8.07 12.51
C GLY A 91 4.54 7.14 11.59
N PHE A 92 3.83 6.58 10.61
CA PHE A 92 4.42 5.65 9.66
C PHE A 92 4.12 6.08 8.23
N TRP A 93 2.89 6.56 8.00
CA TRP A 93 2.48 6.99 6.68
C TRP A 93 3.51 7.94 6.07
N PRO A 94 3.77 7.78 4.76
CA PRO A 94 4.74 8.61 4.04
C PRO A 94 4.26 10.04 3.85
N GLU A 95 5.13 10.88 3.31
CA GLU A 95 4.79 12.29 3.09
C GLU A 95 4.29 12.50 1.66
N ALA A 96 4.91 11.80 0.72
CA ALA A 96 4.53 11.92 -0.69
C ALA A 96 3.06 11.61 -0.89
N PHE A 97 2.53 10.71 -0.07
CA PHE A 97 1.13 10.31 -0.15
C PHE A 97 0.32 10.93 0.98
N SER A 98 0.86 11.98 1.59
CA SER A 98 0.20 12.67 2.69
C SER A 98 -0.54 13.90 2.19
N GLU A 99 -0.01 14.51 1.14
CA GLU A 99 -0.62 15.71 0.56
C GLU A 99 -1.60 15.34 -0.55
N VAL A 100 -2.18 14.16 -0.45
CA VAL A 100 -3.14 13.69 -1.44
C VAL A 100 -4.50 13.40 -0.80
N ALA A 101 -4.48 12.91 0.43
CA ALA A 101 -5.71 12.61 1.15
C ALA A 101 -6.43 13.88 1.56
N GLU A 102 -5.72 14.78 2.22
CA GLU A 102 -6.30 16.05 2.66
C GLU A 102 -7.17 16.66 1.57
N LYS A 103 -6.63 16.73 0.36
CA LYS A 103 -7.36 17.29 -0.77
C LYS A 103 -7.32 16.35 -1.97
N HIS A 104 -8.27 15.42 -2.02
CA HIS A 104 -8.34 14.46 -3.12
C HIS A 104 -9.41 14.88 -4.13
N ASN A 105 -10.61 15.13 -3.64
CA ASN A 105 -11.72 15.54 -4.50
C ASN A 105 -12.72 16.39 -3.74
N SER A 106 -13.70 16.93 -4.46
CA SER A 106 -14.73 17.77 -3.85
C SER A 106 -16.12 17.35 -4.30
N GLY A 107 -16.87 16.75 -3.38
CA GLY A 107 -18.21 16.30 -3.70
C GLY A 107 -18.71 15.23 -2.76
N PRO A 108 -18.53 13.96 -3.14
CA PRO A 108 -18.96 12.82 -2.33
C PRO A 108 -18.12 12.65 -1.07
N SER A 109 -16.80 12.64 -1.24
CA SER A 109 -15.88 12.49 -0.11
C SER A 109 -15.76 13.79 0.67
N SER A 110 -16.58 13.93 1.70
CA SER A 110 -16.58 15.14 2.53
C SER A 110 -17.41 14.93 3.80
N GLY A 111 -16.87 15.38 4.92
CA GLY A 111 -17.57 15.24 6.19
C GLY A 111 -16.79 15.78 7.36
N GLY A 1 -8.16 -6.80 32.23
CA GLY A 1 -7.84 -7.18 30.87
C GLY A 1 -8.86 -6.68 29.87
N SER A 2 -8.45 -5.72 29.03
CA SER A 2 -9.34 -5.16 28.02
C SER A 2 -9.42 -6.06 26.80
N SER A 3 -10.35 -7.01 26.84
CA SER A 3 -10.53 -7.95 25.74
C SER A 3 -11.41 -7.34 24.65
N GLY A 4 -11.14 -7.70 23.40
CA GLY A 4 -11.93 -7.19 22.29
C GLY A 4 -11.09 -6.95 21.05
N SER A 5 -11.13 -5.72 20.55
CA SER A 5 -10.37 -5.37 19.35
C SER A 5 -8.90 -5.71 19.52
N SER A 6 -8.22 -5.95 18.41
CA SER A 6 -6.80 -6.29 18.43
C SER A 6 -5.95 -5.05 18.70
N GLY A 7 -4.79 -5.26 19.33
CA GLY A 7 -3.90 -4.16 19.63
C GLY A 7 -3.18 -3.63 18.40
N GLU A 8 -1.86 -3.56 18.49
CA GLU A 8 -1.05 -3.07 17.37
C GLU A 8 -1.63 -3.53 16.04
N HIS A 9 -2.17 -2.60 15.28
CA HIS A 9 -2.76 -2.91 13.98
C HIS A 9 -1.67 -3.22 12.95
N ILE A 10 -2.08 -3.70 11.79
CA ILE A 10 -1.15 -4.04 10.72
C ILE A 10 -0.17 -2.89 10.46
N VAL A 11 1.11 -3.23 10.36
CA VAL A 11 2.14 -2.22 10.11
C VAL A 11 3.22 -2.76 9.17
N PRO A 12 3.59 -1.96 8.18
CA PRO A 12 4.62 -2.33 7.20
C PRO A 12 5.87 -2.89 7.85
N SER A 13 6.20 -4.14 7.53
CA SER A 13 7.37 -4.80 8.09
C SER A 13 8.63 -3.97 7.83
N ASN A 14 9.76 -4.45 8.36
CA ASN A 14 11.03 -3.76 8.18
C ASN A 14 11.36 -3.60 6.70
N GLN A 15 11.20 -4.68 5.93
CA GLN A 15 11.47 -4.65 4.50
C GLN A 15 10.28 -4.10 3.73
N GLN A 16 9.09 -4.48 4.15
CA GLN A 16 7.86 -4.03 3.49
C GLN A 16 7.83 -2.51 3.39
N GLN A 17 7.20 -2.00 2.34
CA GLN A 17 7.09 -0.56 2.12
C GLN A 17 5.74 -0.19 1.55
N ILE A 18 5.25 1.00 1.91
CA ILE A 18 3.95 1.47 1.42
C ILE A 18 4.10 2.19 0.09
N VAL A 19 3.26 1.82 -0.87
CA VAL A 19 3.28 2.42 -2.20
C VAL A 19 1.87 2.71 -2.69
N ARG A 20 1.78 3.40 -3.82
CA ARG A 20 0.49 3.74 -4.41
C ARG A 20 0.34 3.12 -5.80
N VAL A 21 -0.82 2.52 -6.06
CA VAL A 21 -1.08 1.89 -7.34
C VAL A 21 -1.20 2.94 -8.45
N LEU A 22 -0.72 2.58 -9.64
CA LEU A 22 -0.78 3.48 -10.78
C LEU A 22 -1.62 2.89 -11.91
N ARG A 23 -1.35 1.63 -12.24
CA ARG A 23 -2.08 0.94 -13.29
C ARG A 23 -1.85 -0.57 -13.22
N THR A 24 -2.58 -1.32 -14.04
CA THR A 24 -2.45 -2.76 -14.07
C THR A 24 -2.73 -3.31 -15.47
N PRO A 25 -1.72 -3.99 -16.04
CA PRO A 25 -1.83 -4.57 -17.39
C PRO A 25 -2.77 -5.76 -17.42
N GLY A 26 -3.34 -6.10 -16.26
CA GLY A 26 -4.27 -7.22 -16.19
C GLY A 26 -3.63 -8.45 -15.57
N ASN A 27 -2.39 -8.75 -15.98
CA ASN A 27 -1.68 -9.91 -15.48
C ASN A 27 -1.63 -9.89 -13.95
N ASN A 28 -0.91 -10.84 -13.37
CA ASN A 28 -0.78 -10.94 -11.92
C ASN A 28 0.27 -9.96 -11.41
N LEU A 29 0.28 -8.76 -11.96
CA LEU A 29 1.23 -7.73 -11.56
C LEU A 29 0.57 -6.37 -11.48
N HIS A 30 1.27 -5.39 -10.93
CA HIS A 30 0.75 -4.04 -10.79
C HIS A 30 1.89 -3.02 -10.75
N GLU A 31 1.67 -1.87 -11.37
CA GLU A 31 2.68 -0.81 -11.40
C GLU A 31 2.40 0.23 -10.32
N VAL A 32 3.24 0.25 -9.30
CA VAL A 32 3.10 1.20 -8.20
C VAL A 32 4.28 2.16 -8.14
N GLU A 33 4.20 3.13 -7.25
CA GLU A 33 5.26 4.12 -7.10
C GLU A 33 5.56 4.37 -5.62
N THR A 34 6.80 4.75 -5.33
CA THR A 34 7.21 5.02 -3.95
C THR A 34 7.10 6.50 -3.62
N ALA A 35 7.29 6.84 -2.35
CA ALA A 35 7.22 8.22 -1.91
C ALA A 35 8.32 9.06 -2.55
N GLN A 36 9.42 8.41 -2.90
CA GLN A 36 10.55 9.10 -3.51
C GLN A 36 10.40 9.13 -5.03
N GLY A 37 9.17 9.06 -5.50
CA GLY A 37 8.92 9.08 -6.93
C GLY A 37 9.68 8.00 -7.67
N GLN A 38 9.27 6.75 -7.46
CA GLN A 38 9.93 5.62 -8.11
C GLN A 38 8.90 4.60 -8.58
N ARG A 39 8.66 4.56 -9.89
CA ARG A 39 7.70 3.62 -10.46
C ARG A 39 8.32 2.24 -10.62
N PHE A 40 7.50 1.20 -10.43
CA PHE A 40 7.97 -0.17 -10.54
C PHE A 40 6.79 -1.14 -10.58
N LEU A 41 7.09 -2.41 -10.87
CA LEU A 41 6.05 -3.43 -10.94
C LEU A 41 6.13 -4.36 -9.74
N VAL A 42 4.99 -4.94 -9.35
CA VAL A 42 4.93 -5.85 -8.22
C VAL A 42 4.14 -7.11 -8.57
N SER A 43 4.44 -8.20 -7.88
CA SER A 43 3.76 -9.47 -8.13
C SER A 43 2.66 -9.69 -7.10
N MET A 44 1.81 -10.68 -7.35
CA MET A 44 0.71 -10.99 -6.45
C MET A 44 1.01 -12.25 -5.63
N PRO A 45 0.80 -12.16 -4.31
CA PRO A 45 1.05 -13.28 -3.39
C PRO A 45 0.44 -14.58 -3.89
N SER A 46 0.71 -15.67 -3.18
CA SER A 46 0.20 -16.98 -3.55
C SER A 46 -1.12 -17.26 -2.83
N LYS A 47 -1.34 -16.60 -1.70
CA LYS A 47 -2.55 -16.79 -0.92
C LYS A 47 -3.66 -15.86 -1.42
N TYR A 48 -3.29 -14.90 -2.26
CA TYR A 48 -4.25 -13.95 -2.81
C TYR A 48 -4.68 -14.35 -4.21
N ARG A 49 -4.70 -15.66 -4.46
CA ARG A 49 -5.09 -16.18 -5.77
C ARG A 49 -6.53 -15.78 -6.10
N LYS A 50 -6.70 -14.54 -6.54
CA LYS A 50 -8.02 -14.03 -6.90
C LYS A 50 -7.91 -12.62 -7.49
N ASN A 51 -8.91 -12.26 -8.30
CA ASN A 51 -8.93 -10.94 -8.92
C ASN A 51 -9.31 -9.86 -7.92
N ILE A 52 -8.32 -9.39 -7.16
CA ILE A 52 -8.55 -8.36 -6.16
C ILE A 52 -8.81 -7.01 -6.80
N TRP A 53 -9.68 -6.22 -6.18
CA TRP A 53 -10.02 -4.90 -6.70
C TRP A 53 -8.91 -3.90 -6.43
N ILE A 54 -7.94 -3.84 -7.35
CA ILE A 54 -6.82 -2.92 -7.20
C ILE A 54 -6.84 -1.86 -8.30
N LYS A 55 -7.12 -0.62 -7.90
CA LYS A 55 -7.17 0.50 -8.84
C LYS A 55 -6.08 1.52 -8.54
N ARG A 56 -6.01 2.56 -9.34
CA ARG A 56 -5.01 3.61 -9.16
C ARG A 56 -5.35 4.46 -7.94
N GLY A 57 -4.31 4.97 -7.27
CA GLY A 57 -4.51 5.79 -6.10
C GLY A 57 -4.55 4.98 -4.82
N ASP A 58 -4.86 3.69 -4.95
CA ASP A 58 -4.94 2.80 -3.80
C ASP A 58 -3.55 2.49 -3.25
N PHE A 59 -3.35 2.74 -1.96
CA PHE A 59 -2.06 2.49 -1.32
C PHE A 59 -1.98 1.06 -0.81
N LEU A 60 -0.87 0.39 -1.11
CA LEU A 60 -0.67 -0.99 -0.68
C LEU A 60 0.73 -1.17 -0.09
N ILE A 61 0.92 -2.27 0.63
CA ILE A 61 2.21 -2.57 1.25
C ILE A 61 2.91 -3.70 0.52
N VAL A 62 3.95 -3.35 -0.24
CA VAL A 62 4.71 -4.34 -1.00
C VAL A 62 5.95 -4.80 -0.21
N ASP A 63 6.51 -5.93 -0.60
CA ASP A 63 7.69 -6.46 0.06
C ASP A 63 8.80 -6.75 -0.95
N PRO A 64 9.97 -6.12 -0.74
CA PRO A 64 11.12 -6.28 -1.62
C PRO A 64 11.74 -7.66 -1.51
N ILE A 65 12.11 -8.24 -2.66
CA ILE A 65 12.72 -9.57 -2.68
C ILE A 65 14.14 -9.51 -3.23
N GLU A 66 15.02 -10.34 -2.69
CA GLU A 66 16.40 -10.40 -3.13
C GLU A 66 16.49 -10.77 -4.61
N GLU A 67 17.72 -10.89 -5.11
CA GLU A 67 17.95 -11.25 -6.50
C GLU A 67 17.00 -12.36 -6.94
N GLY A 68 16.19 -12.08 -7.96
CA GLY A 68 15.25 -13.07 -8.45
C GLY A 68 14.62 -12.66 -9.76
N GLU A 69 13.29 -12.77 -9.84
CA GLU A 69 12.57 -12.41 -11.06
C GLU A 69 12.73 -10.93 -11.37
N LYS A 70 12.04 -10.46 -12.41
CA LYS A 70 12.10 -9.07 -12.81
C LYS A 70 11.17 -8.22 -11.96
N VAL A 71 10.76 -8.75 -10.81
CA VAL A 71 9.86 -8.04 -9.91
C VAL A 71 10.64 -7.41 -8.75
N LYS A 72 10.20 -6.23 -8.33
CA LYS A 72 10.85 -5.53 -7.23
C LYS A 72 10.33 -6.03 -5.89
N ALA A 73 9.02 -6.02 -5.72
CA ALA A 73 8.40 -6.47 -4.48
C ALA A 73 7.05 -7.12 -4.75
N GLU A 74 6.38 -7.55 -3.69
CA GLU A 74 5.07 -8.19 -3.82
C GLU A 74 4.08 -7.62 -2.80
N ILE A 75 2.84 -7.41 -3.23
CA ILE A 75 1.81 -6.87 -2.36
C ILE A 75 1.68 -7.70 -1.08
N SER A 76 1.40 -7.03 0.03
CA SER A 76 1.25 -7.69 1.31
C SER A 76 -0.18 -7.57 1.82
N PHE A 77 -0.78 -6.40 1.62
CA PHE A 77 -2.15 -6.16 2.06
C PHE A 77 -2.73 -4.95 1.35
N VAL A 78 -4.07 -4.83 1.40
CA VAL A 78 -4.76 -3.72 0.76
C VAL A 78 -5.24 -2.70 1.79
N LEU A 79 -4.52 -1.60 1.92
CA LEU A 79 -4.89 -0.56 2.88
C LEU A 79 -6.21 0.10 2.49
N CYS A 80 -6.95 0.56 3.49
CA CYS A 80 -8.23 1.21 3.25
C CYS A 80 -8.24 2.63 3.80
N LYS A 81 -9.37 3.31 3.69
CA LYS A 81 -9.50 4.67 4.18
C LYS A 81 -9.08 4.77 5.65
N ASP A 82 -9.69 3.95 6.49
CA ASP A 82 -9.38 3.94 7.92
C ASP A 82 -7.91 3.59 8.14
N HIS A 83 -7.52 2.41 7.69
CA HIS A 83 -6.14 1.94 7.85
C HIS A 83 -5.16 3.11 7.73
N VAL A 84 -5.21 3.80 6.60
CA VAL A 84 -4.33 4.94 6.36
C VAL A 84 -4.35 5.91 7.54
N ARG A 85 -5.53 6.13 8.09
CA ARG A 85 -5.69 7.03 9.23
C ARG A 85 -4.80 6.61 10.38
N SER A 86 -4.75 5.31 10.66
CA SER A 86 -3.95 4.78 11.75
C SER A 86 -2.46 5.06 11.50
N LEU A 87 -1.89 4.37 10.52
CA LEU A 87 -0.48 4.54 10.18
C LEU A 87 -0.08 6.01 10.26
N GLN A 88 -0.98 6.89 9.85
CA GLN A 88 -0.73 8.32 9.87
C GLN A 88 -0.53 8.82 11.31
N LYS A 89 -1.42 8.39 12.20
CA LYS A 89 -1.36 8.78 13.60
C LYS A 89 -0.17 8.11 14.30
N GLU A 90 0.09 6.86 13.93
CA GLU A 90 1.19 6.10 14.52
C GLU A 90 2.54 6.74 14.17
N GLY A 91 2.58 7.40 13.01
CA GLY A 91 3.82 8.04 12.58
C GLY A 91 4.62 7.17 11.64
N PHE A 92 3.94 6.57 10.67
CA PHE A 92 4.61 5.70 9.70
C PHE A 92 4.27 6.14 8.28
N TRP A 93 3.00 6.47 8.04
CA TRP A 93 2.56 6.90 6.73
C TRP A 93 3.57 7.85 6.09
N PRO A 94 3.80 7.68 4.78
CA PRO A 94 4.74 8.52 4.03
C PRO A 94 4.23 9.95 3.86
N GLU A 95 5.06 10.81 3.29
CA GLU A 95 4.70 12.21 3.07
C GLU A 95 4.21 12.41 1.63
N ALA A 96 4.73 11.60 0.72
CA ALA A 96 4.34 11.70 -0.68
C ALA A 96 2.86 11.43 -0.87
N PHE A 97 2.35 10.43 -0.15
CA PHE A 97 0.94 10.06 -0.24
C PHE A 97 0.15 10.63 0.94
N SER A 98 0.69 11.68 1.54
CA SER A 98 0.05 12.33 2.68
C SER A 98 -0.77 13.53 2.24
N GLU A 99 -0.24 14.28 1.26
CA GLU A 99 -0.92 15.46 0.76
C GLU A 99 -1.94 15.08 -0.32
N VAL A 100 -2.57 13.93 -0.13
CA VAL A 100 -3.57 13.44 -1.08
C VAL A 100 -4.86 13.05 -0.36
N ALA A 101 -4.71 12.44 0.81
CA ALA A 101 -5.85 12.00 1.61
C ALA A 101 -6.21 13.04 2.67
N GLU A 102 -6.11 14.32 2.30
CA GLU A 102 -6.43 15.40 3.23
C GLU A 102 -7.93 15.68 3.25
N LYS A 103 -8.45 16.19 2.15
CA LYS A 103 -9.87 16.51 2.04
C LYS A 103 -10.60 15.44 1.24
N HIS A 104 -11.13 14.44 1.94
CA HIS A 104 -11.86 13.35 1.29
C HIS A 104 -13.17 13.07 2.02
N ASN A 105 -14.19 13.87 1.74
CA ASN A 105 -15.49 13.71 2.37
C ASN A 105 -16.21 12.48 1.81
N SER A 106 -17.15 11.95 2.59
CA SER A 106 -17.92 10.78 2.17
C SER A 106 -18.76 11.10 0.94
N GLY A 107 -18.99 10.08 0.11
CA GLY A 107 -19.78 10.27 -1.09
C GLY A 107 -21.21 10.69 -0.78
N PRO A 108 -22.11 10.46 -1.74
CA PRO A 108 -23.53 10.80 -1.59
C PRO A 108 -24.24 9.92 -0.56
N SER A 109 -23.61 8.80 -0.23
CA SER A 109 -24.18 7.86 0.74
C SER A 109 -23.09 7.19 1.56
N SER A 110 -23.38 6.96 2.84
CA SER A 110 -22.42 6.34 3.74
C SER A 110 -23.09 5.24 4.57
N GLY A 111 -22.30 4.25 4.97
CA GLY A 111 -22.83 3.16 5.76
C GLY A 111 -23.32 2.00 4.91
N GLY A 1 10.47 -2.01 33.83
CA GLY A 1 9.98 -1.21 32.73
C GLY A 1 8.80 -1.84 32.03
N SER A 2 7.66 -1.13 32.04
CA SER A 2 6.46 -1.64 31.40
C SER A 2 6.66 -1.82 29.90
N SER A 3 6.93 -3.05 29.49
CA SER A 3 7.16 -3.36 28.09
C SER A 3 5.83 -3.40 27.32
N GLY A 4 5.62 -2.40 26.48
CA GLY A 4 4.39 -2.33 25.70
C GLY A 4 4.55 -2.91 24.32
N SER A 5 3.44 -3.33 23.72
CA SER A 5 3.47 -3.92 22.38
C SER A 5 3.99 -2.92 21.35
N SER A 6 4.74 -3.42 20.38
CA SER A 6 5.31 -2.57 19.34
C SER A 6 4.23 -2.13 18.35
N GLY A 7 3.50 -3.10 17.81
CA GLY A 7 2.45 -2.79 16.85
C GLY A 7 1.13 -3.44 17.22
N GLU A 8 0.04 -2.70 17.04
CA GLU A 8 -1.29 -3.22 17.36
C GLU A 8 -2.01 -3.66 16.09
N HIS A 9 -2.09 -2.77 15.11
CA HIS A 9 -2.76 -3.07 13.85
C HIS A 9 -1.75 -3.28 12.73
N ILE A 10 -2.21 -3.80 11.60
CA ILE A 10 -1.34 -4.05 10.45
C ILE A 10 -0.53 -2.81 10.10
N VAL A 11 0.77 -2.85 10.37
CA VAL A 11 1.65 -1.73 10.08
C VAL A 11 2.83 -2.17 9.22
N PRO A 12 3.19 -1.34 8.23
CA PRO A 12 4.30 -1.63 7.31
C PRO A 12 5.56 -2.06 8.06
N SER A 13 6.15 -3.17 7.63
CA SER A 13 7.36 -3.68 8.25
C SER A 13 8.60 -3.00 7.69
N ASN A 14 9.76 -3.33 8.24
CA ASN A 14 11.02 -2.76 7.78
C ASN A 14 11.26 -3.05 6.30
N GLN A 15 11.20 -4.32 5.94
CA GLN A 15 11.41 -4.73 4.56
C GLN A 15 10.29 -4.22 3.67
N GLN A 16 9.06 -4.33 4.16
CA GLN A 16 7.89 -3.88 3.41
C GLN A 16 7.91 -2.37 3.22
N GLN A 17 7.00 -1.87 2.39
CA GLN A 17 6.91 -0.44 2.12
C GLN A 17 5.54 -0.07 1.57
N ILE A 18 5.08 1.14 1.90
CA ILE A 18 3.79 1.61 1.43
C ILE A 18 3.91 2.34 0.09
N VAL A 19 3.23 1.82 -0.92
CA VAL A 19 3.26 2.42 -2.25
C VAL A 19 1.85 2.68 -2.77
N ARG A 20 1.75 3.48 -3.82
CA ARG A 20 0.46 3.81 -4.41
C ARG A 20 0.34 3.24 -5.82
N VAL A 21 -0.78 2.58 -6.10
CA VAL A 21 -1.01 1.98 -7.41
C VAL A 21 -1.10 3.05 -8.49
N LEU A 22 -0.84 2.66 -9.73
CA LEU A 22 -0.88 3.59 -10.86
C LEU A 22 -1.73 3.02 -11.99
N ARG A 23 -1.50 1.75 -12.32
CA ARG A 23 -2.24 1.09 -13.39
C ARG A 23 -1.92 -0.40 -13.43
N THR A 24 -2.87 -1.19 -13.92
CA THR A 24 -2.70 -2.64 -14.00
C THR A 24 -2.94 -3.13 -15.42
N PRO A 25 -1.92 -3.78 -16.01
CA PRO A 25 -2.01 -4.32 -17.37
C PRO A 25 -2.96 -5.51 -17.47
N GLY A 26 -3.33 -6.06 -16.32
CA GLY A 26 -4.23 -7.20 -16.30
C GLY A 26 -3.62 -8.41 -15.64
N ASN A 27 -2.42 -8.76 -16.07
CA ASN A 27 -1.72 -9.93 -15.51
C ASN A 27 -1.68 -9.86 -13.99
N ASN A 28 -0.97 -10.81 -13.38
CA ASN A 28 -0.85 -10.86 -11.93
C ASN A 28 0.21 -9.88 -11.43
N LEU A 29 0.24 -8.69 -12.03
CA LEU A 29 1.21 -7.67 -11.65
C LEU A 29 0.54 -6.32 -11.48
N HIS A 30 1.25 -5.38 -10.86
CA HIS A 30 0.72 -4.04 -10.65
C HIS A 30 1.85 -3.01 -10.59
N GLU A 31 1.63 -1.86 -11.22
CA GLU A 31 2.63 -0.81 -11.25
C GLU A 31 2.34 0.24 -10.17
N VAL A 32 3.22 0.32 -9.18
CA VAL A 32 3.06 1.28 -8.09
C VAL A 32 4.25 2.23 -8.01
N GLU A 33 4.19 3.16 -7.07
CA GLU A 33 5.26 4.14 -6.89
C GLU A 33 5.57 4.35 -5.40
N THR A 34 6.85 4.56 -5.10
CA THR A 34 7.27 4.77 -3.72
C THR A 34 7.13 6.24 -3.33
N ALA A 35 7.37 6.53 -2.05
CA ALA A 35 7.28 7.90 -1.55
C ALA A 35 8.40 8.76 -2.10
N GLN A 36 9.51 8.12 -2.48
CA GLN A 36 10.65 8.83 -3.02
C GLN A 36 10.56 8.96 -4.54
N GLY A 37 9.33 8.92 -5.05
CA GLY A 37 9.11 9.04 -6.48
C GLY A 37 9.81 7.95 -7.26
N GLN A 38 9.41 6.71 -7.05
CA GLN A 38 10.02 5.57 -7.73
C GLN A 38 8.95 4.61 -8.24
N ARG A 39 8.70 4.63 -9.54
CA ARG A 39 7.69 3.75 -10.14
C ARG A 39 8.29 2.37 -10.43
N PHE A 40 7.47 1.34 -10.24
CA PHE A 40 7.91 -0.03 -10.48
C PHE A 40 6.72 -0.99 -10.49
N LEU A 41 7.01 -2.27 -10.73
CA LEU A 41 5.96 -3.28 -10.77
C LEU A 41 6.07 -4.22 -9.58
N VAL A 42 4.99 -4.95 -9.30
CA VAL A 42 4.96 -5.89 -8.19
C VAL A 42 4.13 -7.13 -8.53
N SER A 43 4.43 -8.24 -7.87
CA SER A 43 3.72 -9.49 -8.11
C SER A 43 2.67 -9.74 -7.02
N MET A 44 1.74 -10.64 -7.29
CA MET A 44 0.69 -10.98 -6.34
C MET A 44 1.06 -12.21 -5.53
N PRO A 45 0.90 -12.13 -4.21
CA PRO A 45 1.20 -13.24 -3.29
C PRO A 45 0.62 -14.56 -3.77
N SER A 46 1.15 -15.67 -3.24
CA SER A 46 0.68 -16.99 -3.62
C SER A 46 -0.61 -17.34 -2.90
N LYS A 47 -0.79 -16.76 -1.72
CA LYS A 47 -2.00 -17.00 -0.92
C LYS A 47 -3.15 -16.14 -1.41
N TYR A 48 -2.83 -15.05 -2.10
CA TYR A 48 -3.84 -14.14 -2.61
C TYR A 48 -4.32 -14.59 -3.99
N ARG A 49 -4.19 -15.88 -4.27
CA ARG A 49 -4.59 -16.42 -5.56
C ARG A 49 -6.08 -16.18 -5.81
N LYS A 50 -6.42 -14.96 -6.22
CA LYS A 50 -7.80 -14.60 -6.50
C LYS A 50 -7.89 -13.19 -7.08
N ASN A 51 -8.78 -13.00 -8.04
CA ASN A 51 -8.96 -11.70 -8.68
C ASN A 51 -9.40 -10.65 -7.66
N ILE A 52 -8.42 -9.98 -7.06
CA ILE A 52 -8.72 -8.96 -6.07
C ILE A 52 -9.05 -7.63 -6.73
N TRP A 53 -9.95 -6.87 -6.11
CA TRP A 53 -10.34 -5.56 -6.65
C TRP A 53 -9.29 -4.51 -6.37
N ILE A 54 -8.51 -4.17 -7.39
CA ILE A 54 -7.46 -3.18 -7.26
C ILE A 54 -7.66 -2.03 -8.25
N LYS A 55 -7.43 -0.80 -7.78
CA LYS A 55 -7.59 0.38 -8.62
C LYS A 55 -6.42 1.33 -8.44
N ARG A 56 -6.33 2.34 -9.29
CA ARG A 56 -5.26 3.32 -9.23
C ARG A 56 -5.46 4.27 -8.04
N GLY A 57 -4.36 4.69 -7.43
CA GLY A 57 -4.44 5.59 -6.30
C GLY A 57 -4.56 4.86 -4.98
N ASP A 58 -4.71 3.55 -5.06
CA ASP A 58 -4.85 2.72 -3.86
C ASP A 58 -3.48 2.41 -3.26
N PHE A 59 -3.34 2.64 -1.95
CA PHE A 59 -2.08 2.40 -1.26
C PHE A 59 -2.01 0.97 -0.76
N LEU A 60 -0.86 0.32 -0.98
CA LEU A 60 -0.67 -1.07 -0.55
C LEU A 60 0.74 -1.26 0.00
N ILE A 61 0.95 -2.40 0.65
CA ILE A 61 2.25 -2.73 1.23
C ILE A 61 2.95 -3.83 0.44
N VAL A 62 4.11 -3.50 -0.13
CA VAL A 62 4.88 -4.46 -0.90
C VAL A 62 6.20 -4.78 -0.23
N ASP A 63 6.75 -5.96 -0.52
CA ASP A 63 8.01 -6.38 0.06
C ASP A 63 9.01 -6.77 -1.04
N PRO A 64 10.24 -6.23 -0.93
CA PRO A 64 11.30 -6.51 -1.90
C PRO A 64 11.81 -7.94 -1.82
N ILE A 65 12.20 -8.49 -2.96
CA ILE A 65 12.69 -9.86 -3.02
C ILE A 65 14.14 -9.89 -3.50
N GLU A 66 14.84 -10.97 -3.18
CA GLU A 66 16.24 -11.14 -3.58
C GLU A 66 16.34 -11.46 -5.06
N GLU A 67 17.57 -11.57 -5.55
CA GLU A 67 17.82 -11.88 -6.95
C GLU A 67 16.80 -12.88 -7.48
N GLY A 68 15.97 -12.45 -8.42
CA GLY A 68 14.96 -13.32 -8.99
C GLY A 68 14.37 -12.77 -10.27
N GLU A 69 13.05 -12.80 -10.38
CA GLU A 69 12.36 -12.30 -11.56
C GLU A 69 12.58 -10.80 -11.72
N LYS A 70 11.91 -10.22 -12.72
CA LYS A 70 12.02 -8.79 -12.98
C LYS A 70 11.09 -7.99 -12.06
N VAL A 71 10.70 -8.60 -10.95
CA VAL A 71 9.81 -7.95 -10.00
C VAL A 71 10.59 -7.39 -8.82
N LYS A 72 10.25 -6.18 -8.40
CA LYS A 72 10.92 -5.53 -7.28
C LYS A 72 10.38 -6.06 -5.95
N ALA A 73 9.06 -6.01 -5.79
CA ALA A 73 8.42 -6.48 -4.56
C ALA A 73 7.06 -7.09 -4.86
N GLU A 74 6.41 -7.61 -3.82
CA GLU A 74 5.09 -8.23 -3.97
C GLU A 74 4.11 -7.66 -2.96
N ILE A 75 2.87 -7.45 -3.39
CA ILE A 75 1.83 -6.92 -2.53
C ILE A 75 1.76 -7.70 -1.21
N SER A 76 1.29 -7.03 -0.16
CA SER A 76 1.17 -7.67 1.15
C SER A 76 -0.27 -7.57 1.66
N PHE A 77 -0.87 -6.39 1.52
CA PHE A 77 -2.24 -6.17 1.97
C PHE A 77 -2.87 -4.99 1.24
N VAL A 78 -4.18 -4.86 1.37
CA VAL A 78 -4.90 -3.77 0.71
C VAL A 78 -5.37 -2.73 1.73
N LEU A 79 -4.64 -1.63 1.82
CA LEU A 79 -4.98 -0.56 2.74
C LEU A 79 -6.30 0.10 2.37
N CYS A 80 -7.05 0.53 3.37
CA CYS A 80 -8.33 1.18 3.15
C CYS A 80 -8.29 2.64 3.57
N LYS A 81 -9.36 3.38 3.27
CA LYS A 81 -9.45 4.79 3.62
C LYS A 81 -9.10 5.01 5.09
N ASP A 82 -9.72 4.22 5.97
CA ASP A 82 -9.47 4.33 7.39
C ASP A 82 -8.04 3.96 7.73
N HIS A 83 -7.61 2.79 7.25
CA HIS A 83 -6.25 2.31 7.50
C HIS A 83 -5.24 3.44 7.32
N VAL A 84 -5.24 4.06 6.15
CA VAL A 84 -4.33 5.16 5.85
C VAL A 84 -4.33 6.19 6.97
N ARG A 85 -5.47 6.32 7.65
CA ARG A 85 -5.61 7.28 8.73
C ARG A 85 -4.78 6.85 9.94
N SER A 86 -4.94 5.59 10.34
CA SER A 86 -4.21 5.06 11.48
C SER A 86 -2.70 5.25 11.31
N LEU A 87 -2.13 4.57 10.33
CA LEU A 87 -0.70 4.68 10.06
C LEU A 87 -0.23 6.13 10.18
N GLN A 88 -1.03 7.05 9.68
CA GLN A 88 -0.69 8.47 9.73
C GLN A 88 -0.54 8.93 11.19
N LYS A 89 -1.46 8.49 12.04
CA LYS A 89 -1.43 8.85 13.46
C LYS A 89 -0.31 8.12 14.19
N GLU A 90 -0.14 6.85 13.86
CA GLU A 90 0.89 6.02 14.49
C GLU A 90 2.28 6.57 14.17
N GLY A 91 2.39 7.27 13.05
CA GLY A 91 3.67 7.83 12.65
C GLY A 91 4.44 6.92 11.71
N PHE A 92 3.72 6.28 10.79
CA PHE A 92 4.34 5.37 9.83
C PHE A 92 4.16 5.89 8.41
N TRP A 93 2.99 6.46 8.13
CA TRP A 93 2.69 7.00 6.81
C TRP A 93 3.82 7.90 6.32
N PRO A 94 4.16 7.79 5.04
CA PRO A 94 5.22 8.60 4.42
C PRO A 94 4.83 10.06 4.29
N GLU A 95 5.76 10.88 3.80
CA GLU A 95 5.51 12.30 3.63
C GLU A 95 5.20 12.63 2.17
N ALA A 96 5.38 11.64 1.30
CA ALA A 96 5.11 11.82 -0.12
C ALA A 96 3.65 11.50 -0.44
N PHE A 97 2.93 10.96 0.52
CA PHE A 97 1.53 10.61 0.34
C PHE A 97 0.66 11.21 1.46
N SER A 98 1.32 11.74 2.48
CA SER A 98 0.62 12.34 3.60
C SER A 98 -0.49 13.26 3.13
N GLU A 99 -0.14 14.18 2.23
CA GLU A 99 -1.12 15.13 1.69
C GLU A 99 -1.78 14.56 0.43
N VAL A 100 -1.89 13.24 0.36
CA VAL A 100 -2.50 12.58 -0.79
C VAL A 100 -3.76 11.83 -0.38
N ALA A 101 -3.86 11.50 0.91
CA ALA A 101 -5.02 10.77 1.42
C ALA A 101 -6.13 11.74 1.81
N GLU A 102 -5.82 12.66 2.72
CA GLU A 102 -6.80 13.64 3.17
C GLU A 102 -7.60 14.21 2.00
N LYS A 103 -6.89 14.82 1.05
CA LYS A 103 -7.54 15.40 -0.11
C LYS A 103 -7.96 14.32 -1.10
N HIS A 104 -7.00 13.52 -1.55
CA HIS A 104 -7.28 12.43 -2.49
C HIS A 104 -8.16 12.92 -3.63
N ASN A 105 -7.88 14.12 -4.12
CA ASN A 105 -8.64 14.71 -5.21
C ASN A 105 -7.73 15.07 -6.39
N SER A 106 -8.25 14.90 -7.60
CA SER A 106 -7.48 15.21 -8.80
C SER A 106 -8.39 15.70 -9.92
N GLY A 107 -7.90 16.67 -10.69
CA GLY A 107 -8.68 17.21 -11.78
C GLY A 107 -8.93 18.71 -11.63
N PRO A 108 -8.98 19.42 -12.78
CA PRO A 108 -9.21 20.86 -12.79
C PRO A 108 -10.63 21.23 -12.38
N SER A 109 -10.81 21.55 -11.11
CA SER A 109 -12.12 21.92 -10.59
C SER A 109 -12.01 22.50 -9.18
N SER A 110 -13.12 23.00 -8.66
CA SER A 110 -13.15 23.59 -7.32
C SER A 110 -12.50 22.65 -6.30
N GLY A 111 -13.02 21.43 -6.23
CA GLY A 111 -12.50 20.45 -5.29
C GLY A 111 -13.36 19.21 -5.21
N GLY A 1 -17.61 -9.18 12.54
CA GLY A 1 -17.92 -7.77 12.47
C GLY A 1 -16.76 -6.95 11.96
N SER A 2 -16.46 -5.86 12.65
CA SER A 2 -15.35 -4.98 12.26
C SER A 2 -14.01 -5.58 12.65
N SER A 3 -13.00 -5.32 11.82
CA SER A 3 -11.66 -5.83 12.08
C SER A 3 -10.64 -4.70 12.12
N GLY A 4 -10.00 -4.54 13.28
CA GLY A 4 -9.01 -3.49 13.44
C GLY A 4 -8.86 -3.04 14.88
N SER A 5 -7.64 -3.06 15.39
CA SER A 5 -7.37 -2.66 16.77
C SER A 5 -6.27 -1.61 16.82
N SER A 6 -6.60 -0.45 17.37
CA SER A 6 -5.64 0.65 17.48
C SER A 6 -4.45 0.24 18.35
N GLY A 7 -3.28 0.78 18.03
CA GLY A 7 -2.08 0.46 18.79
C GLY A 7 -1.13 -0.44 18.03
N GLU A 8 -1.35 -1.74 18.12
CA GLU A 8 -0.51 -2.71 17.42
C GLU A 8 -1.19 -3.23 16.17
N HIS A 9 -1.68 -2.31 15.34
CA HIS A 9 -2.36 -2.67 14.10
C HIS A 9 -1.34 -2.93 12.99
N ILE A 10 -1.79 -3.58 11.92
CA ILE A 10 -0.93 -3.89 10.78
C ILE A 10 0.02 -2.72 10.48
N VAL A 11 1.32 -2.99 10.56
CA VAL A 11 2.32 -1.97 10.30
C VAL A 11 3.38 -2.49 9.34
N PRO A 12 3.67 -1.71 8.28
CA PRO A 12 4.67 -2.06 7.28
C PRO A 12 5.99 -2.52 7.90
N SER A 13 6.44 -3.71 7.53
CA SER A 13 7.68 -4.25 8.05
C SER A 13 8.88 -3.45 7.56
N ASN A 14 10.06 -3.78 8.09
CA ASN A 14 11.28 -3.09 7.70
C ASN A 14 11.50 -3.17 6.19
N GLN A 15 11.31 -4.36 5.63
CA GLN A 15 11.49 -4.57 4.20
C GLN A 15 10.27 -4.07 3.43
N GLN A 16 9.09 -4.25 4.01
CA GLN A 16 7.86 -3.83 3.37
C GLN A 16 7.78 -2.30 3.30
N GLN A 17 7.08 -1.80 2.29
CA GLN A 17 6.94 -0.36 2.10
C GLN A 17 5.57 -0.03 1.51
N ILE A 18 5.08 1.17 1.83
CA ILE A 18 3.78 1.61 1.32
C ILE A 18 3.92 2.29 -0.04
N VAL A 19 3.14 1.84 -1.01
CA VAL A 19 3.18 2.40 -2.36
C VAL A 19 1.77 2.66 -2.88
N ARG A 20 1.68 3.46 -3.95
CA ARG A 20 0.39 3.78 -4.54
C ARG A 20 0.25 3.15 -5.92
N VAL A 21 -0.88 2.50 -6.16
CA VAL A 21 -1.13 1.85 -7.44
C VAL A 21 -1.29 2.86 -8.56
N LEU A 22 -0.71 2.58 -9.72
CA LEU A 22 -0.79 3.47 -10.86
C LEU A 22 -1.61 2.84 -11.98
N ARG A 23 -1.17 1.67 -12.45
CA ARG A 23 -1.87 0.97 -13.52
C ARG A 23 -1.72 -0.53 -13.36
N THR A 24 -2.30 -1.28 -14.30
CA THR A 24 -2.24 -2.75 -14.26
C THR A 24 -2.41 -3.34 -15.66
N PRO A 25 -1.38 -4.05 -16.14
CA PRO A 25 -1.40 -4.69 -17.46
C PRO A 25 -2.38 -5.87 -17.52
N GLY A 26 -2.99 -6.18 -16.38
CA GLY A 26 -3.93 -7.28 -16.33
C GLY A 26 -3.36 -8.51 -15.65
N ASN A 27 -2.12 -8.85 -15.99
CA ASN A 27 -1.46 -10.00 -15.41
C ASN A 27 -1.50 -9.94 -13.89
N ASN A 28 -0.82 -10.89 -13.25
CA ASN A 28 -0.79 -10.95 -11.78
C ASN A 28 0.25 -9.97 -11.23
N LEU A 29 0.32 -8.79 -11.82
CA LEU A 29 1.25 -7.77 -11.38
C LEU A 29 0.59 -6.40 -11.31
N HIS A 30 1.30 -5.42 -10.76
CA HIS A 30 0.77 -4.07 -10.63
C HIS A 30 1.91 -3.05 -10.56
N GLU A 31 1.73 -1.93 -11.24
CA GLU A 31 2.73 -0.87 -11.26
C GLU A 31 2.41 0.20 -10.22
N VAL A 32 3.25 0.29 -9.19
CA VAL A 32 3.05 1.28 -8.13
C VAL A 32 4.22 2.26 -8.07
N GLU A 33 4.14 3.21 -7.14
CA GLU A 33 5.20 4.20 -6.97
C GLU A 33 5.48 4.45 -5.50
N THR A 34 6.75 4.69 -5.18
CA THR A 34 7.16 4.94 -3.81
C THR A 34 7.11 6.43 -3.48
N ALA A 35 7.18 6.75 -2.20
CA ALA A 35 7.14 8.14 -1.76
C ALA A 35 8.27 8.95 -2.40
N GLN A 36 9.35 8.27 -2.74
CA GLN A 36 10.50 8.94 -3.36
C GLN A 36 10.34 8.99 -4.88
N GLY A 37 9.09 9.00 -5.34
CA GLY A 37 8.82 9.05 -6.76
C GLY A 37 9.54 7.96 -7.52
N GLN A 38 9.37 6.72 -7.07
CA GLN A 38 10.02 5.58 -7.72
C GLN A 38 8.98 4.60 -8.25
N ARG A 39 8.75 4.65 -9.56
CA ARG A 39 7.79 3.77 -10.21
C ARG A 39 8.37 2.37 -10.42
N PHE A 40 7.54 1.36 -10.24
CA PHE A 40 7.96 -0.02 -10.41
C PHE A 40 6.76 -0.97 -10.45
N LEU A 41 7.05 -2.26 -10.62
CA LEU A 41 5.99 -3.27 -10.67
C LEU A 41 6.07 -4.20 -9.47
N VAL A 42 4.96 -4.87 -9.17
CA VAL A 42 4.91 -5.80 -8.04
C VAL A 42 4.11 -7.05 -8.40
N SER A 43 4.45 -8.16 -7.75
CA SER A 43 3.76 -9.42 -8.00
C SER A 43 2.68 -9.67 -6.95
N MET A 44 1.75 -10.56 -7.27
CA MET A 44 0.66 -10.89 -6.36
C MET A 44 0.95 -12.18 -5.60
N PRO A 45 0.74 -12.14 -4.27
CA PRO A 45 0.99 -13.30 -3.41
C PRO A 45 0.35 -14.58 -3.96
N SER A 46 0.79 -15.72 -3.43
CA SER A 46 0.26 -17.00 -3.87
C SER A 46 -1.08 -17.29 -3.21
N LYS A 47 -1.21 -16.91 -1.95
CA LYS A 47 -2.45 -17.13 -1.20
C LYS A 47 -3.54 -16.19 -1.67
N TYR A 48 -3.16 -15.16 -2.42
CA TYR A 48 -4.11 -14.18 -2.94
C TYR A 48 -4.54 -14.53 -4.35
N ARG A 49 -4.43 -15.82 -4.69
CA ARG A 49 -4.79 -16.28 -6.03
C ARG A 49 -6.26 -15.97 -6.33
N LYS A 50 -6.52 -14.72 -6.72
CA LYS A 50 -7.87 -14.28 -7.03
C LYS A 50 -7.86 -12.92 -7.72
N ASN A 51 -9.02 -12.49 -8.20
CA ASN A 51 -9.14 -11.21 -8.87
C ASN A 51 -9.52 -10.10 -7.89
N ILE A 52 -8.52 -9.59 -7.18
CA ILE A 52 -8.75 -8.53 -6.20
C ILE A 52 -9.04 -7.20 -6.88
N TRP A 53 -9.98 -6.44 -6.33
CA TRP A 53 -10.35 -5.15 -6.88
C TRP A 53 -9.29 -4.11 -6.58
N ILE A 54 -8.52 -3.74 -7.60
CA ILE A 54 -7.47 -2.74 -7.45
C ILE A 54 -7.63 -1.61 -8.46
N LYS A 55 -7.48 -0.38 -8.00
CA LYS A 55 -7.61 0.80 -8.86
C LYS A 55 -6.40 1.72 -8.70
N ARG A 56 -6.35 2.77 -9.52
CA ARG A 56 -5.26 3.73 -9.45
C ARG A 56 -5.42 4.67 -8.26
N GLY A 57 -4.38 4.76 -7.44
CA GLY A 57 -4.43 5.62 -6.27
C GLY A 57 -4.48 4.84 -4.98
N ASP A 58 -4.92 3.60 -5.06
CA ASP A 58 -5.02 2.74 -3.89
C ASP A 58 -3.64 2.46 -3.30
N PHE A 59 -3.49 2.69 -2.00
CA PHE A 59 -2.22 2.46 -1.32
C PHE A 59 -2.13 1.04 -0.78
N LEU A 60 -1.04 0.36 -1.08
CA LEU A 60 -0.83 -1.00 -0.62
C LEU A 60 0.57 -1.18 -0.04
N ILE A 61 0.77 -2.28 0.68
CA ILE A 61 2.06 -2.57 1.30
C ILE A 61 2.77 -3.71 0.57
N VAL A 62 3.78 -3.36 -0.21
CA VAL A 62 4.54 -4.35 -0.97
C VAL A 62 5.79 -4.79 -0.19
N ASP A 63 6.29 -5.97 -0.53
CA ASP A 63 7.48 -6.50 0.13
C ASP A 63 8.57 -6.83 -0.87
N PRO A 64 9.75 -6.22 -0.70
CA PRO A 64 10.90 -6.42 -1.58
C PRO A 64 11.49 -7.81 -1.44
N ILE A 65 11.94 -8.38 -2.56
CA ILE A 65 12.53 -9.72 -2.56
C ILE A 65 13.97 -9.67 -3.06
N GLU A 66 14.77 -10.65 -2.64
CA GLU A 66 16.17 -10.72 -3.05
C GLU A 66 16.29 -11.14 -4.51
N GLU A 67 17.53 -11.29 -4.97
CA GLU A 67 17.77 -11.68 -6.35
C GLU A 67 16.74 -12.70 -6.83
N GLY A 68 16.04 -12.37 -7.90
CA GLY A 68 15.04 -13.26 -8.44
C GLY A 68 14.45 -12.76 -9.75
N GLU A 69 13.13 -12.74 -9.84
CA GLU A 69 12.45 -12.28 -11.05
C GLU A 69 12.65 -10.78 -11.26
N LYS A 70 12.00 -10.24 -12.27
CA LYS A 70 12.10 -8.81 -12.57
C LYS A 70 11.15 -8.00 -11.70
N VAL A 71 10.72 -8.59 -10.58
CA VAL A 71 9.81 -7.92 -9.66
C VAL A 71 10.57 -7.35 -8.47
N LYS A 72 10.25 -6.11 -8.11
CA LYS A 72 10.89 -5.44 -6.99
C LYS A 72 10.33 -5.94 -5.66
N ALA A 73 9.01 -5.92 -5.54
CA ALA A 73 8.34 -6.37 -4.32
C ALA A 73 7.00 -7.01 -4.64
N GLU A 74 6.32 -7.52 -3.61
CA GLU A 74 5.03 -8.16 -3.78
C GLU A 74 4.01 -7.59 -2.80
N ILE A 75 2.78 -7.40 -3.28
CA ILE A 75 1.71 -6.86 -2.45
C ILE A 75 1.53 -7.68 -1.17
N SER A 76 1.32 -6.99 -0.06
CA SER A 76 1.13 -7.66 1.23
C SER A 76 -0.32 -7.57 1.68
N PHE A 77 -0.89 -6.37 1.62
CA PHE A 77 -2.27 -6.15 2.02
C PHE A 77 -2.86 -4.95 1.30
N VAL A 78 -4.18 -4.77 1.43
CA VAL A 78 -4.87 -3.66 0.80
C VAL A 78 -5.31 -2.62 1.82
N LEU A 79 -4.58 -1.51 1.88
CA LEU A 79 -4.89 -0.44 2.81
C LEU A 79 -6.23 0.22 2.46
N CYS A 80 -6.91 0.72 3.48
CA CYS A 80 -8.20 1.38 3.28
C CYS A 80 -8.24 2.73 3.99
N LYS A 81 -9.21 3.56 3.62
CA LYS A 81 -9.35 4.87 4.22
C LYS A 81 -9.04 4.84 5.71
N ASP A 82 -9.50 3.80 6.39
CA ASP A 82 -9.27 3.64 7.82
C ASP A 82 -7.79 3.36 8.10
N HIS A 83 -7.31 2.21 7.60
CA HIS A 83 -5.93 1.83 7.79
C HIS A 83 -5.01 3.04 7.76
N VAL A 84 -5.03 3.76 6.65
CA VAL A 84 -4.21 4.96 6.49
C VAL A 84 -4.08 5.72 7.80
N ARG A 85 -5.21 6.14 8.35
CA ARG A 85 -5.23 6.88 9.61
C ARG A 85 -4.30 6.24 10.63
N SER A 86 -4.51 4.96 10.89
CA SER A 86 -3.69 4.23 11.85
C SER A 86 -2.21 4.51 11.63
N LEU A 87 -1.75 4.29 10.40
CA LEU A 87 -0.35 4.53 10.06
C LEU A 87 0.01 6.00 10.22
N GLN A 88 -0.93 6.86 9.85
CA GLN A 88 -0.72 8.31 9.95
C GLN A 88 -0.47 8.73 11.40
N LYS A 89 -1.23 8.13 12.31
CA LYS A 89 -1.11 8.44 13.73
C LYS A 89 0.17 7.86 14.30
N GLU A 90 0.44 6.59 14.00
CA GLU A 90 1.63 5.91 14.48
C GLU A 90 2.89 6.61 13.97
N GLY A 91 2.74 7.37 12.89
CA GLY A 91 3.87 8.07 12.32
C GLY A 91 4.63 7.23 11.31
N PHE A 92 3.91 6.38 10.58
CA PHE A 92 4.52 5.51 9.58
C PHE A 92 4.21 6.00 8.17
N TRP A 93 2.99 6.49 7.98
CA TRP A 93 2.55 6.99 6.69
C TRP A 93 3.60 7.93 6.08
N PRO A 94 3.85 7.78 4.77
CA PRO A 94 4.82 8.60 4.05
C PRO A 94 4.37 10.05 3.90
N GLU A 95 5.10 10.81 3.09
CA GLU A 95 4.76 12.21 2.87
C GLU A 95 4.23 12.43 1.45
N ALA A 96 4.79 11.68 0.50
CA ALA A 96 4.38 11.78 -0.89
C ALA A 96 2.92 11.40 -1.07
N PHE A 97 2.41 10.60 -0.13
CA PHE A 97 1.02 10.16 -0.18
C PHE A 97 0.21 10.78 0.96
N SER A 98 0.70 11.90 1.48
CA SER A 98 0.02 12.60 2.57
C SER A 98 -0.76 13.80 2.05
N GLU A 99 -0.17 14.50 1.08
CA GLU A 99 -0.81 15.67 0.49
C GLU A 99 -1.77 15.27 -0.62
N VAL A 100 -2.28 14.05 -0.55
CA VAL A 100 -3.21 13.53 -1.54
C VAL A 100 -4.57 13.23 -0.94
N ALA A 101 -4.57 12.89 0.35
CA ALA A 101 -5.81 12.59 1.06
C ALA A 101 -6.54 13.86 1.47
N GLU A 102 -5.82 14.76 2.12
CA GLU A 102 -6.40 16.02 2.57
C GLU A 102 -7.17 16.69 1.43
N LYS A 103 -6.74 16.45 0.20
CA LYS A 103 -7.38 17.03 -0.97
C LYS A 103 -8.48 16.13 -1.50
N HIS A 104 -8.34 14.82 -1.26
CA HIS A 104 -9.32 13.85 -1.70
C HIS A 104 -10.15 13.35 -0.53
N ASN A 105 -11.10 14.16 -0.09
CA ASN A 105 -11.97 13.81 1.03
C ASN A 105 -13.43 13.83 0.62
N SER A 106 -14.30 13.31 1.48
CA SER A 106 -15.73 13.28 1.20
C SER A 106 -16.45 14.43 1.89
N GLY A 107 -17.32 15.09 1.15
CA GLY A 107 -18.07 16.21 1.71
C GLY A 107 -17.54 17.55 1.22
N PRO A 108 -18.45 18.53 1.09
CA PRO A 108 -18.10 19.88 0.62
C PRO A 108 -17.29 20.65 1.66
N SER A 109 -15.96 20.62 1.50
CA SER A 109 -15.07 21.32 2.43
C SER A 109 -15.58 21.21 3.86
N SER A 110 -16.07 20.02 4.23
CA SER A 110 -16.60 19.79 5.56
C SER A 110 -16.47 18.32 5.95
N GLY A 111 -16.00 18.08 7.16
CA GLY A 111 -15.84 16.71 7.64
C GLY A 111 -17.12 15.91 7.51
N GLY A 1 -11.53 -11.44 23.39
CA GLY A 1 -11.93 -10.06 23.59
C GLY A 1 -11.39 -9.49 24.89
N SER A 2 -11.81 -8.28 25.22
CA SER A 2 -11.36 -7.61 26.44
C SER A 2 -9.87 -7.29 26.36
N SER A 3 -9.44 -6.79 25.20
CA SER A 3 -8.04 -6.44 25.00
C SER A 3 -7.68 -5.16 25.74
N GLY A 4 -8.54 -4.14 25.59
CA GLY A 4 -8.30 -2.87 26.26
C GLY A 4 -8.22 -1.71 25.28
N SER A 5 -7.78 -0.56 25.76
CA SER A 5 -7.67 0.63 24.93
C SER A 5 -6.28 0.75 24.33
N SER A 6 -6.03 0.02 23.25
CA SER A 6 -4.74 0.04 22.58
C SER A 6 -4.90 0.24 21.08
N GLY A 7 -4.03 1.07 20.50
CA GLY A 7 -4.10 1.33 19.08
C GLY A 7 -2.97 0.68 18.31
N GLU A 8 -3.04 -0.64 18.17
CA GLU A 8 -2.01 -1.38 17.45
C GLU A 8 -2.62 -2.16 16.29
N HIS A 9 -2.37 -1.68 15.07
CA HIS A 9 -2.89 -2.33 13.87
C HIS A 9 -1.76 -2.65 12.89
N ILE A 10 -2.08 -3.46 11.89
CA ILE A 10 -1.09 -3.85 10.88
C ILE A 10 -0.14 -2.70 10.57
N VAL A 11 1.15 -2.93 10.78
CA VAL A 11 2.16 -1.91 10.52
C VAL A 11 3.28 -2.45 9.63
N PRO A 12 3.54 -1.75 8.51
CA PRO A 12 4.57 -2.15 7.55
C PRO A 12 5.89 -2.48 8.24
N SER A 13 6.37 -3.71 8.05
CA SER A 13 7.62 -4.14 8.65
C SER A 13 8.80 -3.39 8.05
N ASN A 14 9.96 -3.53 8.68
CA ASN A 14 11.17 -2.85 8.21
C ASN A 14 11.41 -3.13 6.73
N GLN A 15 11.09 -4.34 6.30
CA GLN A 15 11.27 -4.73 4.91
C GLN A 15 10.08 -4.28 4.06
N GLN A 16 8.88 -4.37 4.63
CA GLN A 16 7.68 -3.97 3.93
C GLN A 16 7.64 -2.46 3.70
N GLN A 17 7.08 -2.04 2.58
CA GLN A 17 6.98 -0.63 2.25
C GLN A 17 5.61 -0.29 1.67
N ILE A 18 5.18 0.95 1.87
CA ILE A 18 3.89 1.40 1.38
C ILE A 18 4.03 2.13 0.04
N VAL A 19 3.23 1.73 -0.94
CA VAL A 19 3.26 2.34 -2.26
C VAL A 19 1.86 2.65 -2.76
N ARG A 20 1.77 3.22 -3.96
CA ARG A 20 0.49 3.56 -4.55
C ARG A 20 0.35 2.94 -5.94
N VAL A 21 -0.84 2.44 -6.24
CA VAL A 21 -1.11 1.82 -7.53
C VAL A 21 -1.30 2.87 -8.62
N LEU A 22 -0.97 2.49 -9.85
CA LEU A 22 -1.11 3.40 -10.99
C LEU A 22 -1.92 2.76 -12.11
N ARG A 23 -1.47 1.59 -12.55
CA ARG A 23 -2.16 0.87 -13.62
C ARG A 23 -1.90 -0.63 -13.52
N THR A 24 -2.73 -1.42 -14.20
CA THR A 24 -2.58 -2.87 -14.19
C THR A 24 -2.72 -3.45 -15.59
N PRO A 25 -1.66 -4.12 -16.07
CA PRO A 25 -1.63 -4.73 -17.39
C PRO A 25 -2.55 -5.94 -17.50
N GLY A 26 -3.22 -6.26 -16.39
CA GLY A 26 -4.12 -7.39 -16.39
C GLY A 26 -3.53 -8.60 -15.70
N ASN A 27 -2.25 -8.85 -15.94
CA ASN A 27 -1.56 -9.99 -15.35
C ASN A 27 -1.57 -9.89 -13.82
N ASN A 28 -0.88 -10.82 -13.17
CA ASN A 28 -0.81 -10.84 -11.72
C ASN A 28 0.25 -9.86 -11.21
N LEU A 29 0.30 -8.69 -11.84
CA LEU A 29 1.26 -7.65 -11.46
C LEU A 29 0.58 -6.29 -11.34
N HIS A 30 1.28 -5.33 -10.74
CA HIS A 30 0.75 -3.99 -10.58
C HIS A 30 1.88 -2.95 -10.52
N GLU A 31 1.77 -1.93 -11.36
CA GLU A 31 2.79 -0.88 -11.40
C GLU A 31 2.51 0.18 -10.35
N VAL A 32 3.27 0.14 -9.26
CA VAL A 32 3.11 1.10 -8.18
C VAL A 32 4.31 2.03 -8.10
N GLU A 33 4.27 2.97 -7.15
CA GLU A 33 5.34 3.94 -6.98
C GLU A 33 5.55 4.25 -5.50
N THR A 34 6.80 4.53 -5.13
CA THR A 34 7.13 4.84 -3.75
C THR A 34 6.97 6.33 -3.47
N ALA A 35 7.27 6.73 -2.24
CA ALA A 35 7.15 8.13 -1.84
C ALA A 35 8.30 8.96 -2.41
N GLN A 36 9.38 8.27 -2.78
CA GLN A 36 10.55 8.95 -3.34
C GLN A 36 10.46 9.03 -4.87
N GLY A 37 9.23 8.96 -5.39
CA GLY A 37 9.03 9.02 -6.82
C GLY A 37 9.76 7.92 -7.56
N GLN A 38 9.40 6.68 -7.26
CA GLN A 38 10.03 5.52 -7.91
C GLN A 38 8.98 4.52 -8.38
N ARG A 39 8.69 4.55 -9.68
CA ARG A 39 7.70 3.64 -10.25
C ARG A 39 8.30 2.27 -10.49
N PHE A 40 7.50 1.23 -10.27
CA PHE A 40 7.95 -0.14 -10.46
C PHE A 40 6.78 -1.11 -10.47
N LEU A 41 7.06 -2.38 -10.74
CA LEU A 41 6.03 -3.41 -10.78
C LEU A 41 6.09 -4.31 -9.55
N VAL A 42 4.97 -4.93 -9.22
CA VAL A 42 4.90 -5.81 -8.06
C VAL A 42 4.06 -7.05 -8.36
N SER A 43 4.49 -8.19 -7.83
CA SER A 43 3.79 -9.45 -8.04
C SER A 43 2.71 -9.66 -6.97
N MET A 44 1.76 -10.55 -7.28
CA MET A 44 0.68 -10.84 -6.35
C MET A 44 0.93 -12.16 -5.61
N PRO A 45 0.76 -12.14 -4.29
CA PRO A 45 0.97 -13.32 -3.45
C PRO A 45 0.27 -14.56 -4.01
N SER A 46 0.55 -15.71 -3.42
CA SER A 46 -0.05 -16.96 -3.86
C SER A 46 -1.43 -17.17 -3.23
N LYS A 47 -1.53 -16.84 -1.94
CA LYS A 47 -2.79 -16.98 -1.22
C LYS A 47 -3.83 -16.00 -1.76
N TYR A 48 -3.37 -14.89 -2.31
CA TYR A 48 -4.26 -13.88 -2.85
C TYR A 48 -4.66 -14.22 -4.29
N ARG A 49 -4.61 -15.51 -4.62
CA ARG A 49 -4.96 -15.97 -5.95
C ARG A 49 -6.42 -15.62 -6.28
N LYS A 50 -6.65 -14.36 -6.64
CA LYS A 50 -8.00 -13.91 -6.97
C LYS A 50 -7.98 -12.46 -7.46
N ASN A 51 -8.69 -12.21 -8.55
CA ASN A 51 -8.76 -10.87 -9.12
C ASN A 51 -9.25 -9.86 -8.09
N ILE A 52 -8.32 -9.30 -7.32
CA ILE A 52 -8.67 -8.33 -6.29
C ILE A 52 -9.02 -6.97 -6.91
N TRP A 53 -9.80 -6.18 -6.20
CA TRP A 53 -10.20 -4.87 -6.67
C TRP A 53 -9.12 -3.84 -6.40
N ILE A 54 -8.18 -3.70 -7.33
CA ILE A 54 -7.08 -2.75 -7.19
C ILE A 54 -7.14 -1.68 -8.28
N LYS A 55 -7.36 -0.44 -7.87
CA LYS A 55 -7.44 0.67 -8.82
C LYS A 55 -6.35 1.70 -8.52
N ARG A 56 -6.19 2.67 -9.42
CA ARG A 56 -5.20 3.72 -9.25
C ARG A 56 -5.42 4.47 -7.95
N GLY A 57 -4.33 4.92 -7.34
CA GLY A 57 -4.42 5.65 -6.09
C GLY A 57 -4.38 4.75 -4.88
N ASP A 58 -4.98 3.57 -5.01
CA ASP A 58 -5.01 2.60 -3.91
C ASP A 58 -3.60 2.32 -3.40
N PHE A 59 -3.39 2.57 -2.11
CA PHE A 59 -2.09 2.34 -1.49
C PHE A 59 -1.99 0.92 -0.93
N LEU A 60 -0.91 0.22 -1.29
CA LEU A 60 -0.71 -1.14 -0.82
C LEU A 60 0.68 -1.30 -0.20
N ILE A 61 0.90 -2.42 0.48
CA ILE A 61 2.18 -2.69 1.11
C ILE A 61 2.92 -3.83 0.42
N VAL A 62 3.96 -3.48 -0.31
CA VAL A 62 4.75 -4.48 -1.03
C VAL A 62 6.05 -4.79 -0.29
N ASP A 63 6.61 -5.97 -0.56
CA ASP A 63 7.85 -6.39 0.09
C ASP A 63 8.92 -6.70 -0.96
N PRO A 64 10.12 -6.12 -0.78
CA PRO A 64 11.24 -6.32 -1.69
C PRO A 64 11.81 -7.73 -1.61
N ILE A 65 12.23 -8.26 -2.75
CA ILE A 65 12.79 -9.61 -2.80
C ILE A 65 14.23 -9.58 -3.31
N GLU A 66 15.01 -10.58 -2.92
CA GLU A 66 16.41 -10.67 -3.34
C GLU A 66 16.51 -10.95 -4.83
N GLU A 67 17.74 -11.00 -5.33
CA GLU A 67 17.97 -11.26 -6.75
C GLU A 67 17.05 -12.36 -7.27
N GLY A 68 16.14 -11.99 -8.16
CA GLY A 68 15.21 -12.96 -8.71
C GLY A 68 14.54 -12.47 -9.98
N GLU A 69 13.26 -12.77 -10.13
CA GLU A 69 12.51 -12.36 -11.32
C GLU A 69 12.67 -10.86 -11.55
N LYS A 70 11.94 -10.35 -12.54
CA LYS A 70 11.99 -8.93 -12.88
C LYS A 70 11.08 -8.12 -11.96
N VAL A 71 10.71 -8.71 -10.83
CA VAL A 71 9.84 -8.05 -9.87
C VAL A 71 10.65 -7.45 -8.71
N LYS A 72 10.28 -6.24 -8.30
CA LYS A 72 10.97 -5.56 -7.21
C LYS A 72 10.42 -6.03 -5.86
N ALA A 73 9.10 -6.11 -5.76
CA ALA A 73 8.45 -6.54 -4.53
C ALA A 73 7.08 -7.15 -4.80
N GLU A 74 6.41 -7.61 -3.75
CA GLU A 74 5.10 -8.22 -3.89
C GLU A 74 4.14 -7.67 -2.84
N ILE A 75 2.90 -7.41 -3.25
CA ILE A 75 1.89 -6.88 -2.35
C ILE A 75 1.71 -7.78 -1.13
N SER A 76 1.40 -7.18 0.01
CA SER A 76 1.21 -7.93 1.25
C SER A 76 -0.23 -7.82 1.73
N PHE A 77 -0.78 -6.61 1.65
CA PHE A 77 -2.15 -6.36 2.09
C PHE A 77 -2.76 -5.19 1.33
N VAL A 78 -4.05 -4.95 1.54
CA VAL A 78 -4.75 -3.86 0.89
C VAL A 78 -5.21 -2.82 1.90
N LEU A 79 -4.51 -1.69 1.95
CA LEU A 79 -4.86 -0.61 2.87
C LEU A 79 -6.18 0.04 2.48
N CYS A 80 -6.85 0.63 3.46
CA CYS A 80 -8.12 1.29 3.22
C CYS A 80 -8.15 2.67 3.88
N LYS A 81 -9.05 3.52 3.41
CA LYS A 81 -9.18 4.87 3.96
C LYS A 81 -8.93 4.87 5.46
N ASP A 82 -9.52 3.91 6.17
CA ASP A 82 -9.35 3.80 7.61
C ASP A 82 -7.90 3.51 7.96
N HIS A 83 -7.41 2.35 7.53
CA HIS A 83 -6.03 1.95 7.81
C HIS A 83 -5.10 3.16 7.76
N VAL A 84 -5.06 3.82 6.61
CA VAL A 84 -4.20 4.99 6.43
C VAL A 84 -4.10 5.80 7.72
N ARG A 85 -5.24 6.27 8.22
CA ARG A 85 -5.29 7.05 9.44
C ARG A 85 -4.37 6.44 10.51
N SER A 86 -4.65 5.19 10.86
CA SER A 86 -3.85 4.49 11.87
C SER A 86 -2.37 4.77 11.68
N LEU A 87 -1.83 4.38 10.53
CA LEU A 87 -0.42 4.59 10.24
C LEU A 87 -0.05 6.07 10.38
N GLN A 88 -0.91 6.94 9.87
CA GLN A 88 -0.68 8.38 9.94
C GLN A 88 -0.50 8.83 11.39
N LYS A 89 -1.29 8.25 12.28
CA LYS A 89 -1.22 8.60 13.70
C LYS A 89 0.05 8.03 14.33
N GLU A 90 0.31 6.75 14.06
CA GLU A 90 1.49 6.09 14.62
C GLU A 90 2.77 6.75 14.10
N GLY A 91 2.66 7.43 12.97
CA GLY A 91 3.82 8.10 12.39
C GLY A 91 4.59 7.21 11.44
N PHE A 92 3.87 6.44 10.63
CA PHE A 92 4.48 5.54 9.68
C PHE A 92 4.16 5.95 8.25
N TRP A 93 2.94 6.45 8.03
CA TRP A 93 2.51 6.90 6.72
C TRP A 93 3.50 7.89 6.12
N PRO A 94 3.76 7.75 4.81
CA PRO A 94 4.70 8.63 4.10
C PRO A 94 4.14 10.04 3.94
N GLU A 95 4.87 10.88 3.21
CA GLU A 95 4.46 12.26 2.98
C GLU A 95 4.02 12.45 1.53
N ALA A 96 4.67 11.75 0.61
CA ALA A 96 4.34 11.85 -0.81
C ALA A 96 2.95 11.32 -1.08
N PHE A 97 2.33 10.73 -0.07
CA PHE A 97 0.99 10.17 -0.20
C PHE A 97 0.05 10.76 0.85
N SER A 98 0.50 11.81 1.53
CA SER A 98 -0.29 12.45 2.56
C SER A 98 -1.10 13.61 1.98
N GLU A 99 -0.57 14.25 0.95
CA GLU A 99 -1.24 15.37 0.31
C GLU A 99 -2.05 14.90 -0.90
N VAL A 100 -2.42 13.63 -0.89
CA VAL A 100 -3.19 13.06 -1.99
C VAL A 100 -4.54 12.54 -1.50
N ALA A 101 -4.68 12.44 -0.18
CA ALA A 101 -5.92 11.95 0.42
C ALA A 101 -6.72 13.10 1.02
N GLU A 102 -6.94 14.14 0.22
CA GLU A 102 -7.69 15.31 0.68
C GLU A 102 -8.95 15.51 -0.17
N LYS A 103 -8.79 15.39 -1.48
CA LYS A 103 -9.91 15.55 -2.40
C LYS A 103 -10.75 14.29 -2.48
N HIS A 104 -10.12 13.15 -2.20
CA HIS A 104 -10.81 11.86 -2.22
C HIS A 104 -12.09 11.92 -1.41
N ASN A 105 -12.00 12.44 -0.19
CA ASN A 105 -13.16 12.55 0.68
C ASN A 105 -13.96 13.81 0.37
N SER A 106 -15.26 13.65 0.15
CA SER A 106 -16.13 14.77 -0.16
C SER A 106 -15.63 15.54 -1.37
N GLY A 107 -15.33 14.81 -2.45
CA GLY A 107 -14.83 15.44 -3.65
C GLY A 107 -15.53 14.93 -4.90
N PRO A 108 -14.88 15.09 -6.06
CA PRO A 108 -15.43 14.66 -7.35
C PRO A 108 -15.48 13.14 -7.47
N SER A 109 -15.08 12.45 -6.41
CA SER A 109 -15.08 10.98 -6.40
C SER A 109 -16.40 10.44 -6.91
N SER A 110 -16.33 9.39 -7.74
CA SER A 110 -17.51 8.78 -8.30
C SER A 110 -18.46 8.32 -7.20
N GLY A 111 -19.77 8.49 -7.43
CA GLY A 111 -20.75 8.09 -6.45
C GLY A 111 -22.11 8.70 -6.71
N GLY A 1 -7.01 -16.93 11.64
CA GLY A 1 -8.13 -16.06 11.94
C GLY A 1 -7.79 -14.59 11.75
N SER A 2 -8.76 -13.73 12.01
CA SER A 2 -8.56 -12.28 11.86
C SER A 2 -8.16 -11.65 13.18
N SER A 3 -7.27 -10.66 13.11
CA SER A 3 -6.79 -9.97 14.31
C SER A 3 -7.92 -9.22 15.00
N GLY A 4 -7.75 -8.95 16.28
CA GLY A 4 -8.77 -8.24 17.03
C GLY A 4 -8.18 -7.37 18.13
N SER A 5 -7.15 -7.88 18.80
CA SER A 5 -6.50 -7.15 19.88
C SER A 5 -6.39 -5.67 19.54
N SER A 6 -7.26 -4.87 20.13
CA SER A 6 -7.27 -3.43 19.89
C SER A 6 -5.90 -2.82 20.17
N GLY A 7 -5.38 -2.07 19.21
CA GLY A 7 -4.08 -1.44 19.37
C GLY A 7 -3.12 -1.81 18.26
N GLU A 8 -2.25 -2.80 18.53
CA GLU A 8 -1.28 -3.25 17.55
C GLU A 8 -1.97 -3.75 16.28
N HIS A 9 -1.99 -2.91 15.26
CA HIS A 9 -2.63 -3.27 14.00
C HIS A 9 -1.58 -3.48 12.90
N ILE A 10 -2.02 -3.97 11.75
CA ILE A 10 -1.11 -4.21 10.63
C ILE A 10 -0.20 -3.01 10.39
N VAL A 11 1.09 -3.21 10.60
CA VAL A 11 2.06 -2.16 10.40
C VAL A 11 3.15 -2.58 9.42
N PRO A 12 3.43 -1.71 8.44
CA PRO A 12 4.45 -1.98 7.41
C PRO A 12 5.76 -2.45 8.02
N SER A 13 6.18 -3.66 7.64
CA SER A 13 7.42 -4.23 8.15
C SER A 13 8.63 -3.50 7.58
N ASN A 14 9.73 -3.50 8.33
CA ASN A 14 10.95 -2.84 7.90
C ASN A 14 11.21 -3.09 6.42
N GLN A 15 11.17 -4.36 6.02
CA GLN A 15 11.42 -4.75 4.64
C GLN A 15 10.31 -4.21 3.73
N GLN A 16 9.07 -4.39 4.17
CA GLN A 16 7.91 -3.93 3.39
C GLN A 16 7.97 -2.42 3.19
N GLN A 17 7.03 -1.89 2.41
CA GLN A 17 6.96 -0.47 2.15
C GLN A 17 5.59 -0.07 1.62
N ILE A 18 5.21 1.19 1.85
CA ILE A 18 3.92 1.69 1.39
C ILE A 18 4.04 2.38 0.04
N VAL A 19 3.24 1.93 -0.93
CA VAL A 19 3.27 2.51 -2.26
C VAL A 19 1.85 2.72 -2.80
N ARG A 20 1.74 3.50 -3.86
CA ARG A 20 0.44 3.79 -4.47
C ARG A 20 0.34 3.17 -5.85
N VAL A 21 -0.82 2.59 -6.16
CA VAL A 21 -1.04 1.97 -7.45
C VAL A 21 -1.16 3.02 -8.56
N LEU A 22 -0.94 2.60 -9.80
CA LEU A 22 -1.01 3.50 -10.94
C LEU A 22 -1.91 2.94 -12.03
N ARG A 23 -1.51 1.79 -12.59
CA ARG A 23 -2.29 1.14 -13.64
C ARG A 23 -1.95 -0.34 -13.73
N THR A 24 -2.97 -1.18 -13.69
CA THR A 24 -2.78 -2.63 -13.77
C THR A 24 -2.92 -3.13 -15.21
N PRO A 25 -1.85 -3.75 -15.73
CA PRO A 25 -1.83 -4.28 -17.09
C PRO A 25 -2.74 -5.50 -17.25
N GLY A 26 -3.36 -5.91 -16.15
CA GLY A 26 -4.25 -7.07 -16.18
C GLY A 26 -3.60 -8.30 -15.59
N ASN A 27 -2.38 -8.61 -16.03
CA ASN A 27 -1.66 -9.77 -15.55
C ASN A 27 -1.60 -9.78 -14.02
N ASN A 28 -0.87 -10.74 -13.47
CA ASN A 28 -0.74 -10.87 -12.02
C ASN A 28 0.31 -9.90 -11.49
N LEU A 29 0.32 -8.68 -12.03
CA LEU A 29 1.28 -7.66 -11.61
C LEU A 29 0.60 -6.30 -11.48
N HIS A 30 1.24 -5.40 -10.74
CA HIS A 30 0.71 -4.06 -10.54
C HIS A 30 1.83 -3.04 -10.46
N GLU A 31 1.68 -1.94 -11.20
CA GLU A 31 2.69 -0.88 -11.21
C GLU A 31 2.40 0.15 -10.12
N VAL A 32 3.29 0.24 -9.15
CA VAL A 32 3.14 1.19 -8.05
C VAL A 32 4.30 2.18 -8.01
N GLU A 33 4.24 3.12 -7.07
CA GLU A 33 5.29 4.12 -6.92
C GLU A 33 5.56 4.41 -5.45
N THR A 34 6.83 4.63 -5.12
CA THR A 34 7.23 4.91 -3.75
C THR A 34 7.10 6.41 -3.44
N ALA A 35 7.37 6.77 -2.18
CA ALA A 35 7.30 8.16 -1.76
C ALA A 35 8.47 8.97 -2.30
N GLN A 36 9.53 8.27 -2.70
CA GLN A 36 10.72 8.91 -3.22
C GLN A 36 10.65 9.03 -4.75
N GLY A 37 9.43 8.99 -5.28
CA GLY A 37 9.25 9.08 -6.72
C GLY A 37 9.94 7.97 -7.46
N GLN A 38 9.49 6.74 -7.26
CA GLN A 38 10.09 5.58 -7.91
C GLN A 38 9.01 4.61 -8.37
N ARG A 39 8.80 4.54 -9.69
CA ARG A 39 7.79 3.66 -10.25
C ARG A 39 8.37 2.26 -10.48
N PHE A 40 7.54 1.24 -10.27
CA PHE A 40 7.98 -0.14 -10.44
C PHE A 40 6.77 -1.08 -10.46
N LEU A 41 7.04 -2.37 -10.63
CA LEU A 41 5.98 -3.38 -10.67
C LEU A 41 6.09 -4.32 -9.48
N VAL A 42 4.96 -4.94 -9.12
CA VAL A 42 4.93 -5.87 -7.99
C VAL A 42 4.11 -7.11 -8.34
N SER A 43 4.55 -8.25 -7.84
CA SER A 43 3.87 -9.52 -8.10
C SER A 43 2.77 -9.76 -7.06
N MET A 44 1.88 -10.69 -7.37
CA MET A 44 0.78 -11.01 -6.46
C MET A 44 1.10 -12.27 -5.65
N PRO A 45 0.85 -12.20 -4.34
CA PRO A 45 1.12 -13.32 -3.42
C PRO A 45 0.55 -14.64 -3.95
N SER A 46 0.93 -15.73 -3.30
CA SER A 46 0.46 -17.06 -3.71
C SER A 46 -0.87 -17.39 -3.04
N LYS A 47 -1.13 -16.77 -1.89
CA LYS A 47 -2.36 -16.99 -1.15
C LYS A 47 -3.48 -16.10 -1.68
N TYR A 48 -3.11 -15.07 -2.44
CA TYR A 48 -4.07 -14.13 -2.99
C TYR A 48 -4.47 -14.54 -4.41
N ARG A 49 -4.44 -15.85 -4.67
CA ARG A 49 -4.80 -16.37 -5.99
C ARG A 49 -6.25 -16.06 -6.32
N LYS A 50 -6.49 -14.82 -6.77
CA LYS A 50 -7.84 -14.39 -7.12
C LYS A 50 -7.81 -12.98 -7.70
N ASN A 51 -8.93 -12.58 -8.33
CA ASN A 51 -9.03 -11.26 -8.93
C ASN A 51 -9.38 -10.22 -7.87
N ILE A 52 -8.36 -9.70 -7.20
CA ILE A 52 -8.56 -8.69 -6.17
C ILE A 52 -8.88 -7.33 -6.78
N TRP A 53 -9.80 -6.60 -6.14
CA TRP A 53 -10.19 -5.29 -6.63
C TRP A 53 -9.12 -4.24 -6.34
N ILE A 54 -8.16 -4.12 -7.24
CA ILE A 54 -7.07 -3.16 -7.07
C ILE A 54 -7.13 -2.08 -8.15
N LYS A 55 -7.49 -0.86 -7.73
CA LYS A 55 -7.57 0.26 -8.67
C LYS A 55 -6.40 1.21 -8.47
N ARG A 56 -6.39 2.30 -9.24
CA ARG A 56 -5.32 3.28 -9.16
C ARG A 56 -5.53 4.20 -7.95
N GLY A 57 -4.42 4.62 -7.33
CA GLY A 57 -4.51 5.50 -6.18
C GLY A 57 -4.47 4.74 -4.87
N ASP A 58 -5.06 3.55 -4.86
CA ASP A 58 -5.09 2.72 -3.65
C ASP A 58 -3.67 2.41 -3.18
N PHE A 59 -3.40 2.70 -1.91
CA PHE A 59 -2.08 2.44 -1.33
C PHE A 59 -2.01 1.03 -0.75
N LEU A 60 -0.94 0.32 -1.07
CA LEU A 60 -0.74 -1.03 -0.57
C LEU A 60 0.66 -1.21 0.01
N ILE A 61 0.88 -2.33 0.69
CA ILE A 61 2.18 -2.63 1.28
C ILE A 61 2.88 -3.76 0.54
N VAL A 62 3.99 -3.43 -0.13
CA VAL A 62 4.75 -4.42 -0.88
C VAL A 62 6.10 -4.66 -0.22
N ASP A 63 6.66 -5.85 -0.46
CA ASP A 63 7.96 -6.21 0.09
C ASP A 63 8.93 -6.62 -1.00
N PRO A 64 10.17 -6.12 -0.90
CA PRO A 64 11.23 -6.42 -1.88
C PRO A 64 11.69 -7.87 -1.81
N ILE A 65 12.14 -8.40 -2.95
CA ILE A 65 12.61 -9.77 -3.01
C ILE A 65 14.07 -9.84 -3.45
N GLU A 66 14.77 -10.87 -3.01
CA GLU A 66 16.18 -11.05 -3.36
C GLU A 66 16.33 -11.36 -4.84
N GLU A 67 17.58 -11.40 -5.31
CA GLU A 67 17.87 -11.68 -6.71
C GLU A 67 16.94 -12.77 -7.24
N GLY A 68 15.95 -12.35 -8.02
CA GLY A 68 15.00 -13.30 -8.59
C GLY A 68 14.36 -12.79 -9.86
N GLU A 69 13.06 -13.01 -10.00
CA GLU A 69 12.33 -12.57 -11.18
C GLU A 69 12.57 -11.09 -11.44
N LYS A 70 11.91 -10.57 -12.48
CA LYS A 70 12.06 -9.16 -12.84
C LYS A 70 11.13 -8.28 -12.00
N VAL A 71 10.70 -8.82 -10.86
CA VAL A 71 9.82 -8.09 -9.96
C VAL A 71 10.60 -7.49 -8.79
N LYS A 72 10.22 -6.28 -8.38
CA LYS A 72 10.88 -5.59 -7.28
C LYS A 72 10.35 -6.10 -5.94
N ALA A 73 9.04 -6.05 -5.77
CA ALA A 73 8.41 -6.50 -4.53
C ALA A 73 7.05 -7.13 -4.81
N GLU A 74 6.39 -7.61 -3.75
CA GLU A 74 5.09 -8.24 -3.88
C GLU A 74 4.10 -7.66 -2.87
N ILE A 75 2.86 -7.48 -3.31
CA ILE A 75 1.81 -6.94 -2.45
C ILE A 75 1.71 -7.72 -1.15
N SER A 76 1.40 -7.03 -0.06
CA SER A 76 1.27 -7.67 1.24
C SER A 76 -0.17 -7.58 1.75
N PHE A 77 -0.77 -6.40 1.61
CA PHE A 77 -2.15 -6.19 2.05
C PHE A 77 -2.76 -4.97 1.37
N VAL A 78 -4.08 -4.89 1.38
CA VAL A 78 -4.78 -3.77 0.76
C VAL A 78 -5.27 -2.78 1.81
N LEU A 79 -4.60 -1.64 1.90
CA LEU A 79 -4.96 -0.61 2.86
C LEU A 79 -6.32 0.00 2.52
N CYS A 80 -7.02 0.45 3.55
CA CYS A 80 -8.35 1.06 3.36
C CYS A 80 -8.37 2.47 3.92
N LYS A 81 -9.33 3.27 3.45
CA LYS A 81 -9.47 4.65 3.91
C LYS A 81 -9.13 4.77 5.39
N ASP A 82 -9.66 3.86 6.19
CA ASP A 82 -9.42 3.86 7.62
C ASP A 82 -7.94 3.62 7.93
N HIS A 83 -7.41 2.51 7.42
CA HIS A 83 -6.02 2.16 7.63
C HIS A 83 -5.13 3.40 7.52
N VAL A 84 -5.12 4.01 6.35
CA VAL A 84 -4.31 5.20 6.11
C VAL A 84 -4.24 6.07 7.35
N ARG A 85 -5.41 6.44 7.88
CA ARG A 85 -5.48 7.28 9.07
C ARG A 85 -4.62 6.70 10.20
N SER A 86 -4.81 5.42 10.48
CA SER A 86 -4.07 4.75 11.53
C SER A 86 -2.56 5.00 11.38
N LEU A 87 -1.99 4.49 10.29
CA LEU A 87 -0.57 4.66 10.02
C LEU A 87 -0.15 6.11 10.21
N GLN A 88 -0.96 7.03 9.70
CA GLN A 88 -0.67 8.46 9.82
C GLN A 88 -0.59 8.87 11.28
N LYS A 89 -1.49 8.35 12.10
CA LYS A 89 -1.53 8.67 13.52
C LYS A 89 -0.32 8.06 14.24
N GLU A 90 0.04 6.84 13.85
CA GLU A 90 1.17 6.15 14.46
C GLU A 90 2.48 6.81 14.05
N GLY A 91 2.46 7.56 12.96
CA GLY A 91 3.66 8.23 12.48
C GLY A 91 4.46 7.37 11.53
N PHE A 92 3.76 6.65 10.65
CA PHE A 92 4.42 5.78 9.67
C PHE A 92 4.15 6.26 8.25
N TRP A 93 2.90 6.65 7.99
CA TRP A 93 2.51 7.13 6.67
C TRP A 93 3.58 8.06 6.09
N PRO A 94 3.88 7.89 4.80
CA PRO A 94 4.87 8.70 4.10
C PRO A 94 4.42 10.14 3.91
N GLU A 95 5.35 11.01 3.50
CA GLU A 95 5.03 12.41 3.28
C GLU A 95 4.60 12.65 1.83
N ALA A 96 5.13 11.84 0.92
CA ALA A 96 4.79 11.96 -0.49
C ALA A 96 3.33 11.59 -0.75
N PHE A 97 2.67 11.08 0.28
CA PHE A 97 1.28 10.68 0.17
C PHE A 97 0.44 11.31 1.27
N SER A 98 1.10 12.05 2.16
CA SER A 98 0.42 12.70 3.26
C SER A 98 -0.63 13.68 2.75
N GLU A 99 -0.23 14.52 1.80
CA GLU A 99 -1.14 15.51 1.22
C GLU A 99 -2.00 14.88 0.12
N VAL A 100 -2.48 13.67 0.38
CA VAL A 100 -3.31 12.96 -0.59
C VAL A 100 -4.61 12.47 0.05
N ALA A 101 -4.49 11.97 1.28
CA ALA A 101 -5.65 11.46 2.01
C ALA A 101 -6.76 12.51 2.08
N GLU A 102 -7.92 12.16 1.53
CA GLU A 102 -9.05 13.08 1.52
C GLU A 102 -9.44 13.48 2.95
N LYS A 103 -9.92 14.72 3.10
CA LYS A 103 -10.32 15.21 4.41
C LYS A 103 -9.28 14.87 5.47
N HIS A 104 -8.02 15.09 5.14
CA HIS A 104 -6.92 14.81 6.08
C HIS A 104 -6.03 16.03 6.26
N ASN A 105 -6.46 16.94 7.12
CA ASN A 105 -5.69 18.17 7.38
C ASN A 105 -4.41 17.84 8.13
N SER A 106 -4.54 17.15 9.26
CA SER A 106 -3.39 16.79 10.07
C SER A 106 -2.17 16.50 9.19
N GLY A 107 -1.02 17.02 9.61
CA GLY A 107 0.20 16.81 8.84
C GLY A 107 1.23 17.89 9.10
N PRO A 108 2.17 18.05 8.14
CA PRO A 108 3.23 19.06 8.24
C PRO A 108 2.69 20.49 8.12
N SER A 109 1.38 20.61 7.95
CA SER A 109 0.74 21.92 7.80
C SER A 109 1.28 22.89 8.86
N SER A 110 1.73 24.05 8.40
CA SER A 110 2.26 25.06 9.30
C SER A 110 1.17 26.04 9.74
N GLY A 111 0.76 25.93 11.01
CA GLY A 111 -0.28 26.80 11.52
C GLY A 111 0.25 27.81 12.52
N GLY A 1 -5.03 -4.02 28.95
CA GLY A 1 -4.39 -3.68 27.69
C GLY A 1 -3.62 -4.84 27.10
N SER A 2 -3.92 -5.17 25.85
CA SER A 2 -3.25 -6.27 25.18
C SER A 2 -1.88 -5.85 24.65
N SER A 3 -0.88 -6.71 24.81
CA SER A 3 0.47 -6.42 24.35
C SER A 3 0.83 -4.97 24.64
N GLY A 4 0.46 -4.49 25.82
CA GLY A 4 0.75 -3.11 26.18
C GLY A 4 -0.41 -2.18 25.93
N SER A 5 -0.18 -1.18 25.09
CA SER A 5 -1.22 -0.21 24.75
C SER A 5 -2.23 -0.81 23.78
N SER A 6 -3.36 -0.12 23.61
CA SER A 6 -4.41 -0.58 22.71
C SER A 6 -4.16 -0.11 21.28
N GLY A 7 -4.04 -1.06 20.36
CA GLY A 7 -3.81 -0.71 18.97
C GLY A 7 -2.86 -1.68 18.28
N GLU A 8 -1.72 -1.19 17.83
CA GLU A 8 -0.73 -2.02 17.16
C GLU A 8 -1.34 -2.71 15.94
N HIS A 9 -2.09 -1.94 15.15
CA HIS A 9 -2.73 -2.48 13.96
C HIS A 9 -1.71 -2.76 12.87
N ILE A 10 -2.14 -3.44 11.82
CA ILE A 10 -1.25 -3.79 10.71
C ILE A 10 -0.31 -2.63 10.38
N VAL A 11 0.98 -2.90 10.41
CA VAL A 11 1.98 -1.88 10.10
C VAL A 11 3.10 -2.45 9.24
N PRO A 12 3.45 -1.70 8.17
CA PRO A 12 4.50 -2.11 7.24
C PRO A 12 5.77 -2.56 7.96
N SER A 13 6.16 -3.81 7.75
CA SER A 13 7.36 -4.35 8.39
C SER A 13 8.58 -3.48 8.09
N ASN A 14 9.73 -3.92 8.57
CA ASN A 14 10.98 -3.17 8.37
C ASN A 14 11.24 -2.97 6.88
N GLN A 15 11.13 -4.04 6.11
CA GLN A 15 11.35 -3.98 4.66
C GLN A 15 10.11 -3.47 3.94
N GLN A 16 8.95 -3.98 4.33
CA GLN A 16 7.70 -3.57 3.71
C GLN A 16 7.64 -2.06 3.53
N GLN A 17 7.11 -1.63 2.38
CA GLN A 17 7.01 -0.20 2.08
C GLN A 17 5.63 0.14 1.51
N ILE A 18 5.14 1.33 1.83
CA ILE A 18 3.83 1.76 1.35
C ILE A 18 3.96 2.47 0.00
N VAL A 19 3.31 1.91 -1.02
CA VAL A 19 3.35 2.49 -2.35
C VAL A 19 1.94 2.79 -2.86
N ARG A 20 1.85 3.39 -4.05
CA ARG A 20 0.57 3.72 -4.65
C ARG A 20 0.44 3.11 -6.04
N VAL A 21 -0.76 2.66 -6.37
CA VAL A 21 -1.03 2.04 -7.67
C VAL A 21 -1.11 3.10 -8.76
N LEU A 22 -0.70 2.73 -9.97
CA LEU A 22 -0.73 3.65 -11.10
C LEU A 22 -1.53 3.05 -12.27
N ARG A 23 -1.07 1.90 -12.76
CA ARG A 23 -1.74 1.23 -13.86
C ARG A 23 -1.51 -0.28 -13.80
N THR A 24 -2.54 -1.04 -14.15
CA THR A 24 -2.45 -2.50 -14.13
C THR A 24 -2.61 -3.07 -15.53
N PRO A 25 -1.55 -3.74 -16.02
CA PRO A 25 -1.54 -4.35 -17.35
C PRO A 25 -2.45 -5.56 -17.44
N GLY A 26 -3.16 -5.85 -16.35
CA GLY A 26 -4.07 -6.98 -16.32
C GLY A 26 -3.43 -8.22 -15.72
N ASN A 27 -2.23 -8.54 -16.18
CA ASN A 27 -1.51 -9.71 -15.67
C ASN A 27 -1.45 -9.70 -14.15
N ASN A 28 -0.72 -10.66 -13.58
CA ASN A 28 -0.59 -10.76 -12.13
C ASN A 28 0.48 -9.80 -11.63
N LEU A 29 0.51 -8.60 -12.19
CA LEU A 29 1.49 -7.59 -11.79
C LEU A 29 0.83 -6.22 -11.65
N HIS A 30 1.51 -5.31 -10.95
CA HIS A 30 0.99 -3.96 -10.75
C HIS A 30 2.14 -2.95 -10.69
N GLU A 31 1.92 -1.79 -11.32
CA GLU A 31 2.93 -0.74 -11.34
C GLU A 31 2.61 0.33 -10.29
N VAL A 32 3.44 0.40 -9.25
CA VAL A 32 3.26 1.38 -8.20
C VAL A 32 4.49 2.27 -8.05
N GLU A 33 4.38 3.28 -7.19
CA GLU A 33 5.49 4.21 -6.96
C GLU A 33 5.68 4.46 -5.47
N THR A 34 6.91 4.80 -5.09
CA THR A 34 7.23 5.06 -3.69
C THR A 34 7.12 6.55 -3.38
N ALA A 35 7.40 6.91 -2.14
CA ALA A 35 7.34 8.30 -1.71
C ALA A 35 8.49 9.11 -2.29
N GLN A 36 9.58 8.42 -2.61
CA GLN A 36 10.75 9.08 -3.17
C GLN A 36 10.67 9.15 -4.69
N GLY A 37 9.44 9.10 -5.21
CA GLY A 37 9.22 9.17 -6.65
C GLY A 37 9.97 8.07 -7.38
N GLN A 38 9.56 6.82 -7.17
CA GLN A 38 10.20 5.68 -7.81
C GLN A 38 9.16 4.68 -8.29
N ARG A 39 8.92 4.66 -9.60
CA ARG A 39 7.95 3.75 -10.19
C ARG A 39 8.56 2.36 -10.38
N PHE A 40 7.72 1.34 -10.24
CA PHE A 40 8.17 -0.04 -10.40
C PHE A 40 6.99 -1.00 -10.49
N LEU A 41 7.27 -2.26 -10.79
CA LEU A 41 6.23 -3.27 -10.90
C LEU A 41 6.26 -4.22 -9.71
N VAL A 42 5.11 -4.81 -9.40
CA VAL A 42 4.99 -5.74 -8.27
C VAL A 42 4.28 -7.01 -8.70
N SER A 43 4.36 -8.03 -7.85
CA SER A 43 3.72 -9.31 -8.14
C SER A 43 2.65 -9.63 -7.10
N MET A 44 1.76 -10.55 -7.44
CA MET A 44 0.68 -10.95 -6.54
C MET A 44 1.07 -12.19 -5.73
N PRO A 45 0.88 -12.13 -4.42
CA PRO A 45 1.20 -13.24 -3.51
C PRO A 45 0.64 -14.57 -4.01
N SER A 46 1.41 -15.63 -3.83
CA SER A 46 0.99 -16.97 -4.27
C SER A 46 -0.32 -17.38 -3.58
N LYS A 47 -0.43 -17.03 -2.29
CA LYS A 47 -1.63 -17.37 -1.52
C LYS A 47 -2.77 -16.41 -1.85
N TYR A 48 -2.46 -15.37 -2.61
CA TYR A 48 -3.46 -14.38 -3.00
C TYR A 48 -4.07 -14.72 -4.36
N ARG A 49 -4.14 -16.01 -4.66
CA ARG A 49 -4.71 -16.47 -5.93
C ARG A 49 -6.20 -16.18 -6.00
N LYS A 50 -6.53 -14.96 -6.42
CA LYS A 50 -7.93 -14.55 -6.54
C LYS A 50 -8.04 -13.16 -7.16
N ASN A 51 -9.26 -12.74 -7.44
CA ASN A 51 -9.51 -11.43 -8.05
C ASN A 51 -9.74 -10.37 -6.97
N ILE A 52 -8.66 -9.92 -6.35
CA ILE A 52 -8.75 -8.90 -5.30
C ILE A 52 -9.19 -7.56 -5.88
N TRP A 53 -9.96 -6.82 -5.10
CA TRP A 53 -10.44 -5.51 -5.53
C TRP A 53 -9.32 -4.47 -5.47
N ILE A 54 -8.75 -4.15 -6.63
CA ILE A 54 -7.66 -3.18 -6.71
C ILE A 54 -8.04 -2.03 -7.64
N LYS A 55 -7.75 -0.81 -7.21
CA LYS A 55 -8.03 0.37 -8.02
C LYS A 55 -6.82 1.29 -8.09
N ARG A 56 -6.83 2.19 -9.07
CA ARG A 56 -5.73 3.13 -9.25
C ARG A 56 -5.61 4.08 -8.06
N GLY A 57 -4.38 4.45 -7.73
CA GLY A 57 -4.15 5.35 -6.60
C GLY A 57 -4.12 4.61 -5.28
N ASP A 58 -4.90 3.55 -5.18
CA ASP A 58 -4.96 2.76 -3.95
C ASP A 58 -3.56 2.45 -3.43
N PHE A 59 -3.33 2.76 -2.16
CA PHE A 59 -2.03 2.53 -1.54
C PHE A 59 -1.95 1.12 -0.96
N LEU A 60 -0.86 0.42 -1.27
CA LEU A 60 -0.65 -0.94 -0.77
C LEU A 60 0.76 -1.12 -0.24
N ILE A 61 0.96 -2.16 0.56
CA ILE A 61 2.26 -2.45 1.14
C ILE A 61 2.97 -3.56 0.37
N VAL A 62 4.02 -3.19 -0.36
CA VAL A 62 4.78 -4.16 -1.14
C VAL A 62 6.07 -4.55 -0.43
N ASP A 63 6.49 -5.79 -0.61
CA ASP A 63 7.71 -6.29 0.02
C ASP A 63 8.72 -6.75 -1.03
N PRO A 64 9.96 -6.26 -0.94
CA PRO A 64 11.03 -6.61 -1.87
C PRO A 64 11.49 -8.05 -1.71
N ILE A 65 11.82 -8.69 -2.83
CA ILE A 65 12.29 -10.07 -2.81
C ILE A 65 13.72 -10.19 -3.31
N GLU A 66 14.43 -11.19 -2.82
CA GLU A 66 15.82 -11.41 -3.22
C GLU A 66 15.91 -11.77 -4.69
N GLU A 67 17.13 -12.05 -5.16
CA GLU A 67 17.35 -12.40 -6.56
C GLU A 67 16.22 -13.28 -7.08
N GLY A 68 15.54 -12.82 -8.13
CA GLY A 68 14.45 -13.58 -8.70
C GLY A 68 13.95 -12.97 -10.00
N GLU A 69 12.64 -13.10 -10.23
CA GLU A 69 12.03 -12.56 -11.45
C GLU A 69 12.34 -11.06 -11.59
N LYS A 70 11.75 -10.45 -12.61
CA LYS A 70 11.95 -9.02 -12.85
C LYS A 70 11.02 -8.18 -12.00
N VAL A 71 10.55 -8.76 -10.90
CA VAL A 71 9.65 -8.06 -9.98
C VAL A 71 10.40 -7.53 -8.77
N LYS A 72 10.08 -6.30 -8.37
CA LYS A 72 10.73 -5.68 -7.23
C LYS A 72 10.15 -6.21 -5.92
N ALA A 73 8.86 -5.95 -5.71
CA ALA A 73 8.19 -6.41 -4.50
C ALA A 73 6.80 -6.97 -4.83
N GLU A 74 6.12 -7.47 -3.80
CA GLU A 74 4.79 -8.05 -3.98
C GLU A 74 3.82 -7.48 -2.95
N ILE A 75 2.56 -7.31 -3.36
CA ILE A 75 1.54 -6.78 -2.47
C ILE A 75 1.44 -7.60 -1.18
N SER A 76 1.26 -6.91 -0.06
CA SER A 76 1.15 -7.58 1.23
C SER A 76 -0.24 -7.41 1.82
N PHE A 77 -0.73 -6.16 1.82
CA PHE A 77 -2.04 -5.86 2.36
C PHE A 77 -2.61 -4.59 1.72
N VAL A 78 -3.88 -4.66 1.32
CA VAL A 78 -4.54 -3.51 0.70
C VAL A 78 -4.98 -2.49 1.74
N LEU A 79 -4.27 -1.38 1.80
CA LEU A 79 -4.60 -0.32 2.76
C LEU A 79 -5.94 0.33 2.43
N CYS A 80 -6.83 0.35 3.40
CA CYS A 80 -8.16 0.94 3.22
C CYS A 80 -8.21 2.36 3.77
N LYS A 81 -9.20 3.12 3.35
CA LYS A 81 -9.37 4.50 3.79
C LYS A 81 -9.05 4.63 5.28
N ASP A 82 -9.58 3.71 6.07
CA ASP A 82 -9.35 3.71 7.51
C ASP A 82 -7.89 3.47 7.83
N HIS A 83 -7.35 2.35 7.35
CA HIS A 83 -5.96 2.00 7.59
C HIS A 83 -5.07 3.23 7.49
N VAL A 84 -5.06 3.87 6.31
CA VAL A 84 -4.25 5.05 6.09
C VAL A 84 -4.18 5.92 7.34
N ARG A 85 -5.34 6.24 7.89
CA ARG A 85 -5.41 7.07 9.09
C ARG A 85 -4.59 6.44 10.22
N SER A 86 -4.81 5.16 10.47
CA SER A 86 -4.09 4.46 11.52
C SER A 86 -2.59 4.72 11.43
N LEU A 87 -2.01 4.38 10.29
CA LEU A 87 -0.58 4.57 10.07
C LEU A 87 -0.19 6.04 10.29
N GLN A 88 -1.04 6.94 9.81
CA GLN A 88 -0.79 8.37 9.96
C GLN A 88 -0.65 8.76 11.43
N LYS A 89 -1.59 8.27 12.25
CA LYS A 89 -1.57 8.57 13.67
C LYS A 89 -0.31 8.01 14.34
N GLU A 90 0.01 6.76 14.03
CA GLU A 90 1.19 6.12 14.59
C GLU A 90 2.46 6.87 14.18
N GLY A 91 2.42 7.51 13.01
CA GLY A 91 3.56 8.23 12.53
C GLY A 91 4.41 7.43 11.55
N PHE A 92 3.75 6.55 10.80
CA PHE A 92 4.44 5.71 9.83
C PHE A 92 4.13 6.15 8.41
N TRP A 93 2.86 6.46 8.16
CA TRP A 93 2.43 6.90 6.83
C TRP A 93 3.46 7.84 6.20
N PRO A 94 3.72 7.65 4.90
CA PRO A 94 4.67 8.47 4.16
C PRO A 94 4.18 9.90 3.95
N GLU A 95 5.10 10.81 3.67
CA GLU A 95 4.76 12.21 3.44
C GLU A 95 4.32 12.44 2.01
N ALA A 96 5.01 11.80 1.06
CA ALA A 96 4.69 11.94 -0.35
C ALA A 96 3.21 11.64 -0.61
N PHE A 97 2.69 10.63 0.09
CA PHE A 97 1.29 10.25 -0.07
C PHE A 97 0.45 10.81 1.08
N SER A 98 0.93 11.88 1.70
CA SER A 98 0.22 12.49 2.81
C SER A 98 -0.57 13.70 2.34
N GLU A 99 0.05 14.53 1.50
CA GLU A 99 -0.59 15.72 0.97
C GLU A 99 -1.45 15.39 -0.24
N VAL A 100 -2.11 14.23 -0.19
CA VAL A 100 -2.97 13.78 -1.28
C VAL A 100 -4.36 13.42 -0.77
N ALA A 101 -4.42 12.96 0.48
CA ALA A 101 -5.69 12.57 1.08
C ALA A 101 -6.43 13.78 1.63
N GLU A 102 -6.36 14.89 0.91
CA GLU A 102 -7.03 16.13 1.32
C GLU A 102 -8.25 16.40 0.45
N LYS A 103 -8.04 16.48 -0.85
CA LYS A 103 -9.14 16.73 -1.79
C LYS A 103 -9.46 15.47 -2.60
N HIS A 104 -10.08 14.50 -1.94
CA HIS A 104 -10.44 13.25 -2.60
C HIS A 104 -11.96 13.07 -2.61
N ASN A 105 -12.59 13.35 -1.47
CA ASN A 105 -14.04 13.22 -1.35
C ASN A 105 -14.76 14.28 -2.18
N SER A 106 -15.21 13.90 -3.37
CA SER A 106 -15.90 14.83 -4.25
C SER A 106 -17.29 15.18 -3.71
N GLY A 107 -17.49 16.45 -3.40
CA GLY A 107 -18.77 16.90 -2.87
C GLY A 107 -18.61 18.02 -1.87
N PRO A 108 -18.52 19.26 -2.36
CA PRO A 108 -18.36 20.46 -1.52
C PRO A 108 -19.63 20.76 -0.73
N SER A 109 -19.48 21.56 0.32
CA SER A 109 -20.61 21.94 1.16
C SER A 109 -20.99 23.40 0.93
N SER A 110 -20.02 24.21 0.55
CA SER A 110 -20.25 25.62 0.30
C SER A 110 -20.98 25.83 -1.02
N GLY A 111 -22.29 26.04 -0.94
CA GLY A 111 -23.09 26.25 -2.13
C GLY A 111 -22.67 27.49 -2.90
N GLY A 1 -6.78 4.14 35.91
CA GLY A 1 -6.92 2.71 35.67
C GLY A 1 -6.40 2.31 34.30
N SER A 2 -7.31 2.17 33.34
CA SER A 2 -6.94 1.78 31.99
C SER A 2 -6.69 3.01 31.12
N SER A 3 -5.45 3.49 31.12
CA SER A 3 -5.09 4.66 30.33
C SER A 3 -4.07 4.30 29.24
N GLY A 4 -4.40 4.63 28.00
CA GLY A 4 -3.52 4.33 26.90
C GLY A 4 -4.04 3.19 26.04
N SER A 5 -4.88 3.52 25.06
CA SER A 5 -5.44 2.51 24.17
C SER A 5 -4.40 2.01 23.18
N SER A 6 -3.74 0.91 23.52
CA SER A 6 -2.71 0.32 22.67
C SER A 6 -3.28 -0.82 21.83
N GLY A 7 -3.57 -0.53 20.57
CA GLY A 7 -4.12 -1.54 19.68
C GLY A 7 -3.33 -1.67 18.40
N GLU A 8 -2.45 -2.67 18.35
CA GLU A 8 -1.62 -2.90 17.18
C GLU A 8 -2.48 -3.27 15.97
N HIS A 9 -1.89 -3.19 14.78
CA HIS A 9 -2.60 -3.51 13.56
C HIS A 9 -1.63 -3.66 12.39
N ILE A 10 -2.15 -4.11 11.25
CA ILE A 10 -1.32 -4.31 10.06
C ILE A 10 -0.47 -3.08 9.78
N VAL A 11 0.81 -3.14 10.16
CA VAL A 11 1.73 -2.04 9.94
C VAL A 11 2.92 -2.47 9.08
N PRO A 12 3.28 -1.62 8.11
CA PRO A 12 4.40 -1.89 7.20
C PRO A 12 5.66 -2.35 7.95
N SER A 13 6.13 -3.54 7.62
CA SER A 13 7.32 -4.09 8.26
C SER A 13 8.57 -3.33 7.83
N ASN A 14 9.72 -3.78 8.32
CA ASN A 14 10.99 -3.14 7.99
C ASN A 14 11.27 -3.24 6.49
N GLN A 15 11.13 -4.43 5.94
CA GLN A 15 11.36 -4.66 4.52
C GLN A 15 10.22 -4.10 3.68
N GLN A 16 8.99 -4.33 4.14
CA GLN A 16 7.81 -3.84 3.42
C GLN A 16 7.88 -2.33 3.22
N GLN A 17 6.98 -1.81 2.40
CA GLN A 17 6.94 -0.38 2.12
C GLN A 17 5.58 0.02 1.53
N ILE A 18 5.15 1.24 1.84
CA ILE A 18 3.87 1.74 1.34
C ILE A 18 4.04 2.39 -0.03
N VAL A 19 3.22 1.98 -0.99
CA VAL A 19 3.27 2.53 -2.33
C VAL A 19 1.88 2.87 -2.85
N ARG A 20 1.81 3.42 -4.05
CA ARG A 20 0.54 3.79 -4.66
C ARG A 20 0.41 3.20 -6.07
N VAL A 21 -0.78 2.68 -6.37
CA VAL A 21 -1.03 2.09 -7.68
C VAL A 21 -1.08 3.14 -8.77
N LEU A 22 -0.83 2.72 -10.00
CA LEU A 22 -0.84 3.65 -11.14
C LEU A 22 -1.62 3.05 -12.31
N ARG A 23 -1.34 1.79 -12.63
CA ARG A 23 -2.02 1.11 -13.72
C ARG A 23 -1.71 -0.38 -13.70
N THR A 24 -2.69 -1.19 -14.11
CA THR A 24 -2.53 -2.64 -14.14
C THR A 24 -2.70 -3.18 -15.56
N PRO A 25 -1.65 -3.83 -16.07
CA PRO A 25 -1.66 -4.42 -17.41
C PRO A 25 -2.58 -5.63 -17.52
N GLY A 26 -3.25 -5.95 -16.41
CA GLY A 26 -4.15 -7.09 -16.39
C GLY A 26 -3.54 -8.31 -15.74
N ASN A 27 -2.31 -8.64 -16.14
CA ASN A 27 -1.62 -9.80 -15.59
C ASN A 27 -1.60 -9.75 -14.07
N ASN A 28 -0.89 -10.70 -13.45
CA ASN A 28 -0.79 -10.75 -12.00
C ASN A 28 0.26 -9.79 -11.48
N LEU A 29 0.30 -8.60 -12.07
CA LEU A 29 1.27 -7.58 -11.67
C LEU A 29 0.59 -6.22 -11.49
N HIS A 30 1.30 -5.29 -10.86
CA HIS A 30 0.76 -3.95 -10.63
C HIS A 30 1.88 -2.93 -10.54
N GLU A 31 1.76 -1.86 -11.32
CA GLU A 31 2.78 -0.80 -11.32
C GLU A 31 2.48 0.24 -10.25
N VAL A 32 3.34 0.29 -9.22
CA VAL A 32 3.17 1.23 -8.13
C VAL A 32 4.37 2.15 -8.02
N GLU A 33 4.26 3.17 -7.17
CA GLU A 33 5.35 4.12 -6.96
C GLU A 33 5.63 4.32 -5.47
N THR A 34 6.85 4.72 -5.16
CA THR A 34 7.24 4.95 -3.77
C THR A 34 7.16 6.41 -3.40
N ALA A 35 7.57 6.74 -2.19
CA ALA A 35 7.55 8.12 -1.71
C ALA A 35 8.63 8.95 -2.39
N GLN A 36 9.71 8.30 -2.79
CA GLN A 36 10.81 8.98 -3.45
C GLN A 36 10.58 9.07 -4.96
N GLY A 37 9.31 9.04 -5.35
CA GLY A 37 8.97 9.12 -6.77
C GLY A 37 9.69 8.07 -7.59
N GLN A 38 9.42 6.80 -7.29
CA GLN A 38 10.05 5.70 -8.01
C GLN A 38 9.01 4.69 -8.48
N ARG A 39 8.81 4.63 -9.79
CA ARG A 39 7.84 3.71 -10.38
C ARG A 39 8.43 2.31 -10.53
N PHE A 40 7.59 1.29 -10.35
CA PHE A 40 8.04 -0.09 -10.47
C PHE A 40 6.84 -1.04 -10.53
N LEU A 41 7.13 -2.32 -10.78
CA LEU A 41 6.07 -3.33 -10.87
C LEU A 41 6.15 -4.29 -9.69
N VAL A 42 5.00 -4.84 -9.30
CA VAL A 42 4.94 -5.78 -8.19
C VAL A 42 4.17 -7.04 -8.58
N SER A 43 4.35 -8.10 -7.80
CA SER A 43 3.68 -9.37 -8.07
C SER A 43 2.59 -9.62 -7.03
N MET A 44 1.69 -10.55 -7.35
CA MET A 44 0.59 -10.89 -6.45
C MET A 44 0.93 -12.15 -5.65
N PRO A 45 0.80 -12.06 -4.32
CA PRO A 45 1.07 -13.18 -3.41
C PRO A 45 0.42 -14.48 -3.88
N SER A 46 0.97 -15.61 -3.42
CA SER A 46 0.44 -16.90 -3.79
C SER A 46 -0.85 -17.20 -3.03
N LYS A 47 -0.84 -16.92 -1.74
CA LYS A 47 -2.01 -17.16 -0.90
C LYS A 47 -3.20 -16.32 -1.37
N TYR A 48 -2.91 -15.26 -2.11
CA TYR A 48 -3.95 -14.38 -2.63
C TYR A 48 -4.35 -14.76 -4.05
N ARG A 49 -4.26 -16.06 -4.35
CA ARG A 49 -4.61 -16.56 -5.68
C ARG A 49 -6.09 -16.32 -5.98
N LYS A 50 -6.41 -15.07 -6.31
CA LYS A 50 -7.79 -14.71 -6.64
C LYS A 50 -7.84 -13.39 -7.40
N ASN A 51 -9.05 -12.91 -7.66
CA ASN A 51 -9.24 -11.66 -8.38
C ASN A 51 -9.53 -10.51 -7.42
N ILE A 52 -8.49 -9.98 -6.80
CA ILE A 52 -8.63 -8.88 -5.84
C ILE A 52 -8.98 -7.59 -6.57
N TRP A 53 -9.92 -6.83 -6.00
CA TRP A 53 -10.34 -5.57 -6.59
C TRP A 53 -9.31 -4.47 -6.30
N ILE A 54 -8.49 -4.16 -7.31
CA ILE A 54 -7.47 -3.13 -7.18
C ILE A 54 -7.73 -1.98 -8.13
N LYS A 55 -7.60 -0.75 -7.62
CA LYS A 55 -7.82 0.44 -8.44
C LYS A 55 -6.57 1.32 -8.45
N ARG A 56 -6.60 2.37 -9.26
CA ARG A 56 -5.48 3.29 -9.36
C ARG A 56 -5.45 4.25 -8.19
N GLY A 57 -4.25 4.52 -7.67
CA GLY A 57 -4.11 5.42 -6.55
C GLY A 57 -4.10 4.69 -5.22
N ASP A 58 -4.84 3.60 -5.14
CA ASP A 58 -4.94 2.81 -3.92
C ASP A 58 -3.54 2.55 -3.34
N PHE A 59 -3.37 2.84 -2.06
CA PHE A 59 -2.09 2.63 -1.39
C PHE A 59 -1.99 1.22 -0.84
N LEU A 60 -0.94 0.50 -1.25
CA LEU A 60 -0.74 -0.87 -0.81
C LEU A 60 0.68 -1.04 -0.24
N ILE A 61 0.86 -2.07 0.57
CA ILE A 61 2.16 -2.34 1.18
C ILE A 61 2.87 -3.49 0.46
N VAL A 62 3.94 -3.16 -0.25
CA VAL A 62 4.71 -4.16 -0.98
C VAL A 62 6.03 -4.46 -0.28
N ASP A 63 6.57 -5.65 -0.54
CA ASP A 63 7.84 -6.05 0.07
C ASP A 63 8.83 -6.50 -0.99
N PRO A 64 10.08 -6.02 -0.88
CA PRO A 64 11.15 -6.36 -1.83
C PRO A 64 11.60 -7.81 -1.71
N ILE A 65 11.99 -8.41 -2.83
CA ILE A 65 12.44 -9.79 -2.84
C ILE A 65 13.90 -9.89 -3.30
N GLU A 66 14.62 -10.85 -2.74
CA GLU A 66 16.03 -11.06 -3.10
C GLU A 66 16.17 -11.34 -4.60
N GLU A 67 17.40 -11.64 -5.02
CA GLU A 67 17.67 -11.93 -6.42
C GLU A 67 16.67 -12.95 -6.96
N GLY A 68 15.85 -12.52 -7.92
CA GLY A 68 14.86 -13.40 -8.51
C GLY A 68 14.30 -12.86 -9.80
N GLU A 69 12.98 -12.96 -9.96
CA GLU A 69 12.31 -12.47 -11.17
C GLU A 69 12.60 -10.99 -11.39
N LYS A 70 11.99 -10.43 -12.42
CA LYS A 70 12.19 -9.02 -12.74
C LYS A 70 11.26 -8.13 -11.91
N VAL A 71 10.78 -8.68 -10.79
CA VAL A 71 9.88 -7.95 -9.91
C VAL A 71 10.63 -7.38 -8.71
N LYS A 72 10.31 -6.16 -8.32
CA LYS A 72 10.95 -5.50 -7.19
C LYS A 72 10.37 -6.01 -5.87
N ALA A 73 9.05 -5.89 -5.72
CA ALA A 73 8.38 -6.35 -4.51
C ALA A 73 7.02 -6.95 -4.84
N GLU A 74 6.28 -7.31 -3.80
CA GLU A 74 4.95 -7.91 -3.98
C GLU A 74 3.97 -7.37 -2.94
N ILE A 75 2.72 -7.20 -3.33
CA ILE A 75 1.68 -6.71 -2.43
C ILE A 75 1.62 -7.54 -1.16
N SER A 76 1.41 -6.87 -0.03
CA SER A 76 1.33 -7.55 1.26
C SER A 76 -0.08 -7.45 1.84
N PHE A 77 -0.68 -6.28 1.71
CA PHE A 77 -2.03 -6.04 2.22
C PHE A 77 -2.65 -4.81 1.58
N VAL A 78 -3.98 -4.77 1.55
CA VAL A 78 -4.70 -3.65 0.96
C VAL A 78 -5.11 -2.65 2.03
N LEU A 79 -4.68 -1.40 1.87
CA LEU A 79 -5.00 -0.34 2.81
C LEU A 79 -6.34 0.31 2.46
N CYS A 80 -7.06 0.76 3.49
CA CYS A 80 -8.35 1.40 3.29
C CYS A 80 -8.39 2.77 3.97
N LYS A 81 -9.35 3.60 3.57
CA LYS A 81 -9.50 4.93 4.13
C LYS A 81 -9.11 4.94 5.61
N ASP A 82 -9.73 4.05 6.39
CA ASP A 82 -9.45 3.96 7.81
C ASP A 82 -7.99 3.57 8.06
N HIS A 83 -7.60 2.40 7.55
CA HIS A 83 -6.24 1.91 7.71
C HIS A 83 -5.25 3.06 7.70
N VAL A 84 -5.24 3.82 6.60
CA VAL A 84 -4.33 4.95 6.45
C VAL A 84 -4.37 5.84 7.69
N ARG A 85 -5.58 6.13 8.18
CA ARG A 85 -5.76 6.97 9.35
C ARG A 85 -4.86 6.51 10.49
N SER A 86 -4.80 5.19 10.70
CA SER A 86 -3.99 4.62 11.76
C SER A 86 -2.51 4.85 11.49
N LEU A 87 -2.02 4.28 10.39
CA LEU A 87 -0.61 4.43 10.02
C LEU A 87 -0.14 5.87 10.21
N GLN A 88 -0.97 6.82 9.81
CA GLN A 88 -0.65 8.23 9.94
C GLN A 88 -0.47 8.62 11.41
N LYS A 89 -1.39 8.17 12.25
CA LYS A 89 -1.33 8.46 13.68
C LYS A 89 -0.12 7.79 14.32
N GLU A 90 0.11 6.53 13.97
CA GLU A 90 1.23 5.78 14.51
C GLU A 90 2.56 6.46 14.18
N GLY A 91 2.58 7.17 13.05
CA GLY A 91 3.79 7.85 12.63
C GLY A 91 4.62 7.04 11.66
N PHE A 92 3.94 6.37 10.72
CA PHE A 92 4.62 5.55 9.72
C PHE A 92 4.32 6.07 8.31
N TRP A 93 3.06 6.36 8.05
CA TRP A 93 2.66 6.85 6.73
C TRP A 93 3.70 7.81 6.16
N PRO A 94 3.95 7.69 4.85
CA PRO A 94 4.93 8.54 4.16
C PRO A 94 4.46 9.98 4.03
N GLU A 95 5.35 10.86 3.59
CA GLU A 95 5.03 12.27 3.43
C GLU A 95 4.59 12.57 2.00
N ALA A 96 5.14 11.82 1.05
CA ALA A 96 4.81 12.00 -0.36
C ALA A 96 3.32 11.77 -0.60
N PHE A 97 2.77 10.75 0.05
CA PHE A 97 1.36 10.42 -0.10
C PHE A 97 0.55 10.94 1.09
N SER A 98 1.08 11.96 1.76
CA SER A 98 0.41 12.54 2.92
C SER A 98 -0.41 13.76 2.51
N GLU A 99 0.12 14.55 1.58
CA GLU A 99 -0.56 15.74 1.11
C GLU A 99 -1.59 15.39 0.02
N VAL A 100 -2.29 14.28 0.22
CA VAL A 100 -3.29 13.82 -0.75
C VAL A 100 -4.59 13.48 -0.04
N ALA A 101 -4.49 12.85 1.12
CA ALA A 101 -5.67 12.46 1.89
C ALA A 101 -6.20 13.64 2.71
N GLU A 102 -5.30 14.34 3.38
CA GLU A 102 -5.68 15.49 4.21
C GLU A 102 -6.51 16.48 3.39
N LYS A 103 -6.00 16.86 2.23
CA LYS A 103 -6.70 17.81 1.37
C LYS A 103 -7.16 17.13 0.08
N HIS A 104 -8.26 16.40 0.18
CA HIS A 104 -8.81 15.71 -0.99
C HIS A 104 -10.10 16.35 -1.45
N ASN A 105 -10.96 16.72 -0.49
CA ASN A 105 -12.24 17.35 -0.81
C ASN A 105 -12.11 18.87 -0.78
N SER A 106 -13.17 19.56 -1.18
CA SER A 106 -13.18 21.01 -1.21
C SER A 106 -12.74 21.59 0.13
N GLY A 107 -13.27 21.01 1.21
CA GLY A 107 -12.93 21.47 2.54
C GLY A 107 -13.31 22.92 2.78
N PRO A 108 -14.14 23.16 3.79
CA PRO A 108 -14.61 24.51 4.14
C PRO A 108 -13.49 25.37 4.72
N SER A 109 -12.30 24.79 4.83
CA SER A 109 -11.15 25.51 5.37
C SER A 109 -11.02 26.89 4.72
N SER A 110 -11.66 27.88 5.31
CA SER A 110 -11.61 29.25 4.79
C SER A 110 -10.17 29.77 4.78
N GLY A 111 -9.80 30.42 3.68
CA GLY A 111 -8.45 30.96 3.57
C GLY A 111 -8.19 31.56 2.20
N GLY A 1 10.73 -13.06 20.39
CA GLY A 1 9.40 -12.53 20.13
C GLY A 1 9.35 -11.68 18.88
N SER A 2 9.17 -12.33 17.73
CA SER A 2 9.11 -11.62 16.45
C SER A 2 7.76 -10.93 16.29
N SER A 3 6.68 -11.66 16.59
CA SER A 3 5.34 -11.12 16.46
C SER A 3 4.77 -10.75 17.83
N GLY A 4 4.13 -9.58 17.91
CA GLY A 4 3.56 -9.14 19.17
C GLY A 4 2.13 -9.63 19.36
N SER A 5 1.78 -9.93 20.60
CA SER A 5 0.44 -10.42 20.90
C SER A 5 -0.61 -9.34 20.63
N SER A 6 -1.11 -9.32 19.41
CA SER A 6 -2.12 -8.34 19.02
C SER A 6 -1.82 -6.97 19.63
N GLY A 7 -0.54 -6.60 19.61
CA GLY A 7 -0.15 -5.31 20.17
C GLY A 7 -0.67 -4.15 19.37
N GLU A 8 -0.23 -4.03 18.11
CA GLU A 8 -0.65 -2.95 17.25
C GLU A 8 -1.19 -3.48 15.93
N HIS A 9 -1.94 -2.65 15.21
CA HIS A 9 -2.51 -3.05 13.93
C HIS A 9 -1.41 -3.27 12.90
N ILE A 10 -1.81 -3.79 11.73
CA ILE A 10 -0.86 -4.06 10.65
C ILE A 10 0.03 -2.84 10.39
N VAL A 11 1.33 -3.02 10.55
CA VAL A 11 2.28 -1.94 10.32
C VAL A 11 3.44 -2.39 9.43
N PRO A 12 3.68 -1.64 8.35
CA PRO A 12 4.76 -1.95 7.41
C PRO A 12 6.08 -2.24 8.11
N SER A 13 6.64 -3.42 7.85
CA SER A 13 7.90 -3.82 8.46
C SER A 13 9.08 -3.15 7.76
N ASN A 14 10.29 -3.50 8.19
CA ASN A 14 11.50 -2.93 7.61
C ASN A 14 11.62 -3.32 6.13
N GLN A 15 11.21 -4.54 5.82
CA GLN A 15 11.27 -5.04 4.44
C GLN A 15 10.08 -4.54 3.63
N GLN A 16 8.91 -4.50 4.26
CA GLN A 16 7.70 -4.04 3.59
C GLN A 16 7.73 -2.54 3.39
N GLN A 17 6.93 -2.06 2.43
CA GLN A 17 6.87 -0.64 2.13
C GLN A 17 5.53 -0.27 1.50
N ILE A 18 5.03 0.91 1.83
CA ILE A 18 3.76 1.38 1.29
C ILE A 18 3.95 2.13 -0.02
N VAL A 19 3.09 1.84 -1.00
CA VAL A 19 3.16 2.48 -2.30
C VAL A 19 1.76 2.74 -2.86
N ARG A 20 1.71 3.49 -3.97
CA ARG A 20 0.44 3.81 -4.61
C ARG A 20 0.36 3.19 -5.99
N VAL A 21 -0.79 2.59 -6.29
CA VAL A 21 -1.00 1.95 -7.60
C VAL A 21 -1.15 3.00 -8.70
N LEU A 22 -0.63 2.67 -9.87
CA LEU A 22 -0.71 3.58 -11.02
C LEU A 22 -1.58 2.99 -12.12
N ARG A 23 -1.13 1.88 -12.70
CA ARG A 23 -1.87 1.22 -13.76
C ARG A 23 -1.56 -0.27 -13.79
N THR A 24 -2.57 -1.08 -14.13
CA THR A 24 -2.41 -2.52 -14.19
C THR A 24 -2.51 -3.02 -15.63
N PRO A 25 -1.44 -3.68 -16.10
CA PRO A 25 -1.39 -4.23 -17.46
C PRO A 25 -2.32 -5.41 -17.65
N GLY A 26 -2.86 -5.91 -16.54
CA GLY A 26 -3.76 -7.05 -16.61
C GLY A 26 -3.22 -8.28 -15.90
N ASN A 27 -1.97 -8.62 -16.22
CA ASN A 27 -1.33 -9.79 -15.61
C ASN A 27 -1.43 -9.73 -14.09
N ASN A 28 -0.78 -10.68 -13.44
CA ASN A 28 -0.79 -10.74 -11.98
C ASN A 28 0.23 -9.78 -11.38
N LEU A 29 0.33 -8.59 -11.97
CA LEU A 29 1.27 -7.57 -11.50
C LEU A 29 0.59 -6.22 -11.40
N HIS A 30 1.29 -5.25 -10.79
CA HIS A 30 0.76 -3.91 -10.63
C HIS A 30 1.88 -2.89 -10.50
N GLU A 31 1.77 -1.79 -11.22
CA GLU A 31 2.78 -0.74 -11.18
C GLU A 31 2.44 0.31 -10.12
N VAL A 32 3.37 0.52 -9.19
CA VAL A 32 3.17 1.50 -8.12
C VAL A 32 4.38 2.41 -7.97
N GLU A 33 4.25 3.43 -7.13
CA GLU A 33 5.34 4.38 -6.90
C GLU A 33 5.50 4.67 -5.42
N THR A 34 6.74 4.83 -4.98
CA THR A 34 7.04 5.11 -3.58
C THR A 34 6.98 6.61 -3.30
N ALA A 35 7.11 6.97 -2.03
CA ALA A 35 7.09 8.37 -1.63
C ALA A 35 8.32 9.12 -2.13
N GLN A 36 9.39 8.37 -2.39
CA GLN A 36 10.64 8.96 -2.87
C GLN A 36 10.65 9.01 -4.39
N GLY A 37 9.47 9.03 -4.99
CA GLY A 37 9.37 9.08 -6.44
C GLY A 37 10.08 7.92 -7.11
N GLN A 38 9.63 6.70 -6.84
CA GLN A 38 10.23 5.52 -7.42
C GLN A 38 9.16 4.60 -8.01
N ARG A 39 9.04 4.61 -9.34
CA ARG A 39 8.06 3.79 -10.02
C ARG A 39 8.62 2.40 -10.30
N PHE A 40 7.76 1.39 -10.17
CA PHE A 40 8.17 0.00 -10.40
C PHE A 40 6.95 -0.91 -10.47
N LEU A 41 7.20 -2.20 -10.70
CA LEU A 41 6.13 -3.19 -10.78
C LEU A 41 6.15 -4.13 -9.58
N VAL A 42 5.01 -4.75 -9.30
CA VAL A 42 4.91 -5.68 -8.18
C VAL A 42 4.09 -6.90 -8.57
N SER A 43 4.39 -8.04 -7.94
CA SER A 43 3.69 -9.28 -8.22
C SER A 43 2.63 -9.55 -7.15
N MET A 44 1.71 -10.46 -7.46
CA MET A 44 0.64 -10.82 -6.52
C MET A 44 1.01 -12.08 -5.74
N PRO A 45 0.85 -12.01 -4.41
CA PRO A 45 1.16 -13.15 -3.53
C PRO A 45 0.53 -14.44 -4.02
N SER A 46 1.00 -15.56 -3.47
CA SER A 46 0.50 -16.88 -3.86
C SER A 46 -0.81 -17.18 -3.14
N LYS A 47 -0.89 -16.79 -1.87
CA LYS A 47 -2.09 -17.02 -1.07
C LYS A 47 -3.22 -16.12 -1.53
N TYR A 48 -2.89 -15.10 -2.30
CA TYR A 48 -3.88 -14.15 -2.81
C TYR A 48 -4.36 -14.56 -4.20
N ARG A 49 -4.29 -15.84 -4.50
CA ARG A 49 -4.70 -16.36 -5.80
C ARG A 49 -6.18 -16.05 -6.06
N LYS A 50 -6.45 -14.81 -6.46
CA LYS A 50 -7.82 -14.38 -6.74
C LYS A 50 -7.85 -12.96 -7.27
N ASN A 51 -8.66 -12.74 -8.31
CA ASN A 51 -8.78 -11.42 -8.91
C ASN A 51 -9.26 -10.39 -7.90
N ILE A 52 -8.33 -9.80 -7.17
CA ILE A 52 -8.66 -8.80 -6.17
C ILE A 52 -9.03 -7.47 -6.81
N TRP A 53 -9.91 -6.72 -6.15
CA TRP A 53 -10.33 -5.42 -6.67
C TRP A 53 -9.28 -4.35 -6.41
N ILE A 54 -8.52 -4.01 -7.45
CA ILE A 54 -7.47 -3.00 -7.33
C ILE A 54 -7.71 -1.86 -8.29
N LYS A 55 -7.51 -0.63 -7.80
CA LYS A 55 -7.71 0.56 -8.63
C LYS A 55 -6.51 1.50 -8.51
N ARG A 56 -6.50 2.54 -9.34
CA ARG A 56 -5.41 3.51 -9.33
C ARG A 56 -5.47 4.37 -8.08
N GLY A 57 -4.29 4.72 -7.55
CA GLY A 57 -4.23 5.55 -6.36
C GLY A 57 -4.29 4.72 -5.08
N ASP A 58 -4.87 3.52 -5.19
CA ASP A 58 -4.98 2.64 -4.03
C ASP A 58 -3.62 2.37 -3.41
N PHE A 59 -3.51 2.60 -2.11
CA PHE A 59 -2.25 2.39 -1.39
C PHE A 59 -2.18 0.96 -0.86
N LEU A 60 -1.06 0.30 -1.12
CA LEU A 60 -0.86 -1.07 -0.67
C LEU A 60 0.56 -1.27 -0.13
N ILE A 61 0.80 -2.42 0.49
CA ILE A 61 2.11 -2.72 1.05
C ILE A 61 2.79 -3.85 0.26
N VAL A 62 3.94 -3.55 -0.31
CA VAL A 62 4.70 -4.53 -1.08
C VAL A 62 6.02 -4.87 -0.41
N ASP A 63 6.49 -6.09 -0.62
CA ASP A 63 7.76 -6.53 -0.04
C ASP A 63 8.75 -6.92 -1.12
N PRO A 64 10.00 -6.48 -0.96
CA PRO A 64 11.08 -6.78 -1.92
C PRO A 64 11.49 -8.24 -1.90
N ILE A 65 11.96 -8.73 -3.04
CA ILE A 65 12.39 -10.12 -3.15
C ILE A 65 13.86 -10.22 -3.52
N GLU A 66 14.46 -11.37 -3.23
CA GLU A 66 15.88 -11.59 -3.54
C GLU A 66 16.06 -11.99 -5.00
N GLU A 67 17.32 -12.15 -5.40
CA GLU A 67 17.64 -12.53 -6.77
C GLU A 67 16.62 -13.55 -7.30
N GLY A 68 15.69 -13.08 -8.12
CA GLY A 68 14.67 -13.95 -8.68
C GLY A 68 13.96 -13.32 -9.87
N GLU A 69 12.64 -13.27 -9.80
CA GLU A 69 11.84 -12.70 -10.88
C GLU A 69 12.24 -11.25 -11.15
N LYS A 70 11.76 -10.71 -12.25
CA LYS A 70 12.06 -9.33 -12.62
C LYS A 70 11.19 -8.34 -11.85
N VAL A 71 10.62 -8.82 -10.74
CA VAL A 71 9.76 -7.98 -9.91
C VAL A 71 10.52 -7.47 -8.69
N LYS A 72 10.36 -6.18 -8.41
CA LYS A 72 11.03 -5.56 -7.26
C LYS A 72 10.44 -6.06 -5.95
N ALA A 73 9.12 -5.94 -5.82
CA ALA A 73 8.44 -6.39 -4.60
C ALA A 73 7.07 -6.97 -4.94
N GLU A 74 6.38 -7.46 -3.91
CA GLU A 74 5.05 -8.05 -4.10
C GLU A 74 4.10 -7.59 -3.01
N ILE A 75 2.86 -7.33 -3.39
CA ILE A 75 1.84 -6.88 -2.44
C ILE A 75 1.83 -7.75 -1.20
N SER A 76 1.32 -7.20 -0.10
CA SER A 76 1.25 -7.93 1.16
C SER A 76 -0.14 -7.81 1.78
N PHE A 77 -0.77 -6.64 1.59
CA PHE A 77 -2.10 -6.40 2.14
C PHE A 77 -2.77 -5.23 1.43
N VAL A 78 -4.06 -5.06 1.67
CA VAL A 78 -4.82 -3.98 1.05
C VAL A 78 -5.26 -2.95 2.08
N LEU A 79 -4.59 -1.80 2.07
CA LEU A 79 -4.91 -0.73 3.02
C LEU A 79 -6.28 -0.13 2.71
N CYS A 80 -6.91 0.43 3.74
CA CYS A 80 -8.23 1.03 3.59
C CYS A 80 -8.28 2.41 4.25
N LYS A 81 -9.27 3.21 3.87
CA LYS A 81 -9.43 4.55 4.42
C LYS A 81 -9.04 4.58 5.89
N ASP A 82 -9.61 3.67 6.68
CA ASP A 82 -9.31 3.60 8.11
C ASP A 82 -7.83 3.33 8.34
N HIS A 83 -7.34 2.21 7.81
CA HIS A 83 -5.95 1.84 7.96
C HIS A 83 -5.04 3.07 7.93
N VAL A 84 -5.13 3.83 6.84
CA VAL A 84 -4.33 5.04 6.69
C VAL A 84 -4.40 5.90 7.93
N ARG A 85 -5.62 6.14 8.42
CA ARG A 85 -5.83 6.96 9.60
C ARG A 85 -4.86 6.56 10.72
N SER A 86 -4.57 5.27 10.81
CA SER A 86 -3.68 4.76 11.83
C SER A 86 -2.23 5.15 11.52
N LEU A 87 -1.65 4.51 10.52
CA LEU A 87 -0.27 4.79 10.12
C LEU A 87 -0.04 6.29 10.01
N GLN A 88 -1.11 7.05 9.82
CA GLN A 88 -1.03 8.49 9.69
C GLN A 88 -0.88 9.15 11.06
N LYS A 89 -1.56 8.59 12.06
CA LYS A 89 -1.51 9.13 13.41
C LYS A 89 -0.26 8.63 14.14
N GLU A 90 0.13 7.39 13.85
CA GLU A 90 1.32 6.80 14.48
C GLU A 90 2.59 7.48 13.99
N GLY A 91 2.50 8.15 12.85
CA GLY A 91 3.64 8.83 12.29
C GLY A 91 4.46 7.94 11.38
N PHE A 92 3.77 7.13 10.59
CA PHE A 92 4.45 6.21 9.66
C PHE A 92 4.12 6.58 8.22
N TRP A 93 2.83 6.78 7.94
CA TRP A 93 2.39 7.12 6.59
C TRP A 93 3.36 8.10 5.94
N PRO A 94 3.64 7.87 4.65
CA PRO A 94 4.55 8.73 3.87
C PRO A 94 3.96 10.12 3.61
N GLU A 95 4.84 11.08 3.37
CA GLU A 95 4.41 12.45 3.11
C GLU A 95 3.89 12.59 1.68
N ALA A 96 4.65 12.08 0.73
CA ALA A 96 4.27 12.14 -0.68
C ALA A 96 2.81 11.74 -0.87
N PHE A 97 2.32 10.88 0.02
CA PHE A 97 0.94 10.41 -0.05
C PHE A 97 0.07 11.14 0.97
N SER A 98 0.67 11.54 2.08
CA SER A 98 -0.04 12.24 3.14
C SER A 98 -0.93 13.34 2.55
N GLU A 99 -0.50 13.89 1.42
CA GLU A 99 -1.25 14.96 0.76
C GLU A 99 -2.26 14.38 -0.22
N VAL A 100 -2.73 13.17 0.07
CA VAL A 100 -3.71 12.51 -0.79
C VAL A 100 -5.02 12.25 -0.04
N ALA A 101 -4.91 11.87 1.23
CA ALA A 101 -6.08 11.61 2.05
C ALA A 101 -6.62 12.89 2.67
N GLU A 102 -5.80 13.53 3.51
CA GLU A 102 -6.20 14.76 4.16
C GLU A 102 -7.06 15.63 3.24
N LYS A 103 -6.58 15.83 2.02
CA LYS A 103 -7.29 16.63 1.03
C LYS A 103 -7.84 15.75 -0.10
N HIS A 104 -9.10 15.35 0.03
CA HIS A 104 -9.74 14.51 -0.97
C HIS A 104 -11.21 14.88 -1.13
N ASN A 105 -11.59 15.28 -2.34
CA ASN A 105 -12.97 15.66 -2.62
C ASN A 105 -13.70 14.53 -3.35
N SER A 106 -14.20 13.56 -2.60
CA SER A 106 -14.92 12.44 -3.18
C SER A 106 -16.11 12.92 -4.01
N GLY A 107 -17.01 13.67 -3.37
CA GLY A 107 -18.18 14.18 -4.06
C GLY A 107 -18.98 15.13 -3.20
N PRO A 108 -19.82 14.57 -2.31
CA PRO A 108 -20.66 15.37 -1.42
C PRO A 108 -19.86 16.10 -0.35
N SER A 109 -19.93 17.43 -0.37
CA SER A 109 -19.20 18.25 0.59
C SER A 109 -20.15 18.87 1.60
N SER A 110 -21.18 19.55 1.09
CA SER A 110 -22.16 20.21 1.95
C SER A 110 -23.28 19.24 2.34
N GLY A 111 -23.87 19.47 3.51
CA GLY A 111 -24.94 18.61 3.97
C GLY A 111 -26.19 18.72 3.12
N GLY A 1 -1.36 -23.47 23.75
CA GLY A 1 -0.49 -22.32 23.95
C GLY A 1 -1.02 -21.06 23.31
N SER A 2 -0.49 -19.91 23.73
CA SER A 2 -0.93 -18.63 23.19
C SER A 2 0.22 -17.90 22.51
N SER A 3 0.36 -18.11 21.21
CA SER A 3 1.42 -17.48 20.45
C SER A 3 0.92 -16.21 19.75
N GLY A 4 1.82 -15.24 19.59
CA GLY A 4 1.44 -14.00 18.93
C GLY A 4 0.29 -13.30 19.63
N SER A 5 0.57 -12.17 20.27
CA SER A 5 -0.45 -11.42 20.98
C SER A 5 -1.14 -10.42 20.06
N SER A 6 -2.40 -10.14 20.32
CA SER A 6 -3.17 -9.20 19.50
C SER A 6 -3.21 -7.84 20.16
N GLY A 7 -2.55 -6.87 19.54
CA GLY A 7 -2.52 -5.52 20.07
C GLY A 7 -2.34 -4.47 18.99
N GLU A 8 -1.12 -4.34 18.48
CA GLU A 8 -0.82 -3.37 17.44
C GLU A 8 -1.39 -3.82 16.10
N HIS A 9 -2.00 -2.88 15.38
CA HIS A 9 -2.58 -3.18 14.07
C HIS A 9 -1.49 -3.41 13.03
N ILE A 10 -1.90 -3.88 11.85
CA ILE A 10 -0.95 -4.15 10.77
C ILE A 10 -0.01 -2.97 10.57
N VAL A 11 1.29 -3.24 10.63
CA VAL A 11 2.30 -2.21 10.45
C VAL A 11 3.38 -2.65 9.47
N PRO A 12 3.68 -1.79 8.49
CA PRO A 12 4.69 -2.07 7.47
C PRO A 12 6.00 -2.59 8.08
N SER A 13 6.42 -3.77 7.64
CA SER A 13 7.65 -4.38 8.14
C SER A 13 8.87 -3.58 7.69
N ASN A 14 10.04 -3.98 8.19
CA ASN A 14 11.28 -3.30 7.83
C ASN A 14 11.53 -3.35 6.34
N GLN A 15 11.39 -4.53 5.75
CA GLN A 15 11.61 -4.72 4.32
C GLN A 15 10.41 -4.18 3.52
N GLN A 16 9.22 -4.37 4.07
CA GLN A 16 8.01 -3.92 3.41
C GLN A 16 7.98 -2.39 3.29
N GLN A 17 7.15 -1.88 2.40
CA GLN A 17 7.04 -0.44 2.20
C GLN A 17 5.66 -0.07 1.63
N ILE A 18 5.18 1.12 1.97
CA ILE A 18 3.89 1.59 1.50
C ILE A 18 4.02 2.31 0.17
N VAL A 19 3.26 1.87 -0.83
CA VAL A 19 3.30 2.48 -2.14
C VAL A 19 1.89 2.79 -2.64
N ARG A 20 1.80 3.35 -3.84
CA ARG A 20 0.51 3.69 -4.43
C ARG A 20 0.36 3.06 -5.81
N VAL A 21 -0.81 2.48 -6.07
CA VAL A 21 -1.07 1.84 -7.36
C VAL A 21 -1.23 2.89 -8.47
N LEU A 22 -0.81 2.52 -9.67
CA LEU A 22 -0.91 3.42 -10.82
C LEU A 22 -1.79 2.82 -11.91
N ARG A 23 -1.50 1.58 -12.29
CA ARG A 23 -2.26 0.90 -13.33
C ARG A 23 -1.92 -0.58 -13.37
N THR A 24 -2.84 -1.39 -13.88
CA THR A 24 -2.63 -2.83 -13.98
C THR A 24 -2.80 -3.31 -15.42
N PRO A 25 -1.73 -3.93 -15.96
CA PRO A 25 -1.74 -4.45 -17.33
C PRO A 25 -2.64 -5.66 -17.48
N GLY A 26 -2.99 -6.29 -16.36
CA GLY A 26 -3.85 -7.46 -16.40
C GLY A 26 -3.21 -8.67 -15.77
N ASN A 27 -1.95 -8.92 -16.13
CA ASN A 27 -1.22 -10.07 -15.59
C ASN A 27 -1.24 -10.06 -14.07
N ASN A 28 -0.52 -11.00 -13.46
CA ASN A 28 -0.46 -11.10 -12.01
C ASN A 28 0.54 -10.10 -11.43
N LEU A 29 0.55 -8.89 -11.99
CA LEU A 29 1.45 -7.85 -11.53
C LEU A 29 0.72 -6.52 -11.40
N HIS A 30 1.39 -5.54 -10.79
CA HIS A 30 0.81 -4.21 -10.60
C HIS A 30 1.89 -3.15 -10.55
N GLU A 31 1.69 -2.07 -11.30
CA GLU A 31 2.66 -0.98 -11.33
C GLU A 31 2.34 0.06 -10.26
N VAL A 32 3.24 0.18 -9.29
CA VAL A 32 3.05 1.14 -8.20
C VAL A 32 4.20 2.14 -8.16
N GLU A 33 4.19 3.00 -7.15
CA GLU A 33 5.23 4.02 -6.99
C GLU A 33 5.50 4.28 -5.52
N THR A 34 6.76 4.61 -5.21
CA THR A 34 7.16 4.88 -3.84
C THR A 34 6.99 6.37 -3.50
N ALA A 35 7.29 6.73 -2.26
CA ALA A 35 7.17 8.11 -1.81
C ALA A 35 8.26 8.98 -2.42
N GLN A 36 9.36 8.35 -2.84
CA GLN A 36 10.48 9.07 -3.44
C GLN A 36 10.33 9.13 -4.96
N GLY A 37 9.08 9.05 -5.43
CA GLY A 37 8.82 9.11 -6.86
C GLY A 37 9.57 8.03 -7.62
N GLN A 38 9.25 6.77 -7.31
CA GLN A 38 9.90 5.65 -7.98
C GLN A 38 8.87 4.64 -8.47
N ARG A 39 8.63 4.63 -9.78
CA ARG A 39 7.66 3.71 -10.37
C ARG A 39 8.28 2.34 -10.59
N PHE A 40 7.48 1.30 -10.40
CA PHE A 40 7.95 -0.07 -10.58
C PHE A 40 6.78 -1.05 -10.61
N LEU A 41 7.08 -2.32 -10.83
CA LEU A 41 6.06 -3.35 -10.89
C LEU A 41 6.15 -4.28 -9.67
N VAL A 42 5.00 -4.79 -9.24
CA VAL A 42 4.95 -5.68 -8.08
C VAL A 42 4.31 -7.01 -8.45
N SER A 43 4.47 -8.00 -7.58
CA SER A 43 3.90 -9.32 -7.81
C SER A 43 2.61 -9.51 -7.03
N MET A 44 2.00 -10.68 -7.18
CA MET A 44 0.76 -10.98 -6.48
C MET A 44 0.89 -12.27 -5.68
N PRO A 45 0.71 -12.16 -4.34
CA PRO A 45 0.81 -13.31 -3.43
C PRO A 45 0.01 -14.50 -3.92
N SER A 46 0.31 -15.67 -3.38
CA SER A 46 -0.38 -16.90 -3.76
C SER A 46 -1.76 -16.97 -3.12
N LYS A 47 -1.81 -16.70 -1.82
CA LYS A 47 -3.07 -16.74 -1.08
C LYS A 47 -4.06 -15.72 -1.65
N TYR A 48 -3.55 -14.79 -2.45
CA TYR A 48 -4.39 -13.77 -3.06
C TYR A 48 -4.82 -14.18 -4.47
N ARG A 49 -4.94 -15.48 -4.68
CA ARG A 49 -5.34 -16.00 -5.99
C ARG A 49 -6.78 -15.63 -6.31
N LYS A 50 -6.97 -14.40 -6.77
CA LYS A 50 -8.31 -13.91 -7.11
C LYS A 50 -8.23 -12.51 -7.73
N ASN A 51 -9.39 -11.96 -8.07
CA ASN A 51 -9.45 -10.63 -8.67
C ASN A 51 -9.73 -9.57 -7.61
N ILE A 52 -8.67 -9.15 -6.92
CA ILE A 52 -8.80 -8.13 -5.87
C ILE A 52 -9.09 -6.77 -6.48
N TRP A 53 -9.80 -5.93 -5.72
CA TRP A 53 -10.14 -4.59 -6.18
C TRP A 53 -8.94 -3.65 -6.06
N ILE A 54 -8.12 -3.63 -7.11
CA ILE A 54 -6.94 -2.78 -7.13
C ILE A 54 -7.03 -1.74 -8.24
N LYS A 55 -7.19 -0.48 -7.84
CA LYS A 55 -7.29 0.62 -8.80
C LYS A 55 -6.19 1.64 -8.58
N ARG A 56 -6.08 2.60 -9.49
CA ARG A 56 -5.06 3.64 -9.40
C ARG A 56 -5.32 4.54 -8.19
N GLY A 57 -4.31 4.67 -7.34
CA GLY A 57 -4.44 5.51 -6.16
C GLY A 57 -4.44 4.70 -4.87
N ASP A 58 -4.91 3.45 -4.96
CA ASP A 58 -4.96 2.59 -3.80
C ASP A 58 -3.57 2.26 -3.29
N PHE A 59 -3.33 2.52 -2.01
CA PHE A 59 -2.03 2.26 -1.40
C PHE A 59 -1.96 0.84 -0.86
N LEU A 60 -0.84 0.17 -1.11
CA LEU A 60 -0.64 -1.20 -0.65
C LEU A 60 0.79 -1.41 -0.16
N ILE A 61 0.97 -2.38 0.73
CA ILE A 61 2.29 -2.68 1.28
C ILE A 61 2.97 -3.80 0.49
N VAL A 62 4.11 -3.48 -0.11
CA VAL A 62 4.87 -4.46 -0.89
C VAL A 62 6.17 -4.83 -0.20
N ASP A 63 6.63 -6.06 -0.44
CA ASP A 63 7.87 -6.54 0.17
C ASP A 63 8.91 -6.84 -0.91
N PRO A 64 10.10 -6.24 -0.77
CA PRO A 64 11.20 -6.43 -1.71
C PRO A 64 11.79 -7.83 -1.64
N ILE A 65 12.26 -8.34 -2.79
CA ILE A 65 12.85 -9.67 -2.85
C ILE A 65 14.28 -9.61 -3.36
N GLU A 66 15.10 -10.55 -2.91
CA GLU A 66 16.50 -10.61 -3.32
C GLU A 66 16.61 -10.95 -4.80
N GLU A 67 17.85 -11.05 -5.29
CA GLU A 67 18.09 -11.39 -6.69
C GLU A 67 17.15 -12.48 -7.17
N GLY A 68 16.26 -12.12 -8.09
CA GLY A 68 15.31 -13.09 -8.61
C GLY A 68 14.59 -12.59 -9.84
N GLU A 69 13.27 -12.79 -9.87
CA GLU A 69 12.45 -12.35 -10.99
C GLU A 69 12.68 -10.86 -11.27
N LYS A 70 12.04 -10.37 -12.33
CA LYS A 70 12.17 -8.96 -12.71
C LYS A 70 11.22 -8.09 -11.88
N VAL A 71 10.76 -8.63 -10.76
CA VAL A 71 9.85 -7.91 -9.87
C VAL A 71 10.60 -7.31 -8.69
N LYS A 72 10.22 -6.09 -8.31
CA LYS A 72 10.85 -5.40 -7.19
C LYS A 72 10.36 -5.98 -5.86
N ALA A 73 9.08 -5.79 -5.57
CA ALA A 73 8.49 -6.29 -4.33
C ALA A 73 7.19 -7.02 -4.60
N GLU A 74 6.58 -7.56 -3.54
CA GLU A 74 5.32 -8.28 -3.67
C GLU A 74 4.29 -7.74 -2.68
N ILE A 75 3.06 -7.58 -3.16
CA ILE A 75 1.97 -7.07 -2.32
C ILE A 75 1.85 -7.89 -1.04
N SER A 76 1.44 -7.22 0.04
CA SER A 76 1.29 -7.87 1.33
C SER A 76 -0.15 -7.74 1.84
N PHE A 77 -0.69 -6.52 1.75
CA PHE A 77 -2.05 -6.26 2.21
C PHE A 77 -2.65 -5.07 1.46
N VAL A 78 -3.96 -4.93 1.55
CA VAL A 78 -4.65 -3.82 0.88
C VAL A 78 -5.16 -2.80 1.89
N LEU A 79 -4.46 -1.67 1.96
CA LEU A 79 -4.83 -0.60 2.89
C LEU A 79 -6.17 0.02 2.50
N CYS A 80 -6.94 0.42 3.49
CA CYS A 80 -8.24 1.04 3.25
C CYS A 80 -8.32 2.43 3.88
N LYS A 81 -9.27 3.23 3.43
CA LYS A 81 -9.45 4.58 3.94
C LYS A 81 -9.15 4.63 5.44
N ASP A 82 -9.66 3.65 6.18
CA ASP A 82 -9.46 3.58 7.61
C ASP A 82 -7.99 3.33 7.94
N HIS A 83 -7.48 2.19 7.49
CA HIS A 83 -6.09 1.83 7.73
C HIS A 83 -5.19 3.05 7.66
N VAL A 84 -5.18 3.72 6.52
CA VAL A 84 -4.36 4.91 6.33
C VAL A 84 -4.29 5.74 7.61
N ARG A 85 -5.41 6.37 7.95
CA ARG A 85 -5.47 7.20 9.15
C ARG A 85 -4.64 6.59 10.28
N SER A 86 -4.82 5.30 10.51
CA SER A 86 -4.08 4.61 11.56
C SER A 86 -2.59 4.87 11.44
N LEU A 87 -1.99 4.40 10.34
CA LEU A 87 -0.56 4.59 10.11
C LEU A 87 -0.17 6.05 10.27
N GLN A 88 -1.01 6.94 9.76
CA GLN A 88 -0.75 8.38 9.85
C GLN A 88 -0.58 8.81 11.30
N LYS A 89 -1.55 8.45 12.13
CA LYS A 89 -1.51 8.80 13.55
C LYS A 89 -0.36 8.08 14.25
N GLU A 90 -0.05 6.87 13.80
CA GLU A 90 1.02 6.08 14.38
C GLU A 90 2.38 6.70 14.06
N GLY A 91 2.44 7.47 12.99
CA GLY A 91 3.68 8.11 12.59
C GLY A 91 4.49 7.25 11.63
N PHE A 92 3.81 6.58 10.72
CA PHE A 92 4.48 5.72 9.75
C PHE A 92 4.19 6.19 8.32
N TRP A 93 2.92 6.50 8.05
CA TRP A 93 2.52 6.96 6.72
C TRP A 93 3.55 7.91 6.14
N PRO A 94 3.81 7.77 4.83
CA PRO A 94 4.78 8.61 4.13
C PRO A 94 4.29 10.04 3.96
N GLU A 95 5.04 10.84 3.20
CA GLU A 95 4.68 12.23 2.98
C GLU A 95 4.14 12.42 1.56
N ALA A 96 4.78 11.78 0.59
CA ALA A 96 4.36 11.87 -0.80
C ALA A 96 2.89 11.50 -0.96
N PHE A 97 2.44 10.54 -0.16
CA PHE A 97 1.05 10.09 -0.21
C PHE A 97 0.24 10.69 0.93
N SER A 98 0.78 11.74 1.55
CA SER A 98 0.10 12.41 2.66
C SER A 98 -0.70 13.61 2.17
N GLU A 99 -0.21 14.25 1.11
CA GLU A 99 -0.88 15.41 0.55
C GLU A 99 -1.85 15.00 -0.56
N VAL A 100 -2.30 13.75 -0.50
CA VAL A 100 -3.23 13.23 -1.50
C VAL A 100 -4.55 12.80 -0.85
N ALA A 101 -4.51 12.59 0.46
CA ALA A 101 -5.70 12.18 1.21
C ALA A 101 -6.27 13.35 2.01
N GLU A 102 -5.42 13.95 2.84
CA GLU A 102 -5.85 15.07 3.67
C GLU A 102 -6.75 16.02 2.89
N LYS A 103 -6.30 16.44 1.72
CA LYS A 103 -7.07 17.34 0.87
C LYS A 103 -7.92 16.55 -0.13
N HIS A 104 -9.14 16.20 0.30
CA HIS A 104 -10.05 15.45 -0.55
C HIS A 104 -11.43 15.35 0.09
N ASN A 105 -12.46 15.71 -0.67
CA ASN A 105 -13.83 15.67 -0.17
C ASN A 105 -14.41 14.27 -0.32
N SER A 106 -14.47 13.53 0.79
CA SER A 106 -15.00 12.17 0.78
C SER A 106 -16.52 12.19 0.75
N GLY A 107 -17.12 12.97 1.64
CA GLY A 107 -18.57 13.06 1.70
C GLY A 107 -19.05 14.28 2.45
N PRO A 108 -20.36 14.35 2.72
CA PRO A 108 -20.97 15.47 3.44
C PRO A 108 -20.57 15.50 4.91
N SER A 109 -19.50 16.24 5.21
CA SER A 109 -19.02 16.34 6.59
C SER A 109 -20.18 16.44 7.57
N SER A 110 -20.37 15.41 8.38
CA SER A 110 -21.44 15.38 9.36
C SER A 110 -21.49 16.68 10.15
N GLY A 111 -22.64 17.34 10.13
CA GLY A 111 -22.79 18.59 10.85
C GLY A 111 -23.87 19.47 10.26
N GLY A 1 -4.16 -15.60 9.76
CA GLY A 1 -4.24 -16.11 11.12
C GLY A 1 -3.52 -15.24 12.11
N SER A 2 -2.72 -15.85 12.97
CA SER A 2 -1.97 -15.10 13.98
C SER A 2 -2.90 -14.22 14.81
N SER A 3 -4.05 -14.76 15.17
CA SER A 3 -5.04 -14.02 15.95
C SER A 3 -4.36 -13.27 17.10
N GLY A 4 -4.25 -11.96 16.97
CA GLY A 4 -3.62 -11.16 18.01
C GLY A 4 -4.61 -10.22 18.69
N SER A 5 -5.22 -9.35 17.91
CA SER A 5 -6.18 -8.38 18.44
C SER A 5 -5.65 -7.74 19.71
N SER A 6 -4.37 -7.43 19.72
CA SER A 6 -3.73 -6.81 20.89
C SER A 6 -3.96 -5.30 20.88
N GLY A 7 -3.51 -4.64 19.81
CA GLY A 7 -3.67 -3.20 19.71
C GLY A 7 -3.10 -2.65 18.42
N GLU A 8 -1.79 -2.80 18.24
CA GLU A 8 -1.12 -2.31 17.04
C GLU A 8 -1.69 -2.98 15.79
N HIS A 9 -2.40 -2.21 14.97
CA HIS A 9 -2.99 -2.72 13.75
C HIS A 9 -1.92 -3.01 12.70
N ILE A 10 -2.30 -3.70 11.64
CA ILE A 10 -1.37 -4.05 10.57
C ILE A 10 -0.49 -2.85 10.22
N VAL A 11 0.82 -3.07 10.18
CA VAL A 11 1.77 -2.02 9.85
C VAL A 11 2.87 -2.54 8.95
N PRO A 12 3.26 -1.74 7.95
CA PRO A 12 4.31 -2.09 6.99
C PRO A 12 5.56 -2.62 7.69
N SER A 13 5.96 -3.84 7.33
CA SER A 13 7.13 -4.47 7.93
C SER A 13 8.39 -3.67 7.61
N ASN A 14 9.51 -4.09 8.18
CA ASN A 14 10.78 -3.41 7.96
C ASN A 14 11.09 -3.32 6.47
N GLN A 15 11.05 -4.46 5.80
CA GLN A 15 11.33 -4.50 4.36
C GLN A 15 10.16 -3.95 3.55
N GLN A 16 8.95 -4.23 4.03
CA GLN A 16 7.75 -3.76 3.35
C GLN A 16 7.79 -2.26 3.13
N GLN A 17 6.88 -1.74 2.30
CA GLN A 17 6.82 -0.32 2.02
C GLN A 17 5.45 0.07 1.48
N ILE A 18 5.03 1.30 1.77
CA ILE A 18 3.75 1.80 1.32
C ILE A 18 3.86 2.50 -0.03
N VAL A 19 3.19 1.96 -1.03
CA VAL A 19 3.21 2.54 -2.37
C VAL A 19 1.81 2.82 -2.88
N ARG A 20 1.72 3.44 -4.05
CA ARG A 20 0.43 3.77 -4.65
C ARG A 20 0.30 3.17 -6.04
N VAL A 21 -0.81 2.46 -6.27
CA VAL A 21 -1.05 1.83 -7.56
C VAL A 21 -1.18 2.87 -8.67
N LEU A 22 -0.80 2.48 -9.89
CA LEU A 22 -0.87 3.38 -11.03
C LEU A 22 -1.76 2.79 -12.12
N ARG A 23 -1.37 1.62 -12.62
CA ARG A 23 -2.14 0.95 -13.67
C ARG A 23 -1.80 -0.54 -13.71
N THR A 24 -2.83 -1.37 -13.82
CA THR A 24 -2.65 -2.81 -13.87
C THR A 24 -2.84 -3.34 -15.30
N PRO A 25 -1.79 -3.99 -15.83
CA PRO A 25 -1.82 -4.54 -17.18
C PRO A 25 -2.74 -5.76 -17.29
N GLY A 26 -3.34 -6.13 -16.17
CA GLY A 26 -4.25 -7.27 -16.16
C GLY A 26 -3.63 -8.49 -15.50
N ASN A 27 -2.42 -8.84 -15.92
CA ASN A 27 -1.72 -10.00 -15.37
C ASN A 27 -1.67 -9.92 -13.85
N ASN A 28 -0.96 -10.86 -13.24
CA ASN A 28 -0.83 -10.90 -11.79
C ASN A 28 0.25 -9.93 -11.31
N LEU A 29 0.27 -8.75 -11.92
CA LEU A 29 1.25 -7.72 -11.56
C LEU A 29 0.59 -6.36 -11.43
N HIS A 30 1.31 -5.40 -10.84
CA HIS A 30 0.79 -4.05 -10.66
C HIS A 30 1.92 -3.04 -10.62
N GLU A 31 1.73 -1.90 -11.29
CA GLU A 31 2.74 -0.86 -11.33
C GLU A 31 2.45 0.21 -10.27
N VAL A 32 3.30 0.27 -9.25
CA VAL A 32 3.12 1.25 -8.18
C VAL A 32 4.35 2.15 -8.06
N GLU A 33 4.23 3.20 -7.26
CA GLU A 33 5.33 4.14 -7.05
C GLU A 33 5.52 4.43 -5.56
N THR A 34 6.77 4.66 -5.18
CA THR A 34 7.10 4.95 -3.78
C THR A 34 7.02 6.45 -3.51
N ALA A 35 7.33 6.83 -2.27
CA ALA A 35 7.29 8.23 -1.88
C ALA A 35 8.48 8.99 -2.45
N GLN A 36 9.52 8.25 -2.85
CA GLN A 36 10.72 8.86 -3.41
C GLN A 36 10.62 8.94 -4.93
N GLY A 37 9.39 8.95 -5.44
CA GLY A 37 9.19 9.02 -6.88
C GLY A 37 9.89 7.90 -7.61
N GLN A 38 9.52 6.66 -7.33
CA GLN A 38 10.11 5.50 -7.97
C GLN A 38 9.04 4.51 -8.43
N ARG A 39 8.85 4.44 -9.74
CA ARG A 39 7.85 3.54 -10.32
C ARG A 39 8.44 2.14 -10.51
N PHE A 40 7.61 1.13 -10.30
CA PHE A 40 8.04 -0.26 -10.46
C PHE A 40 6.84 -1.21 -10.47
N LEU A 41 7.10 -2.48 -10.74
CA LEU A 41 6.05 -3.49 -10.77
C LEU A 41 6.13 -4.40 -9.56
N VAL A 42 5.00 -5.01 -9.21
CA VAL A 42 4.94 -5.91 -8.06
C VAL A 42 4.08 -7.13 -8.37
N SER A 43 4.45 -8.27 -7.78
CA SER A 43 3.71 -9.51 -8.00
C SER A 43 2.66 -9.72 -6.92
N MET A 44 1.73 -10.62 -7.18
CA MET A 44 0.66 -10.92 -6.22
C MET A 44 1.01 -12.13 -5.38
N PRO A 45 0.83 -12.02 -4.05
CA PRO A 45 1.12 -13.10 -3.12
C PRO A 45 0.52 -14.42 -3.56
N SER A 46 1.24 -15.51 -3.30
CA SER A 46 0.78 -16.84 -3.66
C SER A 46 -0.50 -17.21 -2.91
N LYS A 47 -0.86 -16.37 -1.94
CA LYS A 47 -2.06 -16.60 -1.14
C LYS A 47 -3.26 -15.87 -1.73
N TYR A 48 -3.02 -14.65 -2.21
CA TYR A 48 -4.08 -13.84 -2.80
C TYR A 48 -4.32 -14.24 -4.25
N ARG A 49 -4.25 -15.54 -4.53
CA ARG A 49 -4.46 -16.05 -5.88
C ARG A 49 -5.88 -15.79 -6.35
N LYS A 50 -6.16 -14.54 -6.71
CA LYS A 50 -7.49 -14.17 -7.18
C LYS A 50 -7.52 -12.71 -7.62
N ASN A 51 -8.17 -12.44 -8.75
CA ASN A 51 -8.27 -11.09 -9.29
C ASN A 51 -8.86 -10.14 -8.25
N ILE A 52 -7.98 -9.56 -7.44
CA ILE A 52 -8.42 -8.61 -6.41
C ILE A 52 -8.78 -7.26 -7.01
N TRP A 53 -9.66 -6.53 -6.33
CA TRP A 53 -10.09 -5.22 -6.80
C TRP A 53 -9.03 -4.16 -6.49
N ILE A 54 -8.09 -3.99 -7.40
CA ILE A 54 -7.02 -3.01 -7.22
C ILE A 54 -7.08 -1.94 -8.29
N LYS A 55 -7.32 -0.70 -7.88
CA LYS A 55 -7.39 0.43 -8.81
C LYS A 55 -6.27 1.42 -8.55
N ARG A 56 -6.12 2.40 -9.44
CA ARG A 56 -5.09 3.42 -9.30
C ARG A 56 -5.40 4.36 -8.14
N GLY A 57 -4.35 4.83 -7.48
CA GLY A 57 -4.53 5.73 -6.36
C GLY A 57 -4.53 5.01 -5.03
N ASP A 58 -4.98 3.76 -5.03
CA ASP A 58 -5.03 2.96 -3.81
C ASP A 58 -3.61 2.68 -3.29
N PHE A 59 -3.42 2.85 -1.99
CA PHE A 59 -2.12 2.63 -1.38
C PHE A 59 -2.04 1.20 -0.80
N LEU A 60 -1.04 0.46 -1.25
CA LEU A 60 -0.85 -0.91 -0.78
C LEU A 60 0.56 -1.11 -0.21
N ILE A 61 0.73 -2.16 0.56
CA ILE A 61 2.04 -2.47 1.16
C ILE A 61 2.72 -3.62 0.43
N VAL A 62 3.86 -3.32 -0.18
CA VAL A 62 4.62 -4.34 -0.90
C VAL A 62 5.96 -4.62 -0.23
N ASP A 63 6.51 -5.80 -0.49
CA ASP A 63 7.78 -6.19 0.10
C ASP A 63 8.77 -6.61 -0.98
N PRO A 64 10.02 -6.13 -0.85
CA PRO A 64 11.09 -6.44 -1.80
C PRO A 64 11.53 -7.90 -1.73
N ILE A 65 12.06 -8.40 -2.84
CA ILE A 65 12.53 -9.79 -2.90
C ILE A 65 13.99 -9.87 -3.32
N GLU A 66 14.67 -10.92 -2.90
CA GLU A 66 16.07 -11.11 -3.24
C GLU A 66 16.24 -11.49 -4.71
N GLU A 67 17.49 -11.54 -5.16
CA GLU A 67 17.78 -11.90 -6.54
C GLU A 67 16.79 -12.93 -7.06
N GLY A 68 15.95 -12.52 -8.00
CA GLY A 68 14.96 -13.44 -8.57
C GLY A 68 14.38 -12.92 -9.87
N GLU A 69 13.06 -13.05 -10.01
CA GLU A 69 12.37 -12.60 -11.23
C GLU A 69 12.60 -11.11 -11.45
N LYS A 70 11.94 -10.57 -12.46
CA LYS A 70 12.07 -9.15 -12.79
C LYS A 70 11.15 -8.31 -11.92
N VAL A 71 10.76 -8.86 -10.78
CA VAL A 71 9.88 -8.15 -9.85
C VAL A 71 10.67 -7.54 -8.70
N LYS A 72 10.31 -6.32 -8.33
CA LYS A 72 10.98 -5.62 -7.24
C LYS A 72 10.41 -6.04 -5.89
N ALA A 73 9.09 -5.99 -5.77
CA ALA A 73 8.41 -6.37 -4.53
C ALA A 73 7.07 -7.01 -4.82
N GLU A 74 6.38 -7.42 -3.75
CA GLU A 74 5.08 -8.06 -3.88
C GLU A 74 4.09 -7.51 -2.86
N ILE A 75 2.85 -7.31 -3.29
CA ILE A 75 1.81 -6.78 -2.40
C ILE A 75 1.76 -7.58 -1.10
N SER A 76 1.23 -6.94 -0.05
CA SER A 76 1.13 -7.59 1.25
C SER A 76 -0.30 -7.47 1.79
N PHE A 77 -0.87 -6.28 1.66
CA PHE A 77 -2.23 -6.03 2.14
C PHE A 77 -2.81 -4.77 1.52
N VAL A 78 -4.13 -4.72 1.41
CA VAL A 78 -4.81 -3.57 0.82
C VAL A 78 -5.26 -2.59 1.90
N LEU A 79 -4.58 -1.45 1.99
CA LEU A 79 -4.91 -0.43 2.98
C LEU A 79 -6.28 0.17 2.71
N CYS A 80 -6.98 0.54 3.77
CA CYS A 80 -8.31 1.13 3.65
C CYS A 80 -8.35 2.51 4.30
N LYS A 81 -9.47 3.21 4.10
CA LYS A 81 -9.63 4.55 4.67
C LYS A 81 -9.13 4.60 6.10
N ASP A 82 -9.74 3.79 6.97
CA ASP A 82 -9.34 3.74 8.38
C ASP A 82 -7.85 3.46 8.51
N HIS A 83 -7.42 2.32 7.97
CA HIS A 83 -6.01 1.92 8.03
C HIS A 83 -5.10 3.15 7.91
N VAL A 84 -5.22 3.86 6.78
CA VAL A 84 -4.41 5.04 6.54
C VAL A 84 -4.42 5.97 7.75
N ARG A 85 -5.58 6.08 8.39
CA ARG A 85 -5.72 6.94 9.56
C ARG A 85 -4.76 6.52 10.66
N SER A 86 -4.73 5.22 10.95
CA SER A 86 -3.86 4.69 12.00
C SER A 86 -2.40 4.98 11.68
N LEU A 87 -1.90 4.37 10.61
CA LEU A 87 -0.51 4.56 10.20
C LEU A 87 -0.10 6.03 10.33
N GLN A 88 -0.99 6.92 9.87
CA GLN A 88 -0.72 8.35 9.94
C GLN A 88 -0.52 8.81 11.38
N LYS A 89 -1.28 8.20 12.29
CA LYS A 89 -1.19 8.55 13.71
C LYS A 89 0.05 7.92 14.35
N GLU A 90 0.26 6.64 14.08
CA GLU A 90 1.41 5.93 14.63
C GLU A 90 2.71 6.58 14.19
N GLY A 91 2.67 7.26 13.05
CA GLY A 91 3.85 7.92 12.53
C GLY A 91 4.62 7.06 11.55
N PHE A 92 3.91 6.42 10.63
CA PHE A 92 4.52 5.55 9.64
C PHE A 92 4.21 6.04 8.22
N TRP A 93 2.99 6.51 8.02
CA TRP A 93 2.55 7.01 6.72
C TRP A 93 3.60 7.94 6.12
N PRO A 94 3.83 7.81 4.81
CA PRO A 94 4.81 8.64 4.09
C PRO A 94 4.35 10.09 3.96
N GLU A 95 5.13 10.89 3.23
CA GLU A 95 4.80 12.29 3.03
C GLU A 95 4.30 12.54 1.60
N ALA A 96 4.92 11.87 0.65
CA ALA A 96 4.55 12.01 -0.76
C ALA A 96 3.10 11.58 -0.98
N PHE A 97 2.50 10.98 0.05
CA PHE A 97 1.12 10.53 -0.05
C PHE A 97 0.27 11.10 1.08
N SER A 98 0.84 12.08 1.80
CA SER A 98 0.14 12.71 2.91
C SER A 98 -0.71 13.88 2.42
N GLU A 99 -0.21 14.58 1.40
CA GLU A 99 -0.93 15.73 0.85
C GLU A 99 -1.90 15.27 -0.24
N VAL A 100 -2.55 14.13 -0.01
CA VAL A 100 -3.51 13.59 -0.95
C VAL A 100 -4.83 13.25 -0.27
N ALA A 101 -4.74 12.72 0.95
CA ALA A 101 -5.92 12.34 1.72
C ALA A 101 -6.61 13.58 2.30
N GLU A 102 -5.82 14.51 2.82
CA GLU A 102 -6.34 15.72 3.40
C GLU A 102 -7.22 16.47 2.40
N LYS A 103 -8.35 16.99 2.89
CA LYS A 103 -9.28 17.72 2.04
C LYS A 103 -9.52 16.99 0.72
N HIS A 104 -9.71 15.67 0.81
CA HIS A 104 -9.94 14.86 -0.37
C HIS A 104 -11.25 15.26 -1.06
N ASN A 105 -12.32 15.35 -0.27
CA ASN A 105 -13.62 15.72 -0.80
C ASN A 105 -13.86 17.22 -0.68
N SER A 106 -13.45 17.96 -1.72
CA SER A 106 -13.61 19.41 -1.73
C SER A 106 -14.80 19.82 -2.60
N GLY A 107 -15.62 20.73 -2.07
CA GLY A 107 -16.78 21.20 -2.81
C GLY A 107 -18.07 21.03 -2.03
N PRO A 108 -18.96 20.17 -2.54
CA PRO A 108 -20.26 19.89 -1.90
C PRO A 108 -20.11 19.12 -0.59
N SER A 109 -18.90 18.63 -0.33
CA SER A 109 -18.62 17.87 0.88
C SER A 109 -19.44 18.41 2.05
N SER A 110 -20.28 17.55 2.62
CA SER A 110 -21.12 17.94 3.75
C SER A 110 -21.42 16.73 4.64
N GLY A 111 -21.65 16.99 5.92
CA GLY A 111 -21.95 15.93 6.85
C GLY A 111 -23.18 16.22 7.70
N GLY A 1 -3.39 -5.12 31.82
CA GLY A 1 -2.31 -5.85 32.47
C GLY A 1 -1.25 -4.93 33.05
N SER A 2 -0.01 -5.11 32.62
CA SER A 2 1.09 -4.30 33.11
C SER A 2 1.55 -3.31 32.05
N SER A 3 1.80 -3.82 30.84
CA SER A 3 2.25 -2.98 29.74
C SER A 3 1.72 -3.51 28.40
N GLY A 4 1.78 -2.67 27.38
CA GLY A 4 1.29 -3.06 26.07
C GLY A 4 2.07 -2.39 24.95
N SER A 5 1.39 -2.15 23.82
CA SER A 5 2.02 -1.53 22.67
C SER A 5 1.02 -0.65 21.92
N SER A 6 1.53 0.17 21.01
CA SER A 6 0.69 1.05 20.21
C SER A 6 0.63 0.59 18.76
N GLY A 7 1.19 -0.59 18.49
CA GLY A 7 1.19 -1.12 17.14
C GLY A 7 0.89 -2.61 17.11
N GLU A 8 -0.36 -2.96 17.41
CA GLU A 8 -0.77 -4.36 17.41
C GLU A 8 -1.47 -4.72 16.11
N HIS A 9 -1.64 -3.73 15.24
CA HIS A 9 -2.30 -3.94 13.95
C HIS A 9 -1.27 -4.00 12.82
N ILE A 10 -1.72 -4.38 11.63
CA ILE A 10 -0.84 -4.47 10.48
C ILE A 10 -0.01 -3.20 10.30
N VAL A 11 1.29 -3.32 10.47
CA VAL A 11 2.20 -2.19 10.35
C VAL A 11 3.37 -2.52 9.43
N PRO A 12 3.66 -1.61 8.49
CA PRO A 12 4.76 -1.79 7.54
C PRO A 12 6.06 -2.20 8.21
N SER A 13 6.57 -3.37 7.84
CA SER A 13 7.81 -3.88 8.42
C SER A 13 9.02 -3.14 7.87
N ASN A 14 10.21 -3.50 8.35
CA ASN A 14 11.44 -2.87 7.92
C ASN A 14 11.69 -3.16 6.44
N GLN A 15 11.21 -4.30 5.96
CA GLN A 15 11.38 -4.69 4.57
C GLN A 15 10.21 -4.21 3.71
N GLN A 16 9.01 -4.26 4.29
CA GLN A 16 7.81 -3.84 3.58
C GLN A 16 7.79 -2.32 3.41
N GLN A 17 6.99 -1.86 2.45
CA GLN A 17 6.88 -0.43 2.17
C GLN A 17 5.51 -0.09 1.60
N ILE A 18 5.05 1.13 1.86
CA ILE A 18 3.75 1.58 1.38
C ILE A 18 3.89 2.31 0.05
N VAL A 19 3.16 1.84 -0.96
CA VAL A 19 3.21 2.46 -2.29
C VAL A 19 1.80 2.74 -2.80
N ARG A 20 1.72 3.44 -3.93
CA ARG A 20 0.43 3.78 -4.52
C ARG A 20 0.31 3.19 -5.93
N VAL A 21 -0.81 2.51 -6.18
CA VAL A 21 -1.04 1.90 -7.48
C VAL A 21 -1.25 2.95 -8.56
N LEU A 22 -0.65 2.73 -9.72
CA LEU A 22 -0.76 3.67 -10.83
C LEU A 22 -1.62 3.08 -11.95
N ARG A 23 -1.26 1.88 -12.40
CA ARG A 23 -2.00 1.21 -13.46
C ARG A 23 -1.67 -0.28 -13.50
N THR A 24 -2.54 -1.06 -14.14
CA THR A 24 -2.34 -2.50 -14.24
C THR A 24 -2.57 -2.97 -15.67
N PRO A 25 -1.56 -3.65 -16.25
CA PRO A 25 -1.63 -4.18 -17.61
C PRO A 25 -2.60 -5.35 -17.73
N GLY A 26 -2.90 -5.98 -16.60
CA GLY A 26 -3.81 -7.10 -16.60
C GLY A 26 -3.22 -8.32 -15.92
N ASN A 27 -2.00 -8.68 -16.28
CA ASN A 27 -1.33 -9.84 -15.70
C ASN A 27 -1.36 -9.76 -14.18
N ASN A 28 -0.68 -10.71 -13.54
CA ASN A 28 -0.62 -10.75 -12.07
C ASN A 28 0.43 -9.78 -11.54
N LEU A 29 0.49 -8.60 -12.15
CA LEU A 29 1.45 -7.58 -11.74
C LEU A 29 0.79 -6.21 -11.64
N HIS A 30 1.46 -5.28 -10.98
CA HIS A 30 0.94 -3.93 -10.82
C HIS A 30 2.07 -2.91 -10.70
N GLU A 31 1.91 -1.78 -11.37
CA GLU A 31 2.92 -0.72 -11.33
C GLU A 31 2.60 0.31 -10.26
N VAL A 32 3.41 0.32 -9.20
CA VAL A 32 3.21 1.26 -8.10
C VAL A 32 4.41 2.21 -7.97
N GLU A 33 4.25 3.23 -7.14
CA GLU A 33 5.31 4.21 -6.93
C GLU A 33 5.49 4.51 -5.43
N THR A 34 6.72 4.80 -5.04
CA THR A 34 7.02 5.10 -3.65
C THR A 34 6.90 6.60 -3.37
N ALA A 35 7.23 6.99 -2.14
CA ALA A 35 7.16 8.39 -1.75
C ALA A 35 8.33 9.19 -2.33
N GLN A 36 9.42 8.49 -2.64
CA GLN A 36 10.60 9.13 -3.20
C GLN A 36 10.54 9.15 -4.72
N GLY A 37 9.32 9.11 -5.26
CA GLY A 37 9.15 9.13 -6.70
C GLY A 37 9.88 7.99 -7.38
N GLN A 38 9.50 6.76 -7.06
CA GLN A 38 10.13 5.58 -7.64
C GLN A 38 9.08 4.60 -8.17
N ARG A 39 8.91 4.59 -9.48
CA ARG A 39 7.93 3.71 -10.12
C ARG A 39 8.51 2.31 -10.31
N PHE A 40 7.67 1.29 -10.12
CA PHE A 40 8.11 -0.10 -10.26
C PHE A 40 6.91 -1.04 -10.32
N LEU A 41 7.16 -2.31 -10.60
CA LEU A 41 6.11 -3.31 -10.68
C LEU A 41 6.16 -4.26 -9.48
N VAL A 42 5.01 -4.87 -9.17
CA VAL A 42 4.93 -5.80 -8.05
C VAL A 42 4.12 -7.04 -8.42
N SER A 43 4.45 -8.16 -7.80
CA SER A 43 3.75 -9.41 -8.07
C SER A 43 2.62 -9.62 -7.07
N MET A 44 1.79 -10.63 -7.33
CA MET A 44 0.66 -10.95 -6.46
C MET A 44 0.91 -12.23 -5.69
N PRO A 45 0.75 -12.18 -4.37
CA PRO A 45 0.95 -13.34 -3.49
C PRO A 45 0.24 -14.58 -4.00
N SER A 46 0.66 -15.74 -3.50
CA SER A 46 0.06 -17.00 -3.91
C SER A 46 -1.26 -17.25 -3.19
N LYS A 47 -1.30 -16.88 -1.92
CA LYS A 47 -2.51 -17.05 -1.11
C LYS A 47 -3.61 -16.10 -1.57
N TYR A 48 -3.23 -15.08 -2.34
CA TYR A 48 -4.18 -14.11 -2.83
C TYR A 48 -4.62 -14.44 -4.26
N ARG A 49 -4.59 -15.72 -4.59
CA ARG A 49 -4.99 -16.18 -5.92
C ARG A 49 -6.46 -15.92 -6.17
N LYS A 50 -6.79 -14.69 -6.55
CA LYS A 50 -8.17 -14.31 -6.83
C LYS A 50 -8.24 -12.89 -7.40
N ASN A 51 -9.45 -12.45 -7.72
CA ASN A 51 -9.66 -11.11 -8.27
C ASN A 51 -9.84 -10.09 -7.16
N ILE A 52 -8.74 -9.48 -6.73
CA ILE A 52 -8.78 -8.48 -5.68
C ILE A 52 -9.06 -7.08 -6.25
N TRP A 53 -9.65 -6.22 -5.43
CA TRP A 53 -9.97 -4.87 -5.85
C TRP A 53 -8.71 -4.01 -5.91
N ILE A 54 -8.10 -3.94 -7.09
CA ILE A 54 -6.90 -3.14 -7.29
C ILE A 54 -7.10 -2.08 -8.35
N LYS A 55 -6.94 -0.82 -7.96
CA LYS A 55 -7.10 0.30 -8.87
C LYS A 55 -6.05 1.38 -8.62
N ARG A 56 -6.08 2.43 -9.42
CA ARG A 56 -5.14 3.53 -9.27
C ARG A 56 -5.43 4.35 -8.02
N GLY A 57 -4.39 4.89 -7.42
CA GLY A 57 -4.56 5.69 -6.21
C GLY A 57 -4.69 4.84 -4.97
N ASP A 58 -4.77 3.53 -5.15
CA ASP A 58 -4.90 2.60 -4.04
C ASP A 58 -3.54 2.33 -3.40
N PHE A 59 -3.44 2.59 -2.10
CA PHE A 59 -2.19 2.37 -1.37
C PHE A 59 -2.12 0.94 -0.83
N LEU A 60 -1.00 0.28 -1.09
CA LEU A 60 -0.80 -1.09 -0.63
C LEU A 60 0.64 -1.32 -0.20
N ILE A 61 0.84 -2.23 0.75
CA ILE A 61 2.18 -2.54 1.24
C ILE A 61 2.82 -3.66 0.43
N VAL A 62 4.06 -3.44 0.00
CA VAL A 62 4.78 -4.43 -0.78
C VAL A 62 6.14 -4.74 -0.15
N ASP A 63 6.62 -5.96 -0.39
CA ASP A 63 7.92 -6.37 0.15
C ASP A 63 8.87 -6.77 -0.97
N PRO A 64 10.14 -6.33 -0.84
CA PRO A 64 11.16 -6.63 -1.85
C PRO A 64 11.57 -8.09 -1.84
N ILE A 65 11.97 -8.60 -3.01
CA ILE A 65 12.38 -9.98 -3.14
C ILE A 65 13.87 -10.09 -3.50
N GLU A 66 14.45 -11.25 -3.23
CA GLU A 66 15.86 -11.48 -3.52
C GLU A 66 16.08 -11.72 -5.01
N GLU A 67 17.34 -11.87 -5.41
CA GLU A 67 17.68 -12.10 -6.81
C GLU A 67 16.79 -13.18 -7.40
N GLY A 68 15.72 -12.75 -8.08
CA GLY A 68 14.80 -13.68 -8.69
C GLY A 68 14.25 -13.18 -10.02
N GLU A 69 12.96 -12.96 -10.07
CA GLU A 69 12.31 -12.47 -11.29
C GLU A 69 12.56 -10.98 -11.48
N LYS A 70 11.92 -10.41 -12.50
CA LYS A 70 12.08 -8.99 -12.79
C LYS A 70 11.12 -8.15 -11.94
N VAL A 71 10.70 -8.72 -10.81
CA VAL A 71 9.80 -8.03 -9.90
C VAL A 71 10.56 -7.43 -8.72
N LYS A 72 10.21 -6.20 -8.35
CA LYS A 72 10.86 -5.52 -7.24
C LYS A 72 10.36 -6.06 -5.91
N ALA A 73 9.05 -6.00 -5.70
CA ALA A 73 8.45 -6.48 -4.46
C ALA A 73 7.12 -7.18 -4.73
N GLU A 74 6.51 -7.72 -3.68
CA GLU A 74 5.24 -8.42 -3.81
C GLU A 74 4.23 -7.90 -2.79
N ILE A 75 3.03 -7.62 -3.27
CA ILE A 75 1.96 -7.11 -2.40
C ILE A 75 1.89 -7.91 -1.10
N SER A 76 1.53 -7.24 -0.02
CA SER A 76 1.43 -7.89 1.29
C SER A 76 0.01 -7.76 1.83
N PHE A 77 -0.56 -6.57 1.76
CA PHE A 77 -1.91 -6.33 2.24
C PHE A 77 -2.55 -5.15 1.50
N VAL A 78 -3.86 -4.98 1.70
CA VAL A 78 -4.59 -3.91 1.05
C VAL A 78 -5.05 -2.86 2.07
N LEU A 79 -4.48 -1.67 1.98
CA LEU A 79 -4.84 -0.59 2.90
C LEU A 79 -6.20 0.01 2.54
N CYS A 80 -6.96 0.37 3.55
CA CYS A 80 -8.28 0.96 3.34
C CYS A 80 -8.33 2.39 3.86
N LYS A 81 -9.43 3.08 3.58
CA LYS A 81 -9.61 4.46 4.02
C LYS A 81 -9.26 4.61 5.50
N ASP A 82 -9.72 3.65 6.30
CA ASP A 82 -9.45 3.68 7.75
C ASP A 82 -7.98 3.39 8.03
N HIS A 83 -7.50 2.24 7.57
CA HIS A 83 -6.12 1.85 7.78
C HIS A 83 -5.19 3.06 7.67
N VAL A 84 -5.24 3.73 6.52
CA VAL A 84 -4.40 4.91 6.28
C VAL A 84 -4.41 5.84 7.49
N ARG A 85 -5.60 6.00 8.09
CA ARG A 85 -5.75 6.88 9.25
C ARG A 85 -4.75 6.51 10.34
N SER A 86 -4.76 5.23 10.73
CA SER A 86 -3.86 4.74 11.77
C SER A 86 -2.41 5.12 11.45
N LEU A 87 -1.86 4.47 10.43
CA LEU A 87 -0.49 4.72 10.02
C LEU A 87 -0.14 6.21 10.15
N GLN A 88 -1.08 7.06 9.74
CA GLN A 88 -0.88 8.50 9.80
C GLN A 88 -0.74 8.97 11.24
N LYS A 89 -1.61 8.46 12.11
CA LYS A 89 -1.58 8.83 13.53
C LYS A 89 -0.49 8.06 14.26
N GLU A 90 0.03 7.02 13.62
CA GLU A 90 1.10 6.21 14.21
C GLU A 90 2.47 6.82 13.95
N GLY A 91 2.53 7.71 12.96
CA GLY A 91 3.78 8.36 12.62
C GLY A 91 4.63 7.53 11.67
N PHE A 92 3.97 6.80 10.78
CA PHE A 92 4.66 5.95 9.82
C PHE A 92 4.34 6.39 8.39
N TRP A 93 3.07 6.70 8.14
CA TRP A 93 2.64 7.13 6.82
C TRP A 93 3.64 8.12 6.21
N PRO A 94 3.89 7.96 4.90
CA PRO A 94 4.83 8.83 4.17
C PRO A 94 4.29 10.25 4.00
N GLU A 95 4.89 11.00 3.09
CA GLU A 95 4.47 12.37 2.83
C GLU A 95 3.91 12.51 1.41
N ALA A 96 4.55 11.84 0.46
CA ALA A 96 4.12 11.88 -0.92
C ALA A 96 2.68 11.39 -1.08
N PHE A 97 2.20 10.68 -0.06
CA PHE A 97 0.84 10.16 -0.08
C PHE A 97 0.00 10.80 1.02
N SER A 98 0.47 11.92 1.54
CA SER A 98 -0.23 12.63 2.61
C SER A 98 -1.00 13.82 2.05
N GLU A 99 -0.47 14.42 0.98
CA GLU A 99 -1.10 15.56 0.35
C GLU A 99 -2.05 15.13 -0.77
N VAL A 100 -2.31 13.82 -0.82
CA VAL A 100 -3.20 13.26 -1.84
C VAL A 100 -4.53 12.84 -1.24
N ALA A 101 -4.56 12.70 0.08
CA ALA A 101 -5.78 12.30 0.78
C ALA A 101 -6.42 13.49 1.49
N GLU A 102 -7.31 14.18 0.78
CA GLU A 102 -7.99 15.34 1.33
C GLU A 102 -9.50 15.14 1.32
N LYS A 103 -10.04 14.69 2.45
CA LYS A 103 -11.48 14.45 2.56
C LYS A 103 -12.05 13.94 1.25
N HIS A 104 -11.25 13.19 0.50
CA HIS A 104 -11.68 12.63 -0.77
C HIS A 104 -13.00 11.89 -0.61
N ASN A 105 -13.04 10.95 0.32
CA ASN A 105 -14.24 10.17 0.57
C ASN A 105 -15.40 11.06 0.99
N SER A 106 -16.57 10.83 0.39
CA SER A 106 -17.75 11.63 0.69
C SER A 106 -18.25 11.33 2.10
N GLY A 107 -18.49 12.38 2.88
CA GLY A 107 -18.97 12.22 4.24
C GLY A 107 -18.29 13.17 5.21
N PRO A 108 -19.04 13.58 6.25
CA PRO A 108 -18.52 14.50 7.27
C PRO A 108 -17.46 13.85 8.15
N SER A 109 -16.75 14.68 8.92
CA SER A 109 -15.71 14.19 9.81
C SER A 109 -16.09 12.84 10.41
N SER A 110 -17.32 12.77 10.93
CA SER A 110 -17.81 11.54 11.55
C SER A 110 -18.04 10.46 10.49
N GLY A 111 -18.85 10.79 9.48
CA GLY A 111 -19.14 9.84 8.43
C GLY A 111 -17.88 9.37 7.71
N GLY A 1 12.35 -13.99 22.39
CA GLY A 1 11.36 -14.13 23.43
C GLY A 1 10.04 -13.47 23.08
N SER A 2 9.00 -14.27 22.90
CA SER A 2 7.68 -13.75 22.56
C SER A 2 6.60 -14.39 23.41
N SER A 3 6.27 -13.74 24.52
CA SER A 3 5.25 -14.26 25.44
C SER A 3 3.88 -14.21 24.78
N GLY A 4 3.53 -13.06 24.22
CA GLY A 4 2.24 -12.91 23.58
C GLY A 4 1.54 -11.63 23.98
N SER A 5 1.38 -10.71 23.03
CA SER A 5 0.72 -9.43 23.30
C SER A 5 -0.27 -9.09 22.20
N SER A 6 -1.28 -8.30 22.55
CA SER A 6 -2.30 -7.89 21.59
C SER A 6 -2.38 -6.37 21.48
N GLY A 7 -2.76 -5.89 20.31
CA GLY A 7 -2.87 -4.46 20.09
C GLY A 7 -2.32 -4.02 18.75
N GLU A 8 -1.00 -3.98 18.64
CA GLU A 8 -0.34 -3.57 17.39
C GLU A 8 -1.10 -4.11 16.19
N HIS A 9 -1.50 -3.21 15.29
CA HIS A 9 -2.23 -3.59 14.09
C HIS A 9 -1.29 -3.74 12.90
N ILE A 10 -1.81 -4.28 11.80
CA ILE A 10 -1.01 -4.48 10.60
C ILE A 10 -0.19 -3.23 10.27
N VAL A 11 1.12 -3.34 10.38
CA VAL A 11 2.01 -2.22 10.08
C VAL A 11 3.17 -2.66 9.20
N PRO A 12 3.46 -1.86 8.16
CA PRO A 12 4.56 -2.14 7.22
C PRO A 12 5.86 -2.50 7.94
N SER A 13 6.39 -3.68 7.63
CA SER A 13 7.63 -4.14 8.24
C SER A 13 8.83 -3.35 7.71
N ASN A 14 9.99 -3.59 8.31
CA ASN A 14 11.21 -2.90 7.90
C ASN A 14 11.48 -3.12 6.41
N GLN A 15 11.40 -4.38 5.98
CA GLN A 15 11.64 -4.71 4.58
C GLN A 15 10.48 -4.24 3.70
N GLN A 16 9.27 -4.36 4.22
CA GLN A 16 8.08 -3.94 3.47
C GLN A 16 8.09 -2.42 3.25
N GLN A 17 7.13 -1.95 2.47
CA GLN A 17 7.02 -0.52 2.18
C GLN A 17 5.65 -0.18 1.58
N ILE A 18 5.20 1.04 1.84
CA ILE A 18 3.90 1.48 1.32
C ILE A 18 4.05 2.16 -0.04
N VAL A 19 3.17 1.80 -0.96
CA VAL A 19 3.20 2.38 -2.31
C VAL A 19 1.80 2.63 -2.83
N ARG A 20 1.69 3.47 -3.86
CA ARG A 20 0.40 3.79 -4.46
C ARG A 20 0.26 3.15 -5.84
N VAL A 21 -0.92 2.61 -6.12
CA VAL A 21 -1.18 1.96 -7.40
C VAL A 21 -1.30 3.01 -8.52
N LEU A 22 -0.93 2.60 -9.73
CA LEU A 22 -1.00 3.49 -10.88
C LEU A 22 -1.83 2.88 -12.00
N ARG A 23 -1.38 1.73 -12.51
CA ARG A 23 -2.09 1.05 -13.59
C ARG A 23 -1.85 -0.45 -13.51
N THR A 24 -2.50 -1.19 -14.42
CA THR A 24 -2.35 -2.65 -14.45
C THR A 24 -2.44 -3.17 -15.88
N PRO A 25 -1.37 -3.85 -16.32
CA PRO A 25 -1.29 -4.42 -17.67
C PRO A 25 -2.25 -5.59 -17.85
N GLY A 26 -2.90 -6.00 -16.76
CA GLY A 26 -3.83 -7.12 -16.83
C GLY A 26 -3.32 -8.33 -16.09
N ASN A 27 -2.07 -8.70 -16.32
CA ASN A 27 -1.47 -9.86 -15.66
C ASN A 27 -1.56 -9.73 -14.15
N ASN A 28 -0.95 -10.68 -13.44
CA ASN A 28 -0.96 -10.67 -11.98
C ASN A 28 0.10 -9.73 -11.44
N LEU A 29 0.26 -8.57 -12.08
CA LEU A 29 1.23 -7.57 -11.65
C LEU A 29 0.61 -6.19 -11.58
N HIS A 30 1.32 -5.25 -10.98
CA HIS A 30 0.84 -3.88 -10.84
C HIS A 30 2.00 -2.90 -10.74
N GLU A 31 1.85 -1.75 -11.38
CA GLU A 31 2.90 -0.72 -11.36
C GLU A 31 2.62 0.31 -10.27
N VAL A 32 3.35 0.20 -9.16
CA VAL A 32 3.19 1.13 -8.05
C VAL A 32 4.38 2.07 -7.94
N GLU A 33 4.24 3.10 -7.10
CA GLU A 33 5.30 4.08 -6.92
C GLU A 33 5.53 4.35 -5.43
N THR A 34 6.78 4.63 -5.07
CA THR A 34 7.13 4.90 -3.68
C THR A 34 7.00 6.39 -3.37
N ALA A 35 7.20 6.73 -2.10
CA ALA A 35 7.10 8.13 -1.67
C ALA A 35 8.30 8.94 -2.16
N GLN A 36 9.38 8.25 -2.51
CA GLN A 36 10.59 8.89 -3.00
C GLN A 36 10.56 9.02 -4.52
N GLY A 37 9.36 9.00 -5.09
CA GLY A 37 9.23 9.10 -6.53
C GLY A 37 9.94 7.99 -7.27
N GLN A 38 9.49 6.76 -7.03
CA GLN A 38 10.09 5.59 -7.67
C GLN A 38 9.02 4.63 -8.18
N ARG A 39 8.81 4.60 -9.49
CA ARG A 39 7.81 3.74 -10.08
C ARG A 39 8.38 2.35 -10.35
N PHE A 40 7.57 1.33 -10.16
CA PHE A 40 8.01 -0.05 -10.38
C PHE A 40 6.81 -1.00 -10.40
N LEU A 41 7.07 -2.27 -10.73
CA LEU A 41 6.02 -3.27 -10.78
C LEU A 41 6.08 -4.17 -9.55
N VAL A 42 4.94 -4.80 -9.24
CA VAL A 42 4.86 -5.70 -8.09
C VAL A 42 4.08 -6.96 -8.43
N SER A 43 4.41 -8.06 -7.76
CA SER A 43 3.75 -9.33 -8.00
C SER A 43 2.64 -9.56 -6.97
N MET A 44 1.73 -10.49 -7.28
CA MET A 44 0.63 -10.81 -6.39
C MET A 44 0.97 -12.02 -5.52
N PRO A 45 0.73 -11.89 -4.21
CA PRO A 45 1.00 -12.96 -3.25
C PRO A 45 0.43 -14.30 -3.71
N SER A 46 0.95 -15.39 -3.12
CA SER A 46 0.51 -16.73 -3.49
C SER A 46 -0.76 -17.09 -2.72
N LYS A 47 -1.05 -16.34 -1.66
CA LYS A 47 -2.24 -16.58 -0.85
C LYS A 47 -3.41 -15.73 -1.33
N TYR A 48 -3.12 -14.73 -2.15
CA TYR A 48 -4.15 -13.85 -2.67
C TYR A 48 -4.63 -14.33 -4.03
N ARG A 49 -4.46 -15.62 -4.30
CA ARG A 49 -4.88 -16.21 -5.56
C ARG A 49 -6.37 -16.00 -5.80
N LYS A 50 -6.73 -14.80 -6.24
CA LYS A 50 -8.13 -14.48 -6.50
C LYS A 50 -8.24 -13.19 -7.31
N ASN A 51 -9.48 -12.76 -7.55
CA ASN A 51 -9.72 -11.54 -8.31
C ASN A 51 -10.00 -10.36 -7.39
N ILE A 52 -8.94 -9.72 -6.91
CA ILE A 52 -9.05 -8.58 -6.02
C ILE A 52 -9.38 -7.31 -6.80
N TRP A 53 -10.31 -6.52 -6.27
CA TRP A 53 -10.70 -5.26 -6.91
C TRP A 53 -9.63 -4.20 -6.72
N ILE A 54 -8.66 -4.17 -7.63
CA ILE A 54 -7.58 -3.19 -7.55
C ILE A 54 -7.87 -2.00 -8.44
N LYS A 55 -7.54 -0.81 -7.96
CA LYS A 55 -7.75 0.43 -8.70
C LYS A 55 -6.55 1.36 -8.58
N ARG A 56 -6.66 2.53 -9.19
CA ARG A 56 -5.59 3.52 -9.14
C ARG A 56 -5.64 4.32 -7.85
N GLY A 57 -4.48 4.66 -7.30
CA GLY A 57 -4.41 5.42 -6.07
C GLY A 57 -4.34 4.53 -4.85
N ASP A 58 -5.13 3.46 -4.85
CA ASP A 58 -5.15 2.54 -3.73
C ASP A 58 -3.73 2.24 -3.23
N PHE A 59 -3.49 2.57 -1.96
CA PHE A 59 -2.18 2.36 -1.36
C PHE A 59 -2.09 0.95 -0.75
N LEU A 60 -1.02 0.24 -1.09
CA LEU A 60 -0.81 -1.11 -0.57
C LEU A 60 0.60 -1.27 -0.01
N ILE A 61 0.83 -2.39 0.67
CA ILE A 61 2.14 -2.66 1.26
C ILE A 61 2.86 -3.78 0.52
N VAL A 62 3.96 -3.45 -0.13
CA VAL A 62 4.74 -4.43 -0.87
C VAL A 62 6.06 -4.72 -0.18
N ASP A 63 6.57 -5.94 -0.38
CA ASP A 63 7.83 -6.36 0.23
C ASP A 63 8.87 -6.70 -0.84
N PRO A 64 10.09 -6.18 -0.67
CA PRO A 64 11.19 -6.42 -1.61
C PRO A 64 11.69 -7.86 -1.57
N ILE A 65 12.15 -8.36 -2.71
CA ILE A 65 12.66 -9.72 -2.78
C ILE A 65 14.12 -9.74 -3.23
N GLU A 66 14.84 -10.79 -2.86
CA GLU A 66 16.24 -10.94 -3.22
C GLU A 66 16.39 -11.22 -4.71
N GLU A 67 17.63 -11.19 -5.18
CA GLU A 67 17.91 -11.45 -6.59
C GLU A 67 16.99 -12.53 -7.14
N GLY A 68 16.08 -12.12 -8.03
CA GLY A 68 15.14 -13.07 -8.62
C GLY A 68 14.54 -12.56 -9.91
N GLU A 69 13.22 -12.69 -10.03
CA GLU A 69 12.52 -12.24 -11.22
C GLU A 69 12.70 -10.74 -11.43
N LYS A 70 12.02 -10.19 -12.43
CA LYS A 70 12.10 -8.77 -12.74
C LYS A 70 11.17 -7.97 -11.83
N VAL A 71 10.77 -8.58 -10.72
CA VAL A 71 9.87 -7.91 -9.77
C VAL A 71 10.66 -7.35 -8.58
N LYS A 72 10.29 -6.14 -8.17
CA LYS A 72 10.96 -5.48 -7.05
C LYS A 72 10.39 -5.98 -5.72
N ALA A 73 9.06 -5.99 -5.62
CA ALA A 73 8.39 -6.45 -4.41
C ALA A 73 7.02 -7.04 -4.72
N GLU A 74 6.36 -7.57 -3.71
CA GLU A 74 5.05 -8.18 -3.88
C GLU A 74 4.07 -7.64 -2.84
N ILE A 75 2.84 -7.38 -3.27
CA ILE A 75 1.80 -6.86 -2.39
C ILE A 75 1.76 -7.64 -1.07
N SER A 76 1.22 -7.02 -0.04
CA SER A 76 1.13 -7.66 1.28
C SER A 76 -0.29 -7.55 1.83
N PHE A 77 -0.91 -6.40 1.64
CA PHE A 77 -2.26 -6.17 2.12
C PHE A 77 -2.89 -4.96 1.43
N VAL A 78 -4.21 -4.82 1.58
CA VAL A 78 -4.93 -3.70 0.97
C VAL A 78 -5.36 -2.70 2.02
N LEU A 79 -4.71 -1.53 2.02
CA LEU A 79 -5.02 -0.49 2.98
C LEU A 79 -6.33 0.21 2.61
N CYS A 80 -7.19 0.40 3.61
CA CYS A 80 -8.48 1.06 3.39
C CYS A 80 -8.45 2.49 3.91
N LYS A 81 -9.49 3.25 3.58
CA LYS A 81 -9.59 4.64 4.02
C LYS A 81 -9.20 4.78 5.48
N ASP A 82 -9.69 3.87 6.32
CA ASP A 82 -9.40 3.90 7.74
C ASP A 82 -7.91 3.61 7.98
N HIS A 83 -7.47 2.42 7.58
CA HIS A 83 -6.08 2.02 7.76
C HIS A 83 -5.14 3.20 7.51
N VAL A 84 -5.22 3.76 6.31
CA VAL A 84 -4.37 4.90 5.95
C VAL A 84 -4.16 5.83 7.14
N ARG A 85 -5.27 6.26 7.74
CA ARG A 85 -5.21 7.16 8.89
C ARG A 85 -4.32 6.57 9.99
N SER A 86 -4.68 5.38 10.46
CA SER A 86 -3.93 4.72 11.51
C SER A 86 -2.43 4.90 11.30
N LEU A 87 -1.94 4.41 10.17
CA LEU A 87 -0.52 4.51 9.84
C LEU A 87 -0.03 5.95 9.95
N GLN A 88 -0.86 6.89 9.48
CA GLN A 88 -0.52 8.30 9.53
C GLN A 88 -0.38 8.78 10.97
N LYS A 89 -1.32 8.37 11.82
CA LYS A 89 -1.30 8.76 13.23
C LYS A 89 -0.13 8.12 13.95
N GLU A 90 0.19 6.87 13.58
CA GLU A 90 1.29 6.15 14.20
C GLU A 90 2.63 6.78 13.83
N GLY A 91 2.68 7.41 12.66
CA GLY A 91 3.90 8.05 12.21
C GLY A 91 4.70 7.18 11.26
N PHE A 92 3.99 6.47 10.38
CA PHE A 92 4.63 5.59 9.41
C PHE A 92 4.31 6.03 7.99
N TRP A 93 3.03 6.28 7.72
CA TRP A 93 2.60 6.71 6.39
C TRP A 93 3.63 7.64 5.75
N PRO A 94 3.86 7.46 4.44
CA PRO A 94 4.81 8.28 3.69
C PRO A 94 4.33 9.71 3.51
N GLU A 95 5.28 10.64 3.46
CA GLU A 95 4.93 12.05 3.29
C GLU A 95 4.43 12.33 1.87
N ALA A 96 5.13 11.78 0.88
CA ALA A 96 4.74 11.96 -0.51
C ALA A 96 3.26 11.68 -0.72
N PHE A 97 2.71 10.81 0.13
CA PHE A 97 1.28 10.47 0.03
C PHE A 97 0.49 11.14 1.15
N SER A 98 1.15 11.40 2.27
CA SER A 98 0.51 12.04 3.42
C SER A 98 -0.27 13.27 2.97
N GLU A 99 0.17 13.90 1.89
CA GLU A 99 -0.49 15.09 1.38
C GLU A 99 -1.56 14.72 0.34
N VAL A 100 -2.06 13.48 0.45
CA VAL A 100 -3.07 13.00 -0.47
C VAL A 100 -4.38 12.70 0.26
N ALA A 101 -4.26 12.11 1.45
CA ALA A 101 -5.44 11.77 2.24
C ALA A 101 -5.76 12.89 3.23
N GLU A 102 -5.66 14.13 2.77
CA GLU A 102 -5.95 15.29 3.61
C GLU A 102 -7.02 16.17 2.98
N LYS A 103 -8.19 16.19 3.58
CA LYS A 103 -9.30 17.00 3.08
C LYS A 103 -9.37 16.94 1.56
N HIS A 104 -8.98 15.81 0.98
CA HIS A 104 -9.00 15.63 -0.46
C HIS A 104 -10.34 15.07 -0.93
N ASN A 105 -11.24 15.96 -1.31
CA ASN A 105 -12.56 15.56 -1.78
C ASN A 105 -12.74 15.87 -3.26
N SER A 106 -12.74 14.83 -4.09
CA SER A 106 -12.90 14.99 -5.53
C SER A 106 -13.70 13.83 -6.12
N GLY A 107 -14.34 14.09 -7.26
CA GLY A 107 -15.13 13.06 -7.91
C GLY A 107 -16.23 13.64 -8.79
N PRO A 108 -17.25 12.83 -9.07
CA PRO A 108 -18.38 13.25 -9.90
C PRO A 108 -19.26 14.29 -9.22
N SER A 109 -18.86 14.70 -8.01
CA SER A 109 -19.61 15.69 -7.26
C SER A 109 -21.00 15.18 -6.92
N SER A 110 -21.06 13.93 -6.46
CA SER A 110 -22.34 13.31 -6.10
C SER A 110 -22.97 14.02 -4.90
N GLY A 111 -22.27 14.00 -3.78
CA GLY A 111 -22.77 14.66 -2.58
C GLY A 111 -22.31 13.96 -1.31
N GLY A 1 -15.71 -6.39 30.18
CA GLY A 1 -14.65 -7.19 29.60
C GLY A 1 -13.29 -6.84 30.17
N SER A 2 -13.03 -7.29 31.39
CA SER A 2 -11.76 -7.01 32.06
C SER A 2 -10.61 -7.06 31.06
N SER A 3 -10.54 -8.14 30.29
CA SER A 3 -9.49 -8.32 29.29
C SER A 3 -9.87 -7.66 27.97
N GLY A 4 -9.11 -6.66 27.56
CA GLY A 4 -9.40 -5.97 26.32
C GLY A 4 -8.42 -6.34 25.22
N SER A 5 -8.93 -6.95 24.16
CA SER A 5 -8.10 -7.36 23.03
C SER A 5 -8.07 -6.28 21.95
N SER A 6 -7.15 -5.32 22.11
CA SER A 6 -7.03 -4.23 21.15
C SER A 6 -5.66 -3.55 21.29
N GLY A 7 -5.01 -3.31 20.16
CA GLY A 7 -3.71 -2.67 20.17
C GLY A 7 -3.02 -2.74 18.83
N GLU A 8 -1.79 -3.27 18.82
CA GLU A 8 -1.01 -3.39 17.59
C GLU A 8 -1.90 -3.81 16.43
N HIS A 9 -1.56 -3.34 15.23
CA HIS A 9 -2.33 -3.66 14.04
C HIS A 9 -1.42 -3.77 12.82
N ILE A 10 -1.92 -4.39 11.76
CA ILE A 10 -1.16 -4.56 10.53
C ILE A 10 -0.27 -3.34 10.27
N VAL A 11 1.04 -3.54 10.40
CA VAL A 11 1.99 -2.46 10.17
C VAL A 11 3.10 -2.90 9.23
N PRO A 12 3.38 -2.07 8.21
CA PRO A 12 4.43 -2.36 7.21
C PRO A 12 5.73 -2.78 7.86
N SER A 13 6.18 -3.99 7.55
CA SER A 13 7.42 -4.52 8.10
C SER A 13 8.61 -3.67 7.66
N ASN A 14 9.74 -3.83 8.37
CA ASN A 14 10.94 -3.08 8.04
C ASN A 14 11.27 -3.18 6.56
N GLN A 15 11.09 -4.38 5.99
CA GLN A 15 11.36 -4.60 4.58
C GLN A 15 10.22 -4.08 3.71
N GLN A 16 8.99 -4.26 4.19
CA GLN A 16 7.81 -3.80 3.47
C GLN A 16 7.83 -2.29 3.28
N GLN A 17 6.98 -1.80 2.38
CA GLN A 17 6.91 -0.37 2.10
C GLN A 17 5.56 -0.01 1.48
N ILE A 18 5.07 1.18 1.80
CA ILE A 18 3.79 1.65 1.27
C ILE A 18 3.97 2.35 -0.07
N VAL A 19 3.12 2.02 -1.03
CA VAL A 19 3.18 2.62 -2.35
C VAL A 19 1.78 2.92 -2.89
N ARG A 20 1.73 3.53 -4.06
CA ARG A 20 0.46 3.88 -4.68
C ARG A 20 0.34 3.27 -6.08
N VAL A 21 -0.80 2.66 -6.36
CA VAL A 21 -1.04 2.03 -7.66
C VAL A 21 -1.11 3.08 -8.76
N LEU A 22 -0.82 2.64 -9.99
CA LEU A 22 -0.86 3.54 -11.14
C LEU A 22 -1.67 2.92 -12.28
N ARG A 23 -1.30 1.70 -12.67
CA ARG A 23 -2.00 1.01 -13.75
C ARG A 23 -1.68 -0.48 -13.72
N THR A 24 -2.68 -1.29 -14.10
CA THR A 24 -2.51 -2.74 -14.11
C THR A 24 -2.72 -3.30 -15.52
N PRO A 25 -1.68 -3.97 -16.05
CA PRO A 25 -1.73 -4.57 -17.38
C PRO A 25 -2.67 -5.77 -17.45
N GLY A 26 -3.26 -6.11 -16.31
CA GLY A 26 -4.16 -7.25 -16.26
C GLY A 26 -3.55 -8.46 -15.59
N ASN A 27 -2.32 -8.78 -15.99
CA ASN A 27 -1.61 -9.93 -15.43
C ASN A 27 -1.55 -9.84 -13.91
N ASN A 28 -0.82 -10.77 -13.30
CA ASN A 28 -0.68 -10.80 -11.85
C ASN A 28 0.39 -9.81 -11.39
N LEU A 29 0.41 -8.64 -12.01
CA LEU A 29 1.38 -7.60 -11.67
C LEU A 29 0.70 -6.25 -11.52
N HIS A 30 1.39 -5.31 -10.87
CA HIS A 30 0.86 -3.98 -10.66
C HIS A 30 1.98 -2.94 -10.61
N GLU A 31 1.75 -1.80 -11.26
CA GLU A 31 2.74 -0.73 -11.29
C GLU A 31 2.44 0.33 -10.23
N VAL A 32 3.33 0.46 -9.25
CA VAL A 32 3.15 1.43 -8.18
C VAL A 32 4.38 2.33 -8.05
N GLU A 33 4.28 3.33 -7.18
CA GLU A 33 5.38 4.26 -6.97
C GLU A 33 5.60 4.50 -5.48
N THR A 34 6.85 4.80 -5.10
CA THR A 34 7.19 5.06 -3.71
C THR A 34 7.13 6.54 -3.40
N ALA A 35 7.44 6.89 -2.15
CA ALA A 35 7.42 8.28 -1.72
C ALA A 35 8.57 9.06 -2.34
N GLN A 36 9.63 8.35 -2.72
CA GLN A 36 10.79 8.97 -3.33
C GLN A 36 10.65 9.04 -4.85
N GLY A 37 9.40 9.01 -5.33
CA GLY A 37 9.15 9.07 -6.75
C GLY A 37 9.87 7.95 -7.51
N GLN A 38 9.52 6.71 -7.20
CA GLN A 38 10.13 5.56 -7.86
C GLN A 38 9.07 4.58 -8.33
N ARG A 39 8.84 4.56 -9.64
CA ARG A 39 7.84 3.67 -10.22
C ARG A 39 8.43 2.28 -10.46
N PHE A 40 7.60 1.25 -10.30
CA PHE A 40 8.04 -0.12 -10.50
C PHE A 40 6.85 -1.08 -10.52
N LEU A 41 7.13 -2.35 -10.78
CA LEU A 41 6.08 -3.36 -10.83
C LEU A 41 6.14 -4.27 -9.60
N VAL A 42 5.01 -4.89 -9.27
CA VAL A 42 4.94 -5.78 -8.12
C VAL A 42 4.12 -7.03 -8.45
N SER A 43 4.51 -8.15 -7.85
CA SER A 43 3.82 -9.41 -8.08
C SER A 43 2.77 -9.67 -7.00
N MET A 44 1.81 -10.53 -7.31
CA MET A 44 0.75 -10.87 -6.36
C MET A 44 1.07 -12.14 -5.61
N PRO A 45 0.94 -12.10 -4.27
CA PRO A 45 1.23 -13.25 -3.41
C PRO A 45 0.55 -14.53 -3.91
N SER A 46 1.00 -15.67 -3.40
CA SER A 46 0.45 -16.95 -3.80
C SER A 46 -0.82 -17.27 -3.00
N LYS A 47 -0.96 -16.62 -1.85
CA LYS A 47 -2.11 -16.84 -1.00
C LYS A 47 -3.28 -15.95 -1.43
N TYR A 48 -2.97 -14.84 -2.08
CA TYR A 48 -3.98 -13.92 -2.56
C TYR A 48 -4.44 -14.27 -3.96
N ARG A 49 -4.53 -15.57 -4.24
CA ARG A 49 -4.96 -16.05 -5.55
C ARG A 49 -6.44 -15.75 -5.78
N LYS A 50 -6.73 -14.49 -6.07
CA LYS A 50 -8.11 -14.06 -6.32
C LYS A 50 -8.14 -12.75 -7.11
N ASN A 51 -9.34 -12.22 -7.31
CA ASN A 51 -9.50 -10.97 -8.04
C ASN A 51 -9.69 -9.79 -7.08
N ILE A 52 -8.58 -9.31 -6.53
CA ILE A 52 -8.61 -8.20 -5.60
C ILE A 52 -8.97 -6.89 -6.32
N TRP A 53 -9.76 -6.06 -5.65
CA TRP A 53 -10.19 -4.79 -6.23
C TRP A 53 -9.07 -3.75 -6.08
N ILE A 54 -8.18 -3.72 -7.06
CA ILE A 54 -7.07 -2.77 -7.05
C ILE A 54 -7.24 -1.71 -8.15
N LYS A 55 -7.49 -0.48 -7.74
CA LYS A 55 -7.67 0.62 -8.68
C LYS A 55 -6.55 1.65 -8.54
N ARG A 56 -6.61 2.71 -9.34
CA ARG A 56 -5.61 3.76 -9.30
C ARG A 56 -5.68 4.54 -7.99
N GLY A 57 -4.52 4.99 -7.52
CA GLY A 57 -4.46 5.74 -6.27
C GLY A 57 -4.43 4.84 -5.05
N ASP A 58 -5.11 3.70 -5.14
CA ASP A 58 -5.15 2.76 -4.03
C ASP A 58 -3.75 2.44 -3.52
N PHE A 59 -3.50 2.73 -2.25
CA PHE A 59 -2.20 2.49 -1.65
C PHE A 59 -2.11 1.08 -1.08
N LEU A 60 -0.98 0.43 -1.30
CA LEU A 60 -0.77 -0.93 -0.80
C LEU A 60 0.65 -1.11 -0.30
N ILE A 61 0.88 -2.18 0.47
CA ILE A 61 2.19 -2.46 1.01
C ILE A 61 2.87 -3.61 0.26
N VAL A 62 4.07 -3.36 -0.23
CA VAL A 62 4.83 -4.37 -0.97
C VAL A 62 6.14 -4.70 -0.28
N ASP A 63 6.67 -5.88 -0.55
CA ASP A 63 7.93 -6.32 0.05
C ASP A 63 8.94 -6.70 -1.02
N PRO A 64 10.18 -6.21 -0.87
CA PRO A 64 11.25 -6.48 -1.82
C PRO A 64 11.72 -7.94 -1.77
N ILE A 65 12.16 -8.45 -2.92
CA ILE A 65 12.64 -9.83 -3.00
C ILE A 65 14.10 -9.88 -3.40
N GLU A 66 14.77 -10.97 -3.02
CA GLU A 66 16.19 -11.14 -3.35
C GLU A 66 16.37 -11.53 -4.81
N GLU A 67 17.63 -11.71 -5.22
CA GLU A 67 17.94 -12.08 -6.60
C GLU A 67 16.96 -13.13 -7.11
N GLY A 68 15.95 -12.69 -7.85
CA GLY A 68 14.97 -13.60 -8.40
C GLY A 68 14.43 -13.15 -9.73
N GLU A 69 13.12 -12.95 -9.82
CA GLU A 69 12.48 -12.52 -11.05
C GLU A 69 12.75 -11.04 -11.32
N LYS A 70 12.13 -10.51 -12.36
CA LYS A 70 12.30 -9.10 -12.72
C LYS A 70 11.38 -8.21 -11.91
N VAL A 71 10.91 -8.73 -10.77
CA VAL A 71 10.03 -7.99 -9.89
C VAL A 71 10.78 -7.39 -8.71
N LYS A 72 10.43 -6.16 -8.35
CA LYS A 72 11.07 -5.47 -7.25
C LYS A 72 10.52 -5.95 -5.91
N ALA A 73 9.20 -5.94 -5.78
CA ALA A 73 8.54 -6.38 -4.56
C ALA A 73 7.19 -7.02 -4.86
N GLU A 74 6.51 -7.47 -3.80
CA GLU A 74 5.20 -8.10 -3.96
C GLU A 74 4.22 -7.59 -2.92
N ILE A 75 2.98 -7.35 -3.34
CA ILE A 75 1.94 -6.85 -2.45
C ILE A 75 1.87 -7.68 -1.17
N SER A 76 1.45 -7.05 -0.08
CA SER A 76 1.34 -7.74 1.20
C SER A 76 -0.07 -7.60 1.77
N PHE A 77 -0.62 -6.39 1.69
CA PHE A 77 -1.96 -6.13 2.19
C PHE A 77 -2.60 -4.96 1.44
N VAL A 78 -3.93 -4.87 1.53
CA VAL A 78 -4.66 -3.80 0.86
C VAL A 78 -5.14 -2.76 1.86
N LEU A 79 -4.50 -1.59 1.84
CA LEU A 79 -4.87 -0.50 2.74
C LEU A 79 -6.21 0.10 2.35
N CYS A 80 -6.86 0.75 3.32
CA CYS A 80 -8.16 1.38 3.08
C CYS A 80 -8.23 2.75 3.73
N LYS A 81 -9.34 3.44 3.53
CA LYS A 81 -9.53 4.77 4.09
C LYS A 81 -9.21 4.76 5.59
N ASP A 82 -9.67 3.74 6.29
CA ASP A 82 -9.43 3.61 7.72
C ASP A 82 -7.95 3.36 8.00
N HIS A 83 -7.46 2.21 7.54
CA HIS A 83 -6.06 1.85 7.75
C HIS A 83 -5.16 3.08 7.65
N VAL A 84 -5.20 3.75 6.51
CA VAL A 84 -4.39 4.95 6.29
C VAL A 84 -4.39 5.84 7.53
N ARG A 85 -5.54 5.96 8.16
CA ARG A 85 -5.67 6.79 9.35
C ARG A 85 -4.74 6.30 10.47
N SER A 86 -4.77 4.99 10.73
CA SER A 86 -3.94 4.40 11.76
C SER A 86 -2.47 4.71 11.51
N LEU A 87 -1.94 4.20 10.40
CA LEU A 87 -0.55 4.42 10.05
C LEU A 87 -0.16 5.88 10.24
N GLN A 88 -1.05 6.79 9.81
CA GLN A 88 -0.79 8.22 9.94
C GLN A 88 -0.59 8.61 11.41
N LYS A 89 -1.52 8.21 12.25
CA LYS A 89 -1.45 8.51 13.67
C LYS A 89 -0.21 7.87 14.30
N GLU A 90 0.03 6.62 13.98
CA GLU A 90 1.18 5.90 14.51
C GLU A 90 2.49 6.59 14.12
N GLY A 91 2.46 7.31 13.00
CA GLY A 91 3.63 8.01 12.54
C GLY A 91 4.46 7.18 11.58
N PHE A 92 3.79 6.49 10.67
CA PHE A 92 4.46 5.65 9.68
C PHE A 92 4.14 6.11 8.26
N TRP A 93 2.88 6.45 8.02
CA TRP A 93 2.45 6.90 6.71
C TRP A 93 3.45 7.87 6.11
N PRO A 94 3.71 7.73 4.80
CA PRO A 94 4.64 8.60 4.08
C PRO A 94 4.13 10.02 3.93
N GLU A 95 4.91 10.86 3.26
CA GLU A 95 4.53 12.27 3.05
C GLU A 95 4.00 12.47 1.64
N ALA A 96 4.72 11.94 0.66
CA ALA A 96 4.33 12.07 -0.74
C ALA A 96 2.88 11.64 -0.94
N PHE A 97 2.44 10.65 -0.18
CA PHE A 97 1.08 10.14 -0.27
C PHE A 97 0.23 10.67 0.88
N SER A 98 0.63 11.80 1.45
CA SER A 98 -0.09 12.39 2.57
C SER A 98 -0.90 13.59 2.10
N GLU A 99 -0.38 14.32 1.13
CA GLU A 99 -1.06 15.49 0.59
C GLU A 99 -2.03 15.10 -0.52
N VAL A 100 -2.46 13.84 -0.51
CA VAL A 100 -3.39 13.34 -1.51
C VAL A 100 -4.68 12.84 -0.87
N ALA A 101 -4.64 12.61 0.44
CA ALA A 101 -5.80 12.14 1.17
C ALA A 101 -6.34 13.21 2.11
N GLU A 102 -7.03 14.20 1.54
CA GLU A 102 -7.60 15.28 2.34
C GLU A 102 -9.08 15.48 2.02
N LYS A 103 -9.89 15.58 3.06
CA LYS A 103 -11.32 15.78 2.90
C LYS A 103 -11.84 15.01 1.68
N HIS A 104 -11.43 13.75 1.57
CA HIS A 104 -11.85 12.90 0.46
C HIS A 104 -13.18 12.21 0.77
N ASN A 105 -14.28 12.89 0.47
CA ASN A 105 -15.61 12.33 0.71
C ASN A 105 -15.99 11.33 -0.36
N SER A 106 -15.99 10.05 0.00
CA SER A 106 -16.32 8.98 -0.93
C SER A 106 -17.35 8.03 -0.32
N GLY A 107 -18.47 7.85 -1.01
CA GLY A 107 -19.51 6.96 -0.52
C GLY A 107 -20.62 7.72 0.19
N PRO A 108 -21.85 7.22 0.07
CA PRO A 108 -23.03 7.83 0.70
C PRO A 108 -23.02 7.67 2.22
N SER A 109 -22.85 8.79 2.91
CA SER A 109 -22.82 8.78 4.37
C SER A 109 -24.23 8.73 4.95
N SER A 110 -24.40 8.00 6.04
CA SER A 110 -25.70 7.87 6.70
C SER A 110 -26.21 9.22 7.18
N GLY A 111 -27.32 9.66 6.62
CA GLY A 111 -27.90 10.94 7.01
C GLY A 111 -27.95 11.92 5.85
N GLY A 1 -7.73 -14.88 17.92
CA GLY A 1 -7.11 -16.18 18.13
C GLY A 1 -5.62 -16.07 18.36
N SER A 2 -5.22 -15.89 19.62
CA SER A 2 -3.81 -15.77 19.97
C SER A 2 -3.07 -14.93 18.95
N SER A 3 -3.67 -13.81 18.56
CA SER A 3 -3.07 -12.91 17.58
C SER A 3 -1.74 -12.36 18.09
N GLY A 4 -0.71 -12.41 17.24
CA GLY A 4 0.59 -11.93 17.63
C GLY A 4 1.37 -11.35 16.45
N SER A 5 1.12 -10.08 16.16
CA SER A 5 1.80 -9.40 15.05
C SER A 5 2.40 -8.08 15.50
N SER A 6 3.47 -7.66 14.83
CA SER A 6 4.14 -6.41 15.17
C SER A 6 3.14 -5.25 15.21
N GLY A 7 2.99 -4.67 16.40
CA GLY A 7 2.06 -3.56 16.55
C GLY A 7 0.63 -4.02 16.73
N GLU A 8 -0.17 -3.20 17.40
CA GLU A 8 -1.57 -3.54 17.64
C GLU A 8 -2.28 -3.88 16.33
N HIS A 9 -2.10 -3.01 15.33
CA HIS A 9 -2.73 -3.22 14.03
C HIS A 9 -1.67 -3.44 12.95
N ILE A 10 -2.11 -3.91 11.79
CA ILE A 10 -1.19 -4.17 10.67
C ILE A 10 -0.29 -2.96 10.41
N VAL A 11 1.01 -3.15 10.58
CA VAL A 11 1.98 -2.09 10.36
C VAL A 11 3.10 -2.54 9.44
N PRO A 12 3.39 -1.73 8.41
CA PRO A 12 4.45 -2.03 7.44
C PRO A 12 5.75 -2.45 8.11
N SER A 13 6.26 -3.61 7.72
CA SER A 13 7.51 -4.14 8.28
C SER A 13 8.71 -3.40 7.71
N ASN A 14 9.89 -3.71 8.22
CA ASN A 14 11.13 -3.08 7.77
C ASN A 14 11.30 -3.26 6.27
N GLN A 15 11.09 -4.49 5.79
CA GLN A 15 11.22 -4.80 4.37
C GLN A 15 10.02 -4.26 3.59
N GLN A 16 8.83 -4.47 4.12
CA GLN A 16 7.61 -4.01 3.47
C GLN A 16 7.58 -2.48 3.38
N GLN A 17 6.95 -1.97 2.34
CA GLN A 17 6.85 -0.53 2.14
C GLN A 17 5.51 -0.15 1.52
N ILE A 18 5.06 1.06 1.80
CA ILE A 18 3.78 1.53 1.28
C ILE A 18 3.96 2.18 -0.10
N VAL A 19 3.03 1.89 -1.00
CA VAL A 19 3.07 2.43 -2.35
C VAL A 19 1.67 2.69 -2.90
N ARG A 20 1.56 3.61 -3.85
CA ARG A 20 0.28 3.94 -4.45
C ARG A 20 0.17 3.35 -5.85
N VAL A 21 -0.90 2.59 -6.09
CA VAL A 21 -1.12 1.97 -7.39
C VAL A 21 -1.31 3.02 -8.47
N LEU A 22 -0.86 2.69 -9.69
CA LEU A 22 -0.98 3.60 -10.81
C LEU A 22 -1.85 3.00 -11.92
N ARG A 23 -1.40 1.87 -12.45
CA ARG A 23 -2.14 1.19 -13.52
C ARG A 23 -1.90 -0.32 -13.46
N THR A 24 -2.70 -1.06 -14.24
CA THR A 24 -2.57 -2.51 -14.27
C THR A 24 -2.69 -3.03 -15.70
N PRO A 25 -1.64 -3.70 -16.17
CA PRO A 25 -1.60 -4.27 -17.53
C PRO A 25 -2.55 -5.45 -17.69
N GLY A 26 -3.10 -5.91 -16.57
CA GLY A 26 -4.01 -7.04 -16.61
C GLY A 26 -3.42 -8.29 -16.01
N ASN A 27 -2.16 -8.56 -16.32
CA ASN A 27 -1.47 -9.74 -15.81
C ASN A 27 -1.51 -9.76 -14.28
N ASN A 28 -0.81 -10.74 -13.70
CA ASN A 28 -0.75 -10.88 -12.25
C ASN A 28 0.28 -9.92 -11.65
N LEU A 29 0.32 -8.71 -12.18
CA LEU A 29 1.26 -7.70 -11.70
C LEU A 29 0.58 -6.34 -11.55
N HIS A 30 1.22 -5.45 -10.79
CA HIS A 30 0.67 -4.12 -10.57
C HIS A 30 1.79 -3.08 -10.49
N GLU A 31 1.61 -1.95 -11.16
CA GLU A 31 2.60 -0.88 -11.16
C GLU A 31 2.27 0.16 -10.10
N VAL A 32 3.15 0.30 -9.12
CA VAL A 32 2.95 1.26 -8.04
C VAL A 32 4.16 2.19 -7.91
N GLU A 33 4.02 3.21 -7.08
CA GLU A 33 5.10 4.18 -6.87
C GLU A 33 5.36 4.37 -5.38
N THR A 34 6.63 4.63 -5.04
CA THR A 34 7.02 4.83 -3.65
C THR A 34 7.03 6.31 -3.29
N ALA A 35 7.25 6.60 -2.01
CA ALA A 35 7.29 7.98 -1.54
C ALA A 35 8.48 8.73 -2.12
N GLN A 36 9.51 7.98 -2.49
CA GLN A 36 10.72 8.58 -3.06
C GLN A 36 10.60 8.70 -4.58
N GLY A 37 9.37 8.77 -5.06
CA GLY A 37 9.13 8.89 -6.49
C GLY A 37 9.79 7.76 -7.27
N GLN A 38 9.47 6.52 -6.92
CA GLN A 38 10.03 5.36 -7.60
C GLN A 38 8.92 4.46 -8.14
N ARG A 39 8.77 4.43 -9.45
CA ARG A 39 7.76 3.61 -10.09
C ARG A 39 8.28 2.20 -10.38
N PHE A 40 7.47 1.20 -10.08
CA PHE A 40 7.86 -0.19 -10.30
C PHE A 40 6.64 -1.09 -10.32
N LEU A 41 6.87 -2.39 -10.52
CA LEU A 41 5.79 -3.37 -10.57
C LEU A 41 5.85 -4.31 -9.38
N VAL A 42 4.72 -4.92 -9.05
CA VAL A 42 4.64 -5.85 -7.93
C VAL A 42 3.96 -7.15 -8.33
N SER A 43 4.37 -8.25 -7.69
CA SER A 43 3.80 -9.55 -8.00
C SER A 43 2.65 -9.87 -7.05
N MET A 44 1.80 -10.81 -7.45
CA MET A 44 0.66 -11.21 -6.64
C MET A 44 0.94 -12.52 -5.91
N PRO A 45 0.86 -12.48 -4.58
CA PRO A 45 1.10 -13.66 -3.74
C PRO A 45 0.35 -14.89 -4.23
N SER A 46 0.97 -16.06 -4.08
CA SER A 46 0.37 -17.31 -4.53
C SER A 46 -0.85 -17.65 -3.67
N LYS A 47 -0.85 -17.19 -2.43
CA LYS A 47 -1.95 -17.45 -1.50
C LYS A 47 -3.12 -16.51 -1.79
N TYR A 48 -2.84 -15.43 -2.51
CA TYR A 48 -3.87 -14.45 -2.85
C TYR A 48 -4.49 -14.77 -4.22
N ARG A 49 -4.57 -16.06 -4.54
CA ARG A 49 -5.13 -16.49 -5.81
C ARG A 49 -6.60 -16.10 -5.92
N LYS A 50 -6.85 -14.84 -6.26
CA LYS A 50 -8.20 -14.33 -6.40
C LYS A 50 -8.20 -12.90 -6.91
N ASN A 51 -9.07 -12.62 -7.88
CA ASN A 51 -9.18 -11.28 -8.47
C ASN A 51 -9.47 -10.24 -7.39
N ILE A 52 -8.42 -9.68 -6.82
CA ILE A 52 -8.56 -8.67 -5.77
C ILE A 52 -8.89 -7.30 -6.37
N TRP A 53 -9.61 -6.49 -5.62
CA TRP A 53 -9.99 -5.15 -6.07
C TRP A 53 -8.82 -4.18 -5.94
N ILE A 54 -8.07 -4.01 -7.03
CA ILE A 54 -6.93 -3.11 -7.03
C ILE A 54 -7.06 -2.06 -8.12
N LYS A 55 -7.37 -0.83 -7.71
CA LYS A 55 -7.53 0.27 -8.66
C LYS A 55 -6.39 1.27 -8.53
N ARG A 56 -6.43 2.32 -9.33
CA ARG A 56 -5.39 3.35 -9.31
C ARG A 56 -5.60 4.30 -8.13
N GLY A 57 -4.50 4.80 -7.58
CA GLY A 57 -4.58 5.72 -6.45
C GLY A 57 -4.65 4.99 -5.12
N ASP A 58 -5.00 3.72 -5.16
CA ASP A 58 -5.10 2.91 -3.95
C ASP A 58 -3.71 2.55 -3.42
N PHE A 59 -3.51 2.76 -2.12
CA PHE A 59 -2.23 2.46 -1.49
C PHE A 59 -2.18 1.01 -1.02
N LEU A 60 -0.99 0.41 -1.08
CA LEU A 60 -0.81 -0.98 -0.65
C LEU A 60 0.59 -1.19 -0.09
N ILE A 61 0.77 -2.30 0.62
CA ILE A 61 2.06 -2.63 1.22
C ILE A 61 2.73 -3.78 0.48
N VAL A 62 3.81 -3.47 -0.22
CA VAL A 62 4.56 -4.47 -0.97
C VAL A 62 5.73 -5.00 -0.17
N ASP A 63 6.23 -6.18 -0.55
CA ASP A 63 7.36 -6.79 0.14
C ASP A 63 8.52 -7.03 -0.82
N PRO A 64 9.65 -6.35 -0.57
CA PRO A 64 10.84 -6.46 -1.41
C PRO A 64 11.51 -7.83 -1.27
N ILE A 65 11.96 -8.38 -2.40
CA ILE A 65 12.63 -9.67 -2.40
C ILE A 65 14.07 -9.56 -2.90
N GLU A 66 14.85 -10.60 -2.65
CA GLU A 66 16.25 -10.61 -3.07
C GLU A 66 16.36 -10.75 -4.58
N GLU A 67 17.60 -10.84 -5.07
CA GLU A 67 17.84 -10.97 -6.51
C GLU A 67 17.05 -12.15 -7.08
N GLY A 68 16.01 -11.83 -7.84
CA GLY A 68 15.19 -12.87 -8.44
C GLY A 68 14.57 -12.43 -9.76
N GLU A 69 13.25 -12.49 -9.84
CA GLU A 69 12.54 -12.10 -11.05
C GLU A 69 12.69 -10.60 -11.31
N LYS A 70 11.99 -10.11 -12.33
CA LYS A 70 12.04 -8.70 -12.68
C LYS A 70 11.16 -7.87 -11.76
N VAL A 71 10.73 -8.47 -10.66
CA VAL A 71 9.88 -7.78 -9.68
C VAL A 71 10.70 -7.30 -8.49
N LYS A 72 10.34 -6.11 -8.00
CA LYS A 72 11.05 -5.52 -6.87
C LYS A 72 10.44 -6.00 -5.54
N ALA A 73 9.11 -6.09 -5.51
CA ALA A 73 8.40 -6.54 -4.32
C ALA A 73 7.07 -7.19 -4.68
N GLU A 74 6.38 -7.71 -3.67
CA GLU A 74 5.10 -8.37 -3.88
C GLU A 74 4.04 -7.82 -2.92
N ILE A 75 2.82 -7.66 -3.43
CA ILE A 75 1.72 -7.15 -2.63
C ILE A 75 1.56 -7.95 -1.34
N SER A 76 1.38 -7.25 -0.23
CA SER A 76 1.20 -7.90 1.07
C SER A 76 -0.25 -7.79 1.54
N PHE A 77 -0.78 -6.58 1.51
CA PHE A 77 -2.16 -6.35 1.94
C PHE A 77 -2.75 -5.14 1.23
N VAL A 78 -4.06 -4.95 1.39
CA VAL A 78 -4.74 -3.82 0.76
C VAL A 78 -5.16 -2.78 1.81
N LEU A 79 -4.48 -1.65 1.81
CA LEU A 79 -4.79 -0.58 2.75
C LEU A 79 -6.16 0.02 2.46
N CYS A 80 -6.87 0.38 3.53
CA CYS A 80 -8.20 0.97 3.40
C CYS A 80 -8.19 2.44 3.80
N LYS A 81 -9.30 3.13 3.56
CA LYS A 81 -9.42 4.55 3.89
C LYS A 81 -9.01 4.79 5.33
N ASP A 82 -9.51 3.97 6.25
CA ASP A 82 -9.19 4.10 7.66
C ASP A 82 -7.71 3.79 7.92
N HIS A 83 -7.25 2.66 7.39
CA HIS A 83 -5.86 2.25 7.55
C HIS A 83 -4.92 3.42 7.33
N VAL A 84 -5.05 4.06 6.17
CA VAL A 84 -4.21 5.20 5.82
C VAL A 84 -4.21 6.25 6.94
N ARG A 85 -5.30 6.29 7.70
CA ARG A 85 -5.43 7.24 8.80
C ARG A 85 -4.59 6.80 10.00
N SER A 86 -4.68 5.52 10.33
CA SER A 86 -3.93 4.97 11.46
C SER A 86 -2.43 5.19 11.28
N LEU A 87 -1.85 4.55 10.27
CA LEU A 87 -0.43 4.67 9.99
C LEU A 87 0.04 6.09 10.24
N GLN A 88 -0.69 7.07 9.73
CA GLN A 88 -0.35 8.47 9.90
C GLN A 88 -0.06 8.78 11.36
N LYS A 89 -1.02 8.49 12.23
CA LYS A 89 -0.87 8.74 13.66
C LYS A 89 0.47 8.19 14.17
N GLU A 90 0.66 6.89 14.01
CA GLU A 90 1.90 6.24 14.45
C GLU A 90 3.11 6.87 13.76
N GLY A 91 2.88 7.51 12.63
CA GLY A 91 3.95 8.14 11.89
C GLY A 91 4.61 7.19 10.90
N PHE A 92 3.82 6.30 10.33
CA PHE A 92 4.34 5.33 9.37
C PHE A 92 3.97 5.73 7.94
N TRP A 93 3.04 6.67 7.81
CA TRP A 93 2.60 7.14 6.50
C TRP A 93 3.62 8.09 5.90
N PRO A 94 3.90 7.93 4.60
CA PRO A 94 4.85 8.76 3.87
C PRO A 94 4.35 10.19 3.69
N GLU A 95 5.27 11.11 3.44
CA GLU A 95 4.92 12.51 3.25
C GLU A 95 4.36 12.73 1.85
N ALA A 96 5.02 12.15 0.84
CA ALA A 96 4.59 12.28 -0.53
C ALA A 96 3.09 11.97 -0.68
N PHE A 97 2.60 11.08 0.16
CA PHE A 97 1.18 10.70 0.13
C PHE A 97 0.41 11.39 1.25
N SER A 98 1.14 11.93 2.21
CA SER A 98 0.51 12.63 3.34
C SER A 98 -0.31 13.82 2.85
N GLU A 99 0.07 14.36 1.70
CA GLU A 99 -0.63 15.51 1.13
C GLU A 99 -1.76 15.05 0.20
N VAL A 100 -2.18 13.80 0.38
CA VAL A 100 -3.25 13.24 -0.44
C VAL A 100 -4.51 12.99 0.38
N ALA A 101 -4.32 12.48 1.59
CA ALA A 101 -5.44 12.19 2.48
C ALA A 101 -6.16 13.48 2.89
N GLU A 102 -5.43 14.37 3.55
CA GLU A 102 -5.99 15.64 3.99
C GLU A 102 -6.78 16.30 2.87
N LYS A 103 -7.75 17.12 3.24
CA LYS A 103 -8.58 17.82 2.27
C LYS A 103 -8.91 16.92 1.08
N HIS A 104 -9.35 15.70 1.37
CA HIS A 104 -9.70 14.75 0.33
C HIS A 104 -11.06 14.11 0.61
N ASN A 105 -11.22 13.56 1.80
CA ASN A 105 -12.46 12.92 2.20
C ASN A 105 -13.29 13.83 3.10
N SER A 106 -14.47 14.21 2.64
CA SER A 106 -15.35 15.08 3.41
C SER A 106 -16.20 14.27 4.38
N GLY A 107 -16.63 14.91 5.47
CA GLY A 107 -17.45 14.24 6.46
C GLY A 107 -18.06 15.20 7.45
N PRO A 108 -18.80 14.65 8.44
CA PRO A 108 -19.46 15.45 9.48
C PRO A 108 -18.46 16.08 10.44
N SER A 109 -17.18 15.83 10.20
CA SER A 109 -16.11 16.37 11.05
C SER A 109 -16.48 17.76 11.54
N SER A 110 -16.33 17.99 12.84
CA SER A 110 -16.64 19.28 13.43
C SER A 110 -15.37 19.97 13.94
N GLY A 111 -15.55 21.11 14.59
CA GLY A 111 -14.41 21.85 15.12
C GLY A 111 -13.60 21.04 16.11
#